data_5D7N
#
_entry.id   5D7N
#
_cell.length_a   84.990
_cell.length_b   143.850
_cell.length_c   89.460
_cell.angle_alpha   90.00
_cell.angle_beta   116.33
_cell.angle_gamma   90.00
#
_symmetry.space_group_name_H-M   'P 1 21 1'
#
loop_
_entity.id
_entity.type
_entity.pdbx_description
1 polymer 'NAD-dependent protein deacetylase sirtuin-3, mitochondrial'
2 non-polymer 'ZINC ION'
3 non-polymer DI(HYDROXYETHYL)ETHER
4 non-polymer 'MAGNESIUM ION'
5 non-polymer 'PENTAETHYLENE GLYCOL'
6 non-polymer GLYCEROL
7 non-polymer 'TRIETHYLENE GLYCOL'
8 non-polymer 'TETRAETHYLENE GLYCOL'
9 water water
#
_entity_poly.entity_id   1
_entity_poly.type   'polypeptide(L)'
_entity_poly.pdbx_seq_one_letter_code
;GHMSDKGKLSLQDVAELIRARACQRVVVMVGAGISTPSGIPDFRSPGSGLYSNLQQYDLPYPEAIFELPFFFHNPKPFFT
LAKELYPGNYKPNVTHYFLRLLHDKGLLLRLYTQNIDGLERVSGIPASKLVEAHGTFASATCTVCQRPFPGEDIRADVMA
DRVPRCPVCTGVVKPDIVFFGEPLPQRFLLHVVDFPMADLLLILGTSLEVEPFASLTEAVRSSVPRLLINRDLVGPLAWH
PRSRDVAQLGDVVHGVESLVELLGWTEEMRDLVQRETGKLD
;
_entity_poly.pdbx_strand_id   A,B,C,D,E,F
#
loop_
_chem_comp.id
_chem_comp.type
_chem_comp.name
_chem_comp.formula
1PE non-polymer 'PENTAETHYLENE GLYCOL' 'C10 H22 O6'
GOL non-polymer GLYCEROL 'C3 H8 O3'
MG non-polymer 'MAGNESIUM ION' 'Mg 2'
PEG non-polymer DI(HYDROXYETHYL)ETHER 'C4 H10 O3'
PG4 non-polymer 'TETRAETHYLENE GLYCOL' 'C8 H18 O5'
PGE non-polymer 'TRIETHYLENE GLYCOL' 'C6 H14 O4'
ZN non-polymer 'ZINC ION' 'Zn 2'
#
# COMPACT_ATOMS: atom_id res chain seq x y z
N GLY A 7 33.38 -24.06 12.21
CA GLY A 7 34.47 -23.20 12.77
C GLY A 7 34.15 -22.69 14.14
N LYS A 8 35.18 -22.38 14.93
CA LYS A 8 34.97 -21.84 16.26
C LYS A 8 34.08 -20.57 16.21
N LEU A 9 34.19 -19.78 15.14
CA LEU A 9 33.31 -18.62 14.97
C LEU A 9 32.39 -18.74 13.76
N SER A 10 31.16 -18.26 13.92
CA SER A 10 30.19 -18.18 12.85
C SER A 10 30.10 -16.75 12.37
N LEU A 11 29.41 -16.58 11.26
CA LEU A 11 29.06 -15.25 10.78
C LEU A 11 28.31 -14.46 11.85
N GLN A 12 27.38 -15.10 12.52
CA GLN A 12 26.60 -14.41 13.55
C GLN A 12 27.48 -13.95 14.70
N ASP A 13 28.44 -14.78 15.12
CA ASP A 13 29.42 -14.36 16.15
C ASP A 13 30.12 -13.06 15.75
N VAL A 14 30.50 -12.95 14.49
CA VAL A 14 31.21 -11.75 14.03
C VAL A 14 30.27 -10.54 14.10
N ALA A 15 29.04 -10.73 13.64
CA ALA A 15 28.02 -9.69 13.73
C ALA A 15 27.80 -9.24 15.16
N GLU A 16 27.79 -10.19 16.09
CA GLU A 16 27.54 -9.86 17.47
C GLU A 16 28.70 -9.08 18.07
N LEU A 17 29.93 -9.36 17.62
CA LEU A 17 31.08 -8.59 18.06
C LEU A 17 30.94 -7.14 17.61
N ILE A 18 30.48 -6.98 16.37
CA ILE A 18 30.26 -5.65 15.82
C ILE A 18 29.13 -4.96 16.55
N ARG A 19 28.01 -5.65 16.78
CA ARG A 19 26.91 -5.05 17.53
C ARG A 19 27.29 -4.63 18.96
N ALA A 20 28.19 -5.39 19.58
CA ALA A 20 28.65 -5.09 20.95
C ALA A 20 29.70 -3.98 20.98
N ARG A 21 30.03 -3.43 19.79
CA ARG A 21 31.05 -2.41 19.64
C ARG A 21 32.44 -2.86 20.04
N ALA A 22 32.69 -4.16 19.88
CA ALA A 22 33.97 -4.77 20.15
C ALA A 22 34.91 -4.67 18.93
N CYS A 23 34.37 -4.21 17.80
CA CYS A 23 35.15 -4.05 16.57
C CYS A 23 35.06 -2.62 16.07
N GLN A 24 35.89 -1.76 16.65
CA GLN A 24 35.87 -0.34 16.33
C GLN A 24 36.82 0.01 15.19
N ARG A 25 37.67 -0.94 14.80
CA ARG A 25 38.76 -0.69 13.85
C ARG A 25 38.78 -1.82 12.82
N VAL A 26 37.81 -1.77 11.91
CA VAL A 26 37.68 -2.76 10.87
C VAL A 26 38.55 -2.39 9.66
N VAL A 27 39.36 -3.34 9.22
CA VAL A 27 40.14 -3.15 7.99
C VAL A 27 39.49 -4.04 6.95
N VAL A 28 39.34 -3.51 5.73
CA VAL A 28 38.64 -4.23 4.67
C VAL A 28 39.58 -4.34 3.47
N MET A 29 39.55 -5.51 2.83
CA MET A 29 40.28 -5.79 1.60
C MET A 29 39.29 -6.22 0.55
N VAL A 30 39.28 -5.55 -0.59
CA VAL A 30 38.35 -5.88 -1.65
C VAL A 30 39.02 -5.97 -3.00
N GLY A 31 38.42 -6.80 -3.84
CA GLY A 31 38.82 -6.96 -5.24
C GLY A 31 37.67 -6.91 -6.25
N ALA A 32 37.94 -7.48 -7.41
CA ALA A 32 37.08 -7.33 -8.58
C ALA A 32 35.69 -7.87 -8.36
N GLY A 33 35.59 -8.91 -7.53
CA GLY A 33 34.35 -9.54 -7.16
C GLY A 33 33.28 -8.63 -6.61
N ILE A 34 33.66 -7.52 -5.97
CA ILE A 34 32.67 -6.61 -5.42
C ILE A 34 32.05 -5.71 -6.47
N SER A 35 32.69 -5.60 -7.63
CA SER A 35 32.23 -4.65 -8.64
C SER A 35 31.57 -5.29 -9.86
N THR A 36 31.69 -6.60 -10.00
CA THR A 36 30.95 -7.35 -11.02
C THR A 36 29.45 -6.99 -11.05
N PRO A 37 28.81 -6.84 -9.89
CA PRO A 37 27.38 -6.48 -9.90
C PRO A 37 27.09 -5.10 -10.46
N SER A 38 28.12 -4.25 -10.58
CA SER A 38 27.98 -2.93 -11.15
C SER A 38 28.17 -2.95 -12.66
N GLY A 39 28.52 -4.11 -13.22
CA GLY A 39 28.73 -4.23 -14.64
C GLY A 39 30.11 -3.75 -15.09
N ILE A 40 31.04 -3.58 -14.17
CA ILE A 40 32.40 -3.17 -14.56
C ILE A 40 32.96 -4.23 -15.51
N PRO A 41 33.38 -3.80 -16.72
CA PRO A 41 33.93 -4.77 -17.66
C PRO A 41 35.40 -5.06 -17.37
N ASP A 42 35.78 -6.33 -17.56
CA ASP A 42 37.15 -6.75 -17.45
C ASP A 42 37.80 -6.61 -18.83
N PHE A 43 38.78 -5.72 -18.92
CA PHE A 43 39.51 -5.48 -20.18
C PHE A 43 40.24 -6.73 -20.72
N ARG A 44 40.50 -7.70 -19.82
CA ARG A 44 41.17 -8.95 -20.19
C ARG A 44 40.23 -10.03 -20.70
N SER A 45 38.92 -9.82 -20.52
CA SER A 45 37.95 -10.87 -20.78
C SER A 45 37.41 -10.83 -22.22
N PRO A 46 37.66 -11.89 -22.99
CA PRO A 46 37.15 -11.90 -24.37
C PRO A 46 35.66 -11.67 -24.38
N GLY A 47 35.18 -10.88 -25.34
CA GLY A 47 33.74 -10.65 -25.47
C GLY A 47 33.16 -9.59 -24.56
N SER A 48 34.00 -8.68 -24.06
CA SER A 48 33.51 -7.42 -23.50
C SER A 48 33.72 -6.37 -24.58
N GLY A 49 32.98 -5.28 -24.48
CA GLY A 49 33.12 -4.17 -25.41
C GLY A 49 34.52 -3.60 -25.31
N LEU A 50 35.02 -3.52 -24.09
CA LEU A 50 36.34 -2.98 -23.82
C LEU A 50 37.43 -3.83 -24.51
N TYR A 51 37.36 -5.15 -24.32
CA TYR A 51 38.28 -6.08 -24.98
C TYR A 51 38.25 -5.94 -26.51
N SER A 52 37.05 -6.00 -27.09
CA SER A 52 36.92 -5.88 -28.53
CA SER A 52 36.86 -5.84 -28.55
C SER A 52 37.42 -4.52 -29.04
N ASN A 53 37.15 -3.47 -28.27
CA ASN A 53 37.63 -2.12 -28.54
C ASN A 53 39.16 -2.06 -28.56
N LEU A 54 39.80 -2.74 -27.63
CA LEU A 54 41.27 -2.77 -27.56
C LEU A 54 41.95 -3.55 -28.71
N GLN A 55 41.21 -4.40 -29.41
CA GLN A 55 41.79 -5.20 -30.49
C GLN A 55 42.03 -4.42 -31.81
N GLN A 56 41.80 -3.11 -31.82
CA GLN A 56 42.09 -2.31 -33.01
C GLN A 56 43.47 -1.73 -32.88
N TYR A 57 44.10 -1.93 -31.73
CA TYR A 57 45.45 -1.45 -31.54
C TYR A 57 46.43 -2.60 -31.58
N ASP A 58 47.60 -2.26 -32.11
CA ASP A 58 48.73 -3.13 -32.29
C ASP A 58 49.30 -3.57 -30.95
N LEU A 59 48.51 -4.28 -30.14
CA LEU A 59 48.97 -4.75 -28.84
C LEU A 59 49.28 -6.24 -28.90
N PRO A 60 50.33 -6.67 -28.19
CA PRO A 60 50.64 -8.10 -28.14
C PRO A 60 49.65 -8.90 -27.31
N TYR A 61 49.00 -8.23 -26.35
CA TYR A 61 48.02 -8.83 -25.46
C TYR A 61 47.36 -7.67 -24.68
N PRO A 62 46.16 -7.87 -24.13
CA PRO A 62 45.48 -6.70 -23.56
C PRO A 62 46.23 -6.00 -22.42
N GLU A 63 47.03 -6.75 -21.67
CA GLU A 63 47.77 -6.20 -20.54
C GLU A 63 48.84 -5.17 -20.92
N ALA A 64 49.21 -5.13 -22.20
CA ALA A 64 50.18 -4.15 -22.66
C ALA A 64 49.73 -2.72 -22.41
N ILE A 65 48.43 -2.50 -22.18
CA ILE A 65 47.98 -1.13 -21.92
C ILE A 65 48.47 -0.62 -20.56
N PHE A 66 48.92 -1.53 -19.69
CA PHE A 66 49.53 -1.16 -18.41
C PHE A 66 51.05 -1.26 -18.44
N GLU A 67 51.64 -1.25 -19.63
CA GLU A 67 53.09 -1.29 -19.77
C GLU A 67 53.60 0.05 -20.26
N LEU A 68 54.58 0.61 -19.57
CA LEU A 68 55.07 1.96 -19.88
C LEU A 68 55.68 2.09 -21.28
N PRO A 69 56.51 1.11 -21.68
CA PRO A 69 57.08 1.23 -23.05
C PRO A 69 56.00 1.28 -24.13
N PHE A 70 54.88 0.60 -23.92
CA PHE A 70 53.76 0.72 -24.86
C PHE A 70 53.03 2.05 -24.78
N PHE A 71 52.85 2.54 -23.56
CA PHE A 71 52.20 3.83 -23.35
C PHE A 71 52.91 4.97 -24.10
N PHE A 72 54.23 4.99 -24.02
CA PHE A 72 55.00 6.06 -24.64
C PHE A 72 55.23 5.86 -26.13
N HIS A 73 54.87 4.69 -26.64
CA HIS A 73 54.77 4.45 -28.08
C HIS A 73 53.43 4.96 -28.57
N ASN A 74 52.38 4.59 -27.85
CA ASN A 74 51.03 5.04 -28.17
C ASN A 74 50.15 4.95 -26.91
N PRO A 75 49.77 6.10 -26.34
CA PRO A 75 48.92 6.07 -25.14
C PRO A 75 47.43 5.87 -25.40
N LYS A 76 47.00 5.89 -26.66
CA LYS A 76 45.57 5.82 -26.96
C LYS A 76 44.85 4.57 -26.40
N PRO A 77 45.49 3.38 -26.47
CA PRO A 77 44.79 2.21 -25.92
C PRO A 77 44.48 2.35 -24.41
N PHE A 78 45.46 2.76 -23.63
CA PHE A 78 45.23 3.03 -22.23
C PHE A 78 44.08 4.01 -22.04
N PHE A 79 44.08 5.11 -22.80
CA PHE A 79 43.02 6.13 -22.64
C PHE A 79 41.63 5.65 -23.03
N THR A 80 41.54 4.59 -23.84
CA THR A 80 40.28 3.92 -24.10
C THR A 80 39.69 3.28 -22.79
N LEU A 81 40.55 2.60 -22.06
CA LEU A 81 40.15 2.08 -20.75
C LEU A 81 39.82 3.21 -19.77
N ALA A 82 40.66 4.26 -19.73
CA ALA A 82 40.41 5.43 -18.87
C ALA A 82 39.04 6.00 -19.14
N LYS A 83 38.69 6.15 -20.42
CA LYS A 83 37.39 6.71 -20.80
C LYS A 83 36.21 5.84 -20.30
N GLU A 84 36.37 4.53 -20.40
CA GLU A 84 35.30 3.62 -20.01
C GLU A 84 35.10 3.62 -18.50
N LEU A 85 36.20 3.65 -17.75
CA LEU A 85 36.17 3.51 -16.29
C LEU A 85 36.21 4.82 -15.52
N TYR A 86 36.29 5.95 -16.24
CA TYR A 86 36.32 7.25 -15.60
C TYR A 86 35.02 7.47 -14.79
N PRO A 87 35.09 8.17 -13.64
CA PRO A 87 33.93 8.38 -12.77
C PRO A 87 32.69 8.90 -13.52
N GLY A 88 31.52 8.37 -13.19
CA GLY A 88 30.28 8.76 -13.84
C GLY A 88 29.64 7.66 -14.68
N ASN A 89 30.46 6.79 -15.24
CA ASN A 89 29.97 5.72 -16.09
C ASN A 89 29.26 4.62 -15.32
N TYR A 90 29.81 4.25 -14.17
CA TYR A 90 29.32 3.14 -13.37
C TYR A 90 28.94 3.60 -11.97
N LYS A 91 28.14 2.78 -11.32
CA LYS A 91 27.53 3.10 -10.05
C LYS A 91 27.86 2.06 -9.02
N PRO A 92 28.07 2.48 -7.77
CA PRO A 92 28.28 1.49 -6.71
C PRO A 92 27.07 0.56 -6.55
N ASN A 93 27.30 -0.60 -5.97
CA ASN A 93 26.26 -1.54 -5.64
C ASN A 93 26.20 -1.73 -4.13
N VAL A 94 25.29 -2.60 -3.67
CA VAL A 94 25.11 -2.82 -2.25
C VAL A 94 26.39 -3.10 -1.46
N THR A 95 27.33 -3.81 -2.06
CA THR A 95 28.59 -4.09 -1.36
C THR A 95 29.33 -2.80 -1.01
N HIS A 96 29.40 -1.88 -1.98
CA HIS A 96 30.00 -0.58 -1.73
C HIS A 96 29.26 0.17 -0.64
N TYR A 97 27.94 0.17 -0.69
CA TYR A 97 27.17 0.90 0.30
C TYR A 97 27.30 0.30 1.67
N PHE A 98 27.45 -1.02 1.76
CA PHE A 98 27.73 -1.64 3.04
C PHE A 98 29.01 -1.07 3.63
N LEU A 99 30.03 -0.88 2.80
CA LEU A 99 31.28 -0.33 3.29
C LEU A 99 31.13 1.13 3.70
N ARG A 100 30.30 1.86 2.98
CA ARG A 100 29.97 3.23 3.34
C ARG A 100 29.25 3.28 4.69
N LEU A 101 28.38 2.31 4.94
CA LEU A 101 27.72 2.22 6.24
CA LEU A 101 27.71 2.19 6.25
C LEU A 101 28.72 1.97 7.35
N LEU A 102 29.67 1.08 7.12
CA LEU A 102 30.72 0.84 8.12
C LEU A 102 31.44 2.14 8.45
N HIS A 103 31.73 2.90 7.42
CA HIS A 103 32.35 4.20 7.60
C HIS A 103 31.44 5.16 8.39
N ASP A 104 30.16 5.21 8.02
CA ASP A 104 29.24 6.14 8.69
C ASP A 104 29.13 5.78 10.16
N LYS A 105 29.18 4.50 10.47
CA LYS A 105 29.08 4.04 11.84
C LYS A 105 30.38 4.17 12.60
N GLY A 106 31.40 4.71 11.97
CA GLY A 106 32.67 4.99 12.62
C GLY A 106 33.53 3.75 12.85
N LEU A 107 33.28 2.70 12.08
CA LEU A 107 33.94 1.42 12.33
C LEU A 107 35.08 1.10 11.36
N LEU A 108 35.11 1.81 10.24
CA LEU A 108 36.10 1.60 9.21
C LEU A 108 37.43 2.26 9.50
N LEU A 109 38.45 1.45 9.70
CA LEU A 109 39.79 1.96 9.87
C LEU A 109 40.39 2.28 8.51
N ARG A 110 40.26 1.35 7.58
CA ARG A 110 40.84 1.53 6.25
C ARG A 110 40.28 0.51 5.29
N LEU A 111 40.10 0.93 4.03
CA LEU A 111 39.62 0.09 2.96
C LEU A 111 40.72 -0.06 1.90
N TYR A 112 41.27 -1.26 1.77
CA TYR A 112 42.29 -1.60 0.78
C TYR A 112 41.60 -2.20 -0.43
N THR A 113 41.70 -1.52 -1.58
CA THR A 113 41.08 -2.00 -2.81
C THR A 113 42.07 -2.27 -3.94
N GLN A 114 41.85 -3.38 -4.63
CA GLN A 114 42.59 -3.70 -5.86
C GLN A 114 41.96 -3.08 -7.13
N ASN A 115 40.76 -2.55 -6.97
CA ASN A 115 40.00 -2.06 -8.10
C ASN A 115 40.41 -0.67 -8.49
N ILE A 116 40.26 -0.37 -9.78
CA ILE A 116 40.52 0.98 -10.30
C ILE A 116 39.24 1.63 -10.77
N ASP A 117 38.11 1.03 -10.41
CA ASP A 117 36.82 1.56 -10.85
C ASP A 117 36.40 2.81 -10.09
N GLY A 118 37.10 3.12 -8.98
CA GLY A 118 36.77 4.27 -8.16
C GLY A 118 35.41 4.30 -7.46
N LEU A 119 34.71 3.17 -7.40
CA LEU A 119 33.37 3.14 -6.83
C LEU A 119 33.33 3.33 -5.31
N GLU A 120 34.43 3.04 -4.63
CA GLU A 120 34.50 3.29 -3.21
C GLU A 120 34.34 4.80 -2.96
N ARG A 121 35.09 5.61 -3.69
CA ARG A 121 34.95 7.08 -3.58
C ARG A 121 33.54 7.54 -3.94
N VAL A 122 32.97 6.96 -4.99
CA VAL A 122 31.63 7.35 -5.44
C VAL A 122 30.58 7.05 -4.37
N SER A 123 30.77 5.97 -3.62
CA SER A 123 29.84 5.62 -2.56
C SER A 123 29.97 6.52 -1.34
N GLY A 124 31.00 7.39 -1.34
CA GLY A 124 31.16 8.43 -0.33
C GLY A 124 32.17 8.10 0.74
N ILE A 125 33.02 7.10 0.51
CA ILE A 125 34.11 6.84 1.45
C ILE A 125 35.23 7.85 1.20
N PRO A 126 35.62 8.60 2.24
CA PRO A 126 36.68 9.62 2.07
C PRO A 126 38.00 9.02 1.65
N ALA A 127 38.75 9.76 0.83
CA ALA A 127 40.07 9.33 0.36
C ALA A 127 41.02 8.89 1.49
N SER A 128 40.93 9.57 2.63
CA SER A 128 41.77 9.27 3.77
C SER A 128 41.52 7.88 4.38
N LYS A 129 40.36 7.30 4.11
CA LYS A 129 40.05 5.92 4.50
C LYS A 129 40.42 4.87 3.47
N LEU A 130 40.95 5.28 2.31
CA LEU A 130 41.18 4.37 1.19
C LEU A 130 42.64 4.14 0.90
N VAL A 131 42.96 2.91 0.55
CA VAL A 131 44.24 2.62 -0.06
C VAL A 131 43.94 1.95 -1.39
N GLU A 132 44.07 2.73 -2.45
CA GLU A 132 43.83 2.23 -3.79
C GLU A 132 45.13 1.64 -4.31
N ALA A 133 45.26 0.33 -4.10
CA ALA A 133 46.51 -0.37 -4.33
C ALA A 133 46.95 -0.49 -5.79
N HIS A 134 46.03 -0.36 -6.74
CA HIS A 134 46.37 -0.31 -8.16
C HIS A 134 46.26 1.09 -8.71
N GLY A 135 46.15 2.09 -7.84
CA GLY A 135 46.02 3.43 -8.28
C GLY A 135 44.59 3.86 -8.54
N THR A 136 44.47 5.05 -9.12
CA THR A 136 43.20 5.71 -9.23
C THR A 136 43.16 6.71 -10.40
N PHE A 137 41.94 6.97 -10.88
CA PHE A 137 41.67 8.00 -11.88
C PHE A 137 41.36 9.36 -11.23
N ALA A 138 41.33 9.41 -9.91
CA ALA A 138 41.04 10.66 -9.20
C ALA A 138 42.16 11.67 -9.25
N SER A 139 43.38 11.21 -9.58
CA SER A 139 44.50 12.11 -9.78
C SER A 139 45.35 11.64 -10.94
N ALA A 140 46.18 12.55 -11.43
CA ALA A 140 47.05 12.27 -12.57
C ALA A 140 48.36 13.04 -12.40
N THR A 141 49.38 12.63 -13.14
CA THR A 141 50.73 13.19 -13.03
C THR A 141 51.33 13.36 -14.43
N CYS A 142 51.93 14.52 -14.67
CA CYS A 142 52.60 14.78 -15.93
C CYS A 142 53.79 13.86 -16.04
N THR A 143 53.86 13.15 -17.15
CA THR A 143 54.90 12.15 -17.39
C THR A 143 56.27 12.81 -17.59
N VAL A 144 56.29 14.11 -17.88
CA VAL A 144 57.54 14.82 -18.16
C VAL A 144 57.98 15.61 -16.94
N CYS A 145 57.17 16.55 -16.46
CA CYS A 145 57.60 17.41 -15.35
C CYS A 145 57.15 16.94 -13.97
N GLN A 146 56.35 15.87 -13.91
CA GLN A 146 55.92 15.28 -12.65
C GLN A 146 54.95 16.14 -11.83
N ARG A 147 54.35 17.16 -12.45
CA ARG A 147 53.31 17.94 -11.77
C ARG A 147 52.06 17.06 -11.54
N PRO A 148 51.50 17.09 -10.32
CA PRO A 148 50.25 16.40 -10.01
C PRO A 148 49.03 17.22 -10.41
N PHE A 149 47.95 16.56 -10.82
CA PHE A 149 46.69 17.23 -11.14
C PHE A 149 45.51 16.39 -10.65
N PRO A 150 44.41 17.05 -10.33
CA PRO A 150 43.19 16.28 -10.06
C PRO A 150 42.68 15.66 -11.35
N GLY A 151 42.04 14.49 -11.25
CA GLY A 151 41.58 13.76 -12.42
C GLY A 151 40.53 14.51 -13.23
N GLU A 152 39.79 15.36 -12.54
CA GLU A 152 38.83 16.25 -13.17
C GLU A 152 39.49 17.17 -14.20
N ASP A 153 40.75 17.55 -13.99
CA ASP A 153 41.44 18.47 -14.92
C ASP A 153 41.67 17.87 -16.31
N ILE A 154 41.65 16.54 -16.43
CA ILE A 154 41.81 15.93 -17.74
C ILE A 154 40.55 15.24 -18.24
N ARG A 155 39.46 15.37 -17.49
CA ARG A 155 38.21 14.70 -17.82
C ARG A 155 37.74 14.97 -19.25
N ALA A 156 37.70 16.24 -19.65
CA ALA A 156 37.18 16.59 -20.97
C ALA A 156 37.99 15.94 -22.09
N ASP A 157 39.31 16.00 -21.99
CA ASP A 157 40.18 15.38 -22.98
C ASP A 157 39.88 13.89 -23.06
N VAL A 158 39.83 13.25 -21.90
CA VAL A 158 39.56 11.81 -21.87
C VAL A 158 38.26 11.47 -22.57
N MET A 159 37.19 12.18 -22.25
CA MET A 159 35.88 11.91 -22.87
C MET A 159 35.82 12.26 -24.37
N ALA A 160 36.75 13.10 -24.85
CA ALA A 160 36.81 13.47 -26.27
C ALA A 160 37.88 12.74 -27.06
N ASP A 161 38.44 11.66 -26.50
CA ASP A 161 39.54 10.94 -27.15
C ASP A 161 40.74 11.82 -27.49
N ARG A 162 41.02 12.84 -26.68
CA ARG A 162 42.23 13.62 -26.85
C ARG A 162 43.22 13.21 -25.76
N VAL A 163 44.46 12.94 -26.15
CA VAL A 163 45.51 12.64 -25.18
C VAL A 163 45.77 13.90 -24.35
N PRO A 164 45.53 13.84 -23.03
CA PRO A 164 45.69 15.05 -22.20
C PRO A 164 47.13 15.45 -22.04
N ARG A 165 47.39 16.76 -22.19
CA ARG A 165 48.75 17.29 -22.13
C ARG A 165 48.92 18.33 -21.05
N CYS A 166 50.13 18.40 -20.48
CA CYS A 166 50.40 19.25 -19.33
C CYS A 166 50.35 20.73 -19.70
N PRO A 167 49.68 21.55 -18.89
CA PRO A 167 49.62 22.98 -19.23
C PRO A 167 50.94 23.72 -19.08
N VAL A 168 51.93 23.12 -18.41
CA VAL A 168 53.23 23.73 -18.21
C VAL A 168 54.20 23.28 -19.29
N CYS A 169 54.42 21.98 -19.44
CA CYS A 169 55.46 21.47 -20.35
C CYS A 169 54.91 20.78 -21.60
N THR A 170 53.59 20.61 -21.67
CA THR A 170 52.86 19.89 -22.75
C THR A 170 53.06 18.35 -22.79
N GLY A 171 53.72 17.78 -21.80
CA GLY A 171 53.90 16.33 -21.73
C GLY A 171 52.57 15.61 -21.50
N VAL A 172 52.52 14.32 -21.78
CA VAL A 172 51.28 13.56 -21.56
C VAL A 172 50.99 13.51 -20.06
N VAL A 173 49.76 13.79 -19.68
CA VAL A 173 49.31 13.69 -18.29
C VAL A 173 48.66 12.32 -18.10
N LYS A 174 49.27 11.49 -17.27
CA LYS A 174 48.81 10.11 -17.08
C LYS A 174 48.10 9.93 -15.75
N PRO A 175 46.88 9.36 -15.77
CA PRO A 175 46.21 8.98 -14.53
C PRO A 175 47.12 8.19 -13.59
N ASP A 176 46.90 8.34 -12.29
CA ASP A 176 47.74 7.71 -11.29
C ASP A 176 47.38 6.25 -11.12
N ILE A 177 47.34 5.54 -12.23
CA ILE A 177 47.08 4.12 -12.26
C ILE A 177 48.46 3.44 -12.29
N VAL A 178 48.64 2.42 -11.47
CA VAL A 178 49.91 1.69 -11.38
C VAL A 178 50.16 0.81 -12.61
N PHE A 179 51.30 1.01 -13.25
CA PHE A 179 51.67 0.22 -14.42
C PHE A 179 52.67 -0.88 -14.01
N PHE A 180 52.88 -1.86 -14.88
CA PHE A 180 53.79 -2.99 -14.57
C PHE A 180 55.17 -2.47 -14.25
N GLY A 181 55.79 -3.03 -13.22
CA GLY A 181 57.14 -2.61 -12.83
C GLY A 181 57.19 -1.40 -11.92
N GLU A 182 56.09 -0.65 -11.80
CA GLU A 182 56.10 0.56 -10.99
C GLU A 182 55.90 0.21 -9.53
N PRO A 183 56.38 1.08 -8.65
CA PRO A 183 56.13 0.84 -7.25
C PRO A 183 54.66 0.92 -6.92
N LEU A 184 54.27 0.23 -5.87
CA LEU A 184 52.95 0.42 -5.32
C LEU A 184 52.78 1.86 -4.83
N PRO A 185 51.54 2.35 -4.78
CA PRO A 185 51.32 3.70 -4.33
C PRO A 185 51.81 3.87 -2.88
N GLN A 186 52.24 5.09 -2.56
CA GLN A 186 52.82 5.39 -1.24
C GLN A 186 51.92 4.91 -0.08
N ARG A 187 50.62 5.12 -0.25
CA ARG A 187 49.66 4.79 0.81
C ARG A 187 49.51 3.28 1.09
N PHE A 188 50.04 2.44 0.22
CA PHE A 188 50.09 1.01 0.53
C PHE A 188 50.78 0.72 1.88
N LEU A 189 51.82 1.49 2.20
CA LEU A 189 52.57 1.29 3.45
C LEU A 189 51.83 1.69 4.72
N LEU A 190 50.62 2.23 4.58
CA LEU A 190 49.72 2.33 5.73
C LEU A 190 49.39 0.95 6.30
N HIS A 191 49.63 -0.13 5.56
CA HIS A 191 49.38 -1.48 6.10
C HIS A 191 50.18 -1.71 7.38
N VAL A 192 51.33 -1.09 7.46
CA VAL A 192 52.25 -1.27 8.59
C VAL A 192 51.58 -0.86 9.89
N VAL A 193 50.74 0.17 9.85
CA VAL A 193 50.02 0.63 11.04
C VAL A 193 48.60 0.09 11.16
N ASP A 194 47.94 -0.13 10.03
CA ASP A 194 46.53 -0.54 10.05
C ASP A 194 46.35 -1.98 10.48
N PHE A 195 47.18 -2.87 9.95
CA PHE A 195 46.92 -4.28 10.16
C PHE A 195 47.19 -4.71 11.61
N PRO A 196 48.30 -4.25 12.23
CA PRO A 196 48.47 -4.56 13.65
C PRO A 196 47.36 -3.98 14.55
N MET A 197 46.69 -2.91 14.10
CA MET A 197 45.69 -2.18 14.87
C MET A 197 44.27 -2.77 14.67
N ALA A 198 44.05 -3.49 13.58
CA ALA A 198 42.72 -3.94 13.23
C ALA A 198 42.16 -4.87 14.30
N ASP A 199 40.89 -4.68 14.65
CA ASP A 199 40.20 -5.68 15.49
C ASP A 199 39.23 -6.59 14.71
N LEU A 200 39.10 -6.37 13.40
CA LEU A 200 38.44 -7.29 12.48
C LEU A 200 39.01 -7.07 11.10
N LEU A 201 39.19 -8.16 10.34
CA LEU A 201 39.53 -8.07 8.92
C LEU A 201 38.40 -8.64 8.08
N LEU A 202 37.92 -7.81 7.16
CA LEU A 202 36.93 -8.19 6.16
CA LEU A 202 36.95 -8.25 6.14
C LEU A 202 37.56 -8.31 4.74
N ILE A 203 37.39 -9.49 4.13
CA ILE A 203 37.86 -9.74 2.79
CA ILE A 203 37.85 -9.71 2.78
C ILE A 203 36.66 -10.03 1.88
N LEU A 204 36.48 -9.19 0.86
CA LEU A 204 35.33 -9.32 -0.03
C LEU A 204 35.75 -9.38 -1.48
N GLY A 205 35.30 -10.41 -2.18
CA GLY A 205 35.38 -10.44 -3.63
C GLY A 205 36.77 -10.32 -4.19
N THR A 206 37.69 -11.13 -3.73
CA THR A 206 39.03 -11.17 -4.31
C THR A 206 39.53 -12.59 -4.32
N SER A 207 40.27 -12.95 -5.37
CA SER A 207 40.84 -14.29 -5.46
C SER A 207 42.18 -14.43 -4.72
N LEU A 208 42.68 -13.33 -4.16
CA LEU A 208 43.91 -13.33 -3.37
C LEU A 208 45.07 -14.07 -4.06
N GLU A 209 45.22 -13.81 -5.36
CA GLU A 209 46.24 -14.43 -6.20
C GLU A 209 47.49 -13.57 -6.33
N VAL A 210 47.37 -12.28 -6.07
CA VAL A 210 48.46 -11.34 -6.35
C VAL A 210 49.09 -10.78 -5.07
N GLU A 211 50.42 -10.91 -4.98
CA GLU A 211 51.21 -10.28 -3.93
C GLU A 211 51.64 -8.87 -4.33
N PRO A 212 51.92 -8.02 -3.33
CA PRO A 212 51.85 -8.25 -1.89
C PRO A 212 50.45 -8.07 -1.28
N PHE A 213 49.45 -7.72 -2.08
CA PHE A 213 48.09 -7.50 -1.55
C PHE A 213 47.58 -8.73 -0.82
N ALA A 214 47.74 -9.90 -1.44
CA ALA A 214 47.18 -11.15 -0.88
C ALA A 214 47.64 -11.42 0.52
N SER A 215 48.94 -11.29 0.77
CA SER A 215 49.50 -11.65 2.07
C SER A 215 49.27 -10.65 3.18
N LEU A 216 48.64 -9.52 2.87
CA LEU A 216 48.16 -8.65 3.96
C LEU A 216 47.19 -9.39 4.88
N THR A 217 46.52 -10.41 4.37
CA THR A 217 45.60 -11.17 5.20
C THR A 217 46.31 -11.76 6.42
N GLU A 218 47.62 -11.99 6.30
CA GLU A 218 48.39 -12.58 7.39
C GLU A 218 48.86 -11.59 8.43
N ALA A 219 48.70 -10.29 8.15
CA ALA A 219 49.27 -9.24 9.00
C ALA A 219 48.45 -8.86 10.23
N VAL A 220 47.19 -9.27 10.29
CA VAL A 220 46.41 -9.08 11.52
C VAL A 220 46.81 -10.11 12.58
N ARG A 221 46.57 -9.72 13.83
CA ARG A 221 46.83 -10.55 15.01
C ARG A 221 45.91 -11.78 15.04
N SER A 222 46.37 -12.86 15.69
CA SER A 222 45.57 -14.10 15.73
C SER A 222 44.35 -14.04 16.63
N SER A 223 44.27 -13.04 17.52
CA SER A 223 43.06 -12.81 18.30
C SER A 223 41.92 -12.21 17.44
N VAL A 224 42.24 -11.82 16.21
CA VAL A 224 41.35 -11.05 15.36
C VAL A 224 40.66 -11.94 14.33
N PRO A 225 39.33 -11.89 14.27
CA PRO A 225 38.66 -12.65 13.20
C PRO A 225 38.95 -12.15 11.80
N ARG A 226 39.03 -13.09 10.85
CA ARG A 226 39.10 -12.77 9.42
C ARG A 226 37.86 -13.34 8.75
N LEU A 227 37.04 -12.44 8.22
CA LEU A 227 35.80 -12.83 7.56
C LEU A 227 35.93 -12.66 6.06
N LEU A 228 35.78 -13.79 5.37
CA LEU A 228 35.83 -13.83 3.93
C LEU A 228 34.42 -13.98 3.36
N ILE A 229 34.03 -13.06 2.48
CA ILE A 229 32.79 -13.16 1.69
C ILE A 229 33.21 -13.17 0.24
N ASN A 230 33.00 -14.33 -0.40
CA ASN A 230 33.65 -14.62 -1.65
C ASN A 230 33.07 -15.88 -2.23
N ARG A 231 33.21 -16.10 -3.53
CA ARG A 231 32.73 -17.37 -4.06
C ARG A 231 33.46 -18.58 -3.42
N ASP A 232 34.75 -18.44 -3.18
CA ASP A 232 35.56 -19.58 -2.75
C ASP A 232 36.61 -19.19 -1.72
N LEU A 233 37.11 -20.20 -1.01
CA LEU A 233 38.19 -20.01 -0.04
C LEU A 233 39.50 -20.00 -0.81
N VAL A 234 40.26 -18.93 -0.66
CA VAL A 234 41.37 -18.64 -1.55
C VAL A 234 42.59 -18.14 -0.81
N GLY A 235 43.73 -18.25 -1.50
CA GLY A 235 44.97 -17.59 -1.06
C GLY A 235 45.43 -18.01 0.31
N PRO A 236 46.07 -17.08 1.06
CA PRO A 236 46.58 -17.36 2.40
C PRO A 236 45.52 -17.82 3.39
N LEU A 237 44.26 -17.46 3.15
CA LEU A 237 43.20 -17.92 4.04
C LEU A 237 42.96 -19.39 3.86
N ALA A 238 43.10 -19.87 2.62
CA ALA A 238 42.99 -21.30 2.36
C ALA A 238 44.25 -22.01 2.83
N TRP A 239 45.41 -21.41 2.57
CA TRP A 239 46.69 -22.06 2.78
C TRP A 239 47.11 -22.06 4.23
N HIS A 240 46.89 -20.94 4.94
CA HIS A 240 47.23 -20.81 6.35
C HIS A 240 46.00 -20.38 7.13
N PRO A 241 45.05 -21.29 7.33
CA PRO A 241 43.83 -20.95 8.05
C PRO A 241 44.11 -20.72 9.51
N ARG A 242 43.29 -19.90 10.16
CA ARG A 242 43.44 -19.59 11.58
C ARG A 242 42.13 -19.88 12.29
N SER A 243 42.20 -20.06 13.60
CA SER A 243 41.03 -20.50 14.35
C SER A 243 39.84 -19.53 14.29
N ARG A 244 40.09 -18.23 14.17
CA ARG A 244 38.98 -17.27 14.18
C ARG A 244 38.61 -16.81 12.76
N ASP A 245 38.93 -17.64 11.77
CA ASP A 245 38.52 -17.37 10.39
C ASP A 245 37.08 -17.81 10.16
N VAL A 246 36.34 -16.98 9.44
CA VAL A 246 34.97 -17.26 9.06
C VAL A 246 34.83 -17.05 7.54
N ALA A 247 34.30 -18.05 6.84
CA ALA A 247 34.04 -17.93 5.40
C ALA A 247 32.55 -17.98 5.13
N GLN A 248 32.04 -16.97 4.44
CA GLN A 248 30.69 -16.97 3.94
C GLN A 248 30.80 -17.12 2.45
N LEU A 249 30.71 -18.36 1.96
CA LEU A 249 31.03 -18.65 0.57
C LEU A 249 29.80 -18.68 -0.33
N GLY A 250 29.95 -18.05 -1.48
CA GLY A 250 28.90 -17.94 -2.44
C GLY A 250 28.90 -16.55 -3.01
N ASP A 251 27.76 -16.17 -3.56
CA ASP A 251 27.59 -14.90 -4.22
C ASP A 251 27.85 -13.78 -3.22
N VAL A 252 28.69 -12.83 -3.60
CA VAL A 252 29.15 -11.81 -2.69
C VAL A 252 28.01 -10.94 -2.19
N VAL A 253 27.16 -10.51 -3.11
CA VAL A 253 26.01 -9.70 -2.70
C VAL A 253 25.13 -10.45 -1.68
N HIS A 254 24.87 -11.73 -1.90
CA HIS A 254 24.07 -12.52 -0.96
C HIS A 254 24.76 -12.61 0.38
N GLY A 255 26.08 -12.78 0.37
CA GLY A 255 26.85 -12.84 1.61
C GLY A 255 26.80 -11.55 2.41
N VAL A 256 26.95 -10.42 1.71
CA VAL A 256 26.87 -9.12 2.33
C VAL A 256 25.48 -8.88 2.91
N GLU A 257 24.44 -9.22 2.14
CA GLU A 257 23.07 -9.08 2.63
C GLU A 257 22.80 -9.95 3.86
N SER A 258 23.37 -11.15 3.89
CA SER A 258 23.28 -11.97 5.11
C SER A 258 23.92 -11.30 6.30
N LEU A 259 25.08 -10.67 6.09
CA LEU A 259 25.78 -10.03 7.18
C LEU A 259 24.99 -8.82 7.65
N VAL A 260 24.46 -8.05 6.71
CA VAL A 260 23.61 -6.89 7.04
C VAL A 260 22.44 -7.32 7.91
N GLU A 261 21.82 -8.45 7.59
CA GLU A 261 20.70 -8.95 8.40
C GLU A 261 21.16 -9.32 9.81
N LEU A 262 22.27 -10.03 9.93
CA LEU A 262 22.80 -10.42 11.24
C LEU A 262 23.27 -9.21 12.08
N LEU A 263 23.67 -8.13 11.40
CA LEU A 263 24.01 -6.89 12.09
C LEU A 263 22.78 -6.10 12.54
N GLY A 264 21.65 -6.35 11.90
CA GLY A 264 20.45 -5.58 12.16
C GLY A 264 20.50 -4.23 11.48
N TRP A 265 21.13 -4.17 10.31
CA TRP A 265 21.30 -2.88 9.61
C TRP A 265 20.43 -2.75 8.37
N THR A 266 19.33 -3.51 8.27
CA THR A 266 18.48 -3.50 7.08
CA THR A 266 18.56 -3.47 7.02
C THR A 266 17.88 -2.12 6.74
N GLU A 267 17.38 -1.43 7.74
CA GLU A 267 16.77 -0.11 7.52
C GLU A 267 17.82 0.93 7.10
N GLU A 268 18.95 0.93 7.79
CA GLU A 268 20.04 1.86 7.47
C GLU A 268 20.59 1.65 6.08
N MET A 269 20.71 0.41 5.66
CA MET A 269 21.12 0.11 4.29
C MET A 269 20.07 0.63 3.31
N ARG A 270 18.83 0.26 3.55
CA ARG A 270 17.72 0.80 2.73
C ARG A 270 17.79 2.32 2.60
N ASP A 271 17.91 3.03 3.71
CA ASP A 271 17.90 4.49 3.66
C ASP A 271 19.13 5.08 2.97
N LEU A 272 20.31 4.55 3.28
CA LEU A 272 21.54 4.97 2.63
C LEU A 272 21.41 4.84 1.12
N VAL A 273 21.02 3.65 0.67
CA VAL A 273 20.98 3.35 -0.74
C VAL A 273 20.01 4.32 -1.43
N GLN A 274 18.90 4.61 -0.75
CA GLN A 274 17.93 5.51 -1.30
C GLN A 274 18.43 6.94 -1.37
N ARG A 275 19.14 7.40 -0.34
CA ARG A 275 19.78 8.73 -0.39
C ARG A 275 20.76 8.84 -1.55
N GLU A 276 21.59 7.82 -1.72
CA GLU A 276 22.62 7.83 -2.76
C GLU A 276 22.10 7.58 -4.17
N THR A 277 20.87 7.08 -4.33
CA THR A 277 20.32 6.72 -5.65
C THR A 277 18.99 7.41 -5.94
N LYS B 8 -6.31 41.08 20.46
CA LYS B 8 -6.78 39.67 20.33
C LYS B 8 -6.73 39.17 18.89
N LEU B 9 -5.83 38.22 18.63
CA LEU B 9 -5.61 37.73 17.27
C LEU B 9 -6.78 36.92 16.76
N SER B 10 -6.91 36.91 15.44
CA SER B 10 -7.91 36.10 14.75
C SER B 10 -7.21 35.12 13.82
N LEU B 11 -8.00 34.20 13.24
CA LEU B 11 -7.49 33.27 12.27
C LEU B 11 -6.83 34.02 11.10
N GLN B 12 -7.48 35.11 10.67
CA GLN B 12 -6.97 35.89 9.56
CA GLN B 12 -6.97 35.91 9.56
C GLN B 12 -5.60 36.47 9.90
N ASP B 13 -5.43 36.91 11.15
CA ASP B 13 -4.15 37.50 11.56
C ASP B 13 -3.01 36.49 11.49
N VAL B 14 -3.30 35.26 11.88
CA VAL B 14 -2.29 34.21 11.88
C VAL B 14 -1.90 33.86 10.45
N ALA B 15 -2.90 33.75 9.57
CA ALA B 15 -2.62 33.56 8.13
C ALA B 15 -1.71 34.66 7.60
N GLU B 16 -1.98 35.91 7.97
CA GLU B 16 -1.15 37.03 7.51
C GLU B 16 0.29 36.91 8.00
N LEU B 17 0.46 36.48 9.25
CA LEU B 17 1.80 36.27 9.79
C LEU B 17 2.57 35.25 8.99
N ILE B 18 1.90 34.18 8.58
CA ILE B 18 2.52 33.10 7.81
C ILE B 18 2.86 33.60 6.41
N ARG B 19 1.90 34.24 5.77
CA ARG B 19 2.13 34.81 4.43
C ARG B 19 3.33 35.78 4.42
N ALA B 20 3.46 36.57 5.48
CA ALA B 20 4.58 37.53 5.60
C ALA B 20 5.89 36.88 6.04
N ARG B 21 5.86 35.59 6.39
CA ARG B 21 7.00 34.88 6.97
C ARG B 21 7.49 35.53 8.27
N ALA B 22 6.57 36.21 8.95
CA ALA B 22 6.75 36.59 10.33
C ALA B 22 6.75 35.33 11.18
N CYS B 23 5.93 34.35 10.79
CA CYS B 23 5.94 33.02 11.39
C CYS B 23 6.48 32.03 10.38
N GLN B 24 7.71 31.59 10.61
CA GLN B 24 8.47 30.81 9.66
C GLN B 24 8.89 29.42 10.16
N ARG B 25 8.63 29.14 11.43
CA ARG B 25 9.12 27.93 12.10
C ARG B 25 7.97 27.42 12.94
N VAL B 26 7.08 26.70 12.27
CA VAL B 26 5.84 26.27 12.86
C VAL B 26 6.05 24.90 13.49
N VAL B 27 5.65 24.75 14.75
CA VAL B 27 5.55 23.43 15.37
C VAL B 27 4.08 23.07 15.40
N VAL B 28 3.76 21.82 15.05
CA VAL B 28 2.37 21.36 14.99
C VAL B 28 2.19 20.18 15.91
N MET B 29 1.08 20.19 16.65
CA MET B 29 0.70 19.08 17.51
C MET B 29 -0.64 18.59 17.05
N VAL B 30 -0.75 17.29 16.78
CA VAL B 30 -2.02 16.73 16.32
C VAL B 30 -2.40 15.45 17.08
N GLY B 31 -3.71 15.21 17.16
CA GLY B 31 -4.26 14.00 17.77
C GLY B 31 -5.32 13.34 16.89
N ALA B 32 -6.13 12.50 17.51
CA ALA B 32 -7.01 11.58 16.78
C ALA B 32 -8.06 12.32 15.94
N GLY B 33 -8.37 13.54 16.33
CA GLY B 33 -9.35 14.37 15.64
C GLY B 33 -8.97 14.74 14.23
N ILE B 34 -7.69 14.68 13.86
CA ILE B 34 -7.36 14.97 12.47
C ILE B 34 -7.59 13.77 11.56
N SER B 35 -7.76 12.58 12.12
CA SER B 35 -7.88 11.37 11.30
C SER B 35 -9.27 10.73 11.23
N THR B 36 -10.24 11.26 11.96
CA THR B 36 -11.62 10.81 11.80
C THR B 36 -12.15 10.88 10.36
N PRO B 37 -11.82 11.92 9.57
CA PRO B 37 -12.30 11.89 8.16
C PRO B 37 -11.68 10.80 7.30
N SER B 38 -10.53 10.29 7.72
CA SER B 38 -9.92 9.15 7.04
C SER B 38 -10.57 7.82 7.45
N GLY B 39 -11.45 7.85 8.45
CA GLY B 39 -12.15 6.66 8.92
C GLY B 39 -11.32 5.69 9.74
N ILE B 40 -10.27 6.18 10.39
CA ILE B 40 -9.44 5.34 11.25
C ILE B 40 -10.36 4.82 12.35
N PRO B 41 -10.49 3.49 12.49
CA PRO B 41 -11.38 2.94 13.51
C PRO B 41 -10.74 3.05 14.89
N ASP B 42 -11.53 3.40 15.88
CA ASP B 42 -11.07 3.50 17.26
C ASP B 42 -11.10 2.09 17.85
N PHE B 43 -9.95 1.61 18.32
CA PHE B 43 -9.86 0.25 18.84
C PHE B 43 -10.72 0.03 20.09
N ARG B 44 -11.08 1.11 20.78
CA ARG B 44 -11.71 0.98 22.08
C ARG B 44 -13.20 1.32 22.11
N SER B 45 -13.81 1.52 20.94
CA SER B 45 -15.23 1.89 20.83
CA SER B 45 -15.24 1.80 20.90
C SER B 45 -15.95 1.01 19.81
N PRO B 46 -17.24 0.68 20.06
CA PRO B 46 -17.98 -0.10 19.08
C PRO B 46 -18.14 0.61 17.74
N GLY B 47 -18.32 -0.17 16.68
CA GLY B 47 -18.62 0.40 15.36
C GLY B 47 -17.58 0.20 14.28
N SER B 48 -16.68 -0.76 14.47
CA SER B 48 -15.74 -1.13 13.43
C SER B 48 -15.50 -2.62 13.45
N GLY B 49 -15.00 -3.15 12.34
CA GLY B 49 -14.52 -4.54 12.30
C GLY B 49 -13.40 -4.78 13.29
N LEU B 50 -12.59 -3.75 13.53
CA LEU B 50 -11.49 -3.83 14.48
C LEU B 50 -12.00 -4.15 15.89
N TYR B 51 -12.95 -3.36 16.36
CA TYR B 51 -13.48 -3.56 17.70
C TYR B 51 -14.14 -4.93 17.81
N SER B 52 -14.95 -5.30 16.81
CA SER B 52 -15.64 -6.59 16.79
CA SER B 52 -15.64 -6.58 16.86
C SER B 52 -14.65 -7.74 16.82
N ASN B 53 -13.56 -7.59 16.08
CA ASN B 53 -12.53 -8.63 16.04
C ASN B 53 -11.80 -8.74 17.37
N LEU B 54 -11.44 -7.62 17.98
CA LEU B 54 -10.77 -7.65 19.28
C LEU B 54 -11.63 -8.26 20.40
N GLN B 55 -12.94 -7.99 20.34
CA GLN B 55 -13.88 -8.59 21.29
C GLN B 55 -13.84 -10.10 21.37
N GLN B 56 -13.43 -10.77 20.31
CA GLN B 56 -13.42 -12.23 20.23
CA GLN B 56 -13.42 -12.23 20.23
C GLN B 56 -12.34 -12.87 21.10
N TYR B 57 -11.32 -12.10 21.46
CA TYR B 57 -10.21 -12.61 22.29
C TYR B 57 -10.48 -12.54 23.78
N ASP B 58 -9.67 -13.23 24.57
CA ASP B 58 -9.77 -13.19 26.03
CA ASP B 58 -9.79 -13.20 26.02
C ASP B 58 -9.02 -11.99 26.56
N LEU B 59 -9.70 -10.85 26.65
CA LEU B 59 -9.09 -9.61 27.10
C LEU B 59 -10.02 -8.92 28.06
N PRO B 60 -9.49 -8.37 29.15
CA PRO B 60 -10.33 -7.69 30.12
C PRO B 60 -10.93 -6.37 29.63
N TYR B 61 -10.22 -5.70 28.72
CA TYR B 61 -10.66 -4.44 28.14
C TYR B 61 -9.81 -4.22 26.90
N PRO B 62 -10.26 -3.36 25.97
CA PRO B 62 -9.49 -3.15 24.75
C PRO B 62 -8.00 -2.72 24.95
N GLU B 63 -7.73 -1.93 25.97
CA GLU B 63 -6.37 -1.41 26.22
C GLU B 63 -5.34 -2.49 26.50
N ALA B 64 -5.80 -3.68 26.86
CA ALA B 64 -4.89 -4.79 27.11
C ALA B 64 -4.03 -5.15 25.88
N ILE B 65 -4.44 -4.75 24.69
CA ILE B 65 -3.61 -5.02 23.52
C ILE B 65 -2.32 -4.20 23.52
N PHE B 66 -2.27 -3.15 24.34
CA PHE B 66 -1.05 -2.36 24.51
C PHE B 66 -0.31 -2.66 25.81
N GLU B 67 -0.62 -3.80 26.43
CA GLU B 67 0.04 -4.21 27.67
C GLU B 67 1.00 -5.36 27.36
N LEU B 68 2.24 -5.22 27.80
CA LEU B 68 3.26 -6.24 27.52
C LEU B 68 2.98 -7.62 28.12
N PRO B 69 2.48 -7.70 29.37
CA PRO B 69 2.18 -9.04 29.89
C PRO B 69 1.16 -9.78 29.01
N PHE B 70 0.16 -9.07 28.51
CA PHE B 70 -0.81 -9.68 27.60
C PHE B 70 -0.18 -10.08 26.27
N PHE B 71 0.65 -9.19 25.73
CA PHE B 71 1.30 -9.42 24.47
C PHE B 71 2.13 -10.69 24.51
N PHE B 72 2.87 -10.92 25.59
CA PHE B 72 3.71 -12.11 25.64
C PHE B 72 2.92 -13.37 26.04
N HIS B 73 1.71 -13.20 26.50
CA HIS B 73 0.80 -14.32 26.68
C HIS B 73 0.17 -14.67 25.32
N ASN B 74 -0.28 -13.65 24.59
CA ASN B 74 -0.84 -13.83 23.25
C ASN B 74 -0.76 -12.53 22.48
N PRO B 75 0.14 -12.46 21.48
CA PRO B 75 0.29 -11.24 20.69
C PRO B 75 -0.72 -11.10 19.56
N LYS B 76 -1.58 -12.11 19.35
CA LYS B 76 -2.50 -12.02 18.21
C LYS B 76 -3.51 -10.82 18.22
N PRO B 77 -4.08 -10.48 19.39
CA PRO B 77 -4.93 -9.27 19.47
C PRO B 77 -4.20 -8.00 18.97
N PHE B 78 -2.99 -7.78 19.46
CA PHE B 78 -2.22 -6.66 18.95
C PHE B 78 -2.04 -6.71 17.45
N PHE B 79 -1.72 -7.88 16.91
CA PHE B 79 -1.47 -7.99 15.49
C PHE B 79 -2.75 -7.85 14.64
N THR B 80 -3.90 -8.09 15.27
CA THR B 80 -5.17 -7.71 14.65
C THR B 80 -5.23 -6.18 14.43
N LEU B 81 -4.84 -5.41 15.45
CA LEU B 81 -4.74 -3.95 15.29
C LEU B 81 -3.72 -3.55 14.23
N ALA B 82 -2.54 -4.18 14.28
CA ALA B 82 -1.48 -3.89 13.31
C ALA B 82 -1.95 -4.11 11.88
N LYS B 83 -2.62 -5.23 11.64
CA LYS B 83 -3.10 -5.53 10.31
C LYS B 83 -4.09 -4.48 9.83
N GLU B 84 -4.95 -4.03 10.73
CA GLU B 84 -5.97 -3.06 10.36
C GLU B 84 -5.33 -1.74 10.03
N LEU B 85 -4.36 -1.31 10.82
CA LEU B 85 -3.77 0.03 10.68
C LEU B 85 -2.49 0.11 9.87
N TYR B 86 -2.01 -1.01 9.34
CA TYR B 86 -0.79 -1.01 8.56
C TYR B 86 -0.94 -0.08 7.34
N PRO B 87 0.16 0.56 6.87
CA PRO B 87 0.06 1.47 5.74
C PRO B 87 -0.68 0.90 4.54
N GLY B 88 -1.55 1.70 3.93
CA GLY B 88 -2.26 1.31 2.72
C GLY B 88 -3.73 1.06 2.89
N ASN B 89 -4.16 0.79 4.11
CA ASN B 89 -5.57 0.55 4.42
C ASN B 89 -6.39 1.84 4.43
N TYR B 90 -5.76 2.92 4.88
CA TYR B 90 -6.42 4.20 5.02
C TYR B 90 -5.61 5.26 4.32
N LYS B 91 -6.27 6.35 3.94
CA LYS B 91 -5.59 7.43 3.22
C LYS B 91 -5.66 8.75 3.96
N PRO B 92 -4.61 9.58 3.79
CA PRO B 92 -4.59 10.90 4.42
C PRO B 92 -5.74 11.75 3.93
N ASN B 93 -6.13 12.73 4.71
CA ASN B 93 -7.16 13.67 4.32
C ASN B 93 -6.57 15.07 4.17
N VAL B 94 -7.45 16.04 3.94
CA VAL B 94 -7.06 17.43 3.70
C VAL B 94 -6.12 17.99 4.77
N THR B 95 -6.39 17.65 6.02
CA THR B 95 -5.56 18.13 7.10
C THR B 95 -4.13 17.62 6.99
N HIS B 96 -3.96 16.36 6.64
CA HIS B 96 -2.63 15.80 6.48
C HIS B 96 -1.95 16.52 5.35
N TYR B 97 -2.67 16.74 4.24
CA TYR B 97 -2.05 17.44 3.11
C TYR B 97 -1.73 18.92 3.37
N PHE B 98 -2.52 19.57 4.21
CA PHE B 98 -2.18 20.90 4.67
C PHE B 98 -0.83 20.89 5.37
N LEU B 99 -0.58 19.88 6.20
CA LEU B 99 0.68 19.80 6.90
C LEU B 99 1.83 19.51 5.94
N ARG B 100 1.57 18.68 4.93
CA ARG B 100 2.54 18.42 3.86
C ARG B 100 2.91 19.72 3.13
N LEU B 101 1.92 20.56 2.88
CA LEU B 101 2.15 21.82 2.15
C LEU B 101 3.00 22.75 3.00
N LEU B 102 2.67 22.82 4.29
CA LEU B 102 3.46 23.55 5.25
CA LEU B 102 3.47 23.54 5.28
C LEU B 102 4.93 23.13 5.15
N HIS B 103 5.16 21.83 5.08
CA HIS B 103 6.50 21.30 4.94
C HIS B 103 7.12 21.71 3.58
N ASP B 104 6.36 21.54 2.50
CA ASP B 104 6.87 21.86 1.16
C ASP B 104 7.29 23.30 1.07
N LYS B 105 6.60 24.16 1.82
CA LYS B 105 6.90 25.59 1.83
C LYS B 105 8.03 26.01 2.79
N GLY B 106 8.69 25.04 3.41
CA GLY B 106 9.80 25.35 4.32
C GLY B 106 9.36 25.97 5.64
N LEU B 107 8.10 25.74 6.03
CA LEU B 107 7.53 26.35 7.23
C LEU B 107 7.42 25.39 8.42
N LEU B 108 7.52 24.10 8.17
CA LEU B 108 7.31 23.12 9.23
C LEU B 108 8.61 22.83 9.95
N LEU B 109 8.70 23.19 11.21
CA LEU B 109 9.84 22.83 12.03
C LEU B 109 9.71 21.35 12.44
N ARG B 110 8.56 21.02 13.00
CA ARG B 110 8.34 19.64 13.42
C ARG B 110 6.84 19.41 13.64
N LEU B 111 6.45 18.16 13.42
CA LEU B 111 5.08 17.70 13.59
CA LEU B 111 5.08 17.70 13.60
C LEU B 111 5.06 16.57 14.64
N TYR B 112 4.43 16.86 15.78
CA TYR B 112 4.29 15.95 16.89
C TYR B 112 2.90 15.37 16.79
N THR B 113 2.81 14.05 16.71
CA THR B 113 1.54 13.37 16.56
C THR B 113 1.34 12.33 17.65
N GLN B 114 0.11 12.26 18.13
CA GLN B 114 -0.33 11.21 19.03
C GLN B 114 -0.82 9.99 18.27
N ASN B 115 -1.01 10.11 16.97
CA ASN B 115 -1.66 9.05 16.21
C ASN B 115 -0.69 7.96 15.82
N ILE B 116 -1.22 6.76 15.68
CA ILE B 116 -0.47 5.61 15.17
C ILE B 116 -0.93 5.17 13.77
N ASP B 117 -1.76 5.99 13.12
CA ASP B 117 -2.25 5.65 11.78
C ASP B 117 -1.21 5.81 10.68
N GLY B 118 -0.11 6.49 10.98
CA GLY B 118 0.97 6.69 10.00
C GLY B 118 0.65 7.57 8.82
N LEU B 119 -0.45 8.30 8.87
CA LEU B 119 -0.92 9.05 7.70
C LEU B 119 -0.06 10.27 7.41
N GLU B 120 0.64 10.80 8.41
CA GLU B 120 1.60 11.88 8.19
C GLU B 120 2.68 11.44 7.20
N ARG B 121 3.23 10.25 7.42
CA ARG B 121 4.22 9.71 6.47
C ARG B 121 3.65 9.44 5.09
N VAL B 122 2.44 8.89 5.03
CA VAL B 122 1.82 8.56 3.75
C VAL B 122 1.57 9.83 2.95
N SER B 123 1.26 10.92 3.64
CA SER B 123 1.03 12.20 2.98
C SER B 123 2.33 12.76 2.36
N GLY B 124 3.46 12.16 2.71
CA GLY B 124 4.75 12.56 2.17
C GLY B 124 5.61 13.41 3.09
N ILE B 125 5.25 13.60 4.35
CA ILE B 125 6.10 14.37 5.25
C ILE B 125 7.26 13.45 5.65
N PRO B 126 8.50 13.91 5.48
CA PRO B 126 9.64 13.04 5.79
C PRO B 126 9.71 12.72 7.28
N ALA B 127 10.18 11.52 7.57
CA ALA B 127 10.33 11.06 8.95
C ALA B 127 11.09 12.06 9.83
N SER B 128 12.08 12.75 9.26
CA SER B 128 12.90 13.70 10.03
C SER B 128 12.09 14.88 10.60
N LYS B 129 10.94 15.19 9.99
CA LYS B 129 10.05 16.25 10.47
C LYS B 129 9.01 15.76 11.47
N LEU B 130 8.99 14.46 11.75
CA LEU B 130 7.92 13.83 12.54
C LEU B 130 8.43 13.38 13.87
N VAL B 131 7.58 13.57 14.87
CA VAL B 131 7.75 12.92 16.16
C VAL B 131 6.45 12.18 16.42
N GLU B 132 6.53 10.86 16.25
CA GLU B 132 5.40 9.97 16.48
C GLU B 132 5.43 9.49 17.94
N ALA B 133 4.72 10.22 18.80
CA ALA B 133 4.84 10.07 20.24
C ALA B 133 4.30 8.76 20.81
N HIS B 134 3.38 8.13 20.08
CA HIS B 134 2.84 6.81 20.45
C HIS B 134 3.46 5.71 19.60
N GLY B 135 4.45 6.06 18.81
CA GLY B 135 5.18 5.07 18.04
C GLY B 135 4.65 4.94 16.64
N THR B 136 5.12 3.94 15.93
CA THR B 136 4.84 3.81 14.51
C THR B 136 4.88 2.35 14.05
N PHE B 137 4.14 2.07 13.00
CA PHE B 137 4.23 0.79 12.28
C PHE B 137 5.32 0.82 11.19
N ALA B 138 5.98 1.95 10.99
CA ALA B 138 7.00 2.08 9.95
C ALA B 138 8.28 1.31 10.25
N SER B 139 8.48 0.92 11.52
CA SER B 139 9.62 0.16 11.96
C SER B 139 9.20 -0.81 13.07
N ALA B 140 10.02 -1.83 13.29
CA ALA B 140 9.72 -2.89 14.27
C ALA B 140 11.01 -3.35 14.91
N THR B 141 10.89 -4.02 16.04
CA THR B 141 12.06 -4.44 16.82
C THR B 141 11.82 -5.86 17.30
N CYS B 142 12.80 -6.74 17.13
CA CYS B 142 12.66 -8.06 17.69
C CYS B 142 12.66 -7.99 19.22
N THR B 143 11.67 -8.66 19.81
CA THR B 143 11.45 -8.64 21.26
C THR B 143 12.52 -9.43 22.01
N VAL B 144 13.26 -10.28 21.30
CA VAL B 144 14.31 -11.10 21.90
C VAL B 144 15.70 -10.50 21.68
N CYS B 145 16.09 -10.31 20.42
CA CYS B 145 17.47 -9.89 20.15
C CYS B 145 17.65 -8.39 19.90
N GLN B 146 16.54 -7.65 19.86
CA GLN B 146 16.55 -6.19 19.72
C GLN B 146 16.96 -5.69 18.34
N ARG B 147 17.06 -6.57 17.37
CA ARG B 147 17.40 -6.11 16.03
C ARG B 147 16.22 -5.32 15.48
N PRO B 148 16.50 -4.17 14.83
CA PRO B 148 15.44 -3.38 14.23
C PRO B 148 15.20 -3.75 12.78
N PHE B 149 13.96 -3.57 12.33
CA PHE B 149 13.56 -3.91 10.98
C PHE B 149 12.64 -2.83 10.42
N PRO B 150 12.71 -2.62 9.10
CA PRO B 150 11.66 -1.83 8.43
C PRO B 150 10.31 -2.53 8.56
N GLY B 151 9.24 -1.75 8.74
CA GLY B 151 7.90 -2.31 8.87
C GLY B 151 7.47 -3.13 7.68
N GLU B 152 7.97 -2.77 6.50
CA GLU B 152 7.61 -3.49 5.28
C GLU B 152 8.15 -4.93 5.27
N ASP B 153 9.23 -5.19 6.01
CA ASP B 153 9.77 -6.53 6.16
C ASP B 153 8.88 -7.52 6.91
N ILE B 154 7.93 -7.06 7.74
CA ILE B 154 7.02 -7.97 8.41
C ILE B 154 5.60 -7.87 7.83
N ARG B 155 5.46 -7.09 6.78
CA ARG B 155 4.14 -6.81 6.25
C ARG B 155 3.40 -8.07 5.81
N ALA B 156 4.07 -8.94 5.08
CA ALA B 156 3.42 -10.14 4.53
C ALA B 156 2.86 -11.03 5.64
N ASP B 157 3.66 -11.27 6.68
CA ASP B 157 3.18 -12.03 7.81
C ASP B 157 2.00 -11.35 8.50
N VAL B 158 2.10 -10.03 8.65
CA VAL B 158 1.03 -9.30 9.31
C VAL B 158 -0.28 -9.45 8.52
N MET B 159 -0.20 -9.30 7.21
CA MET B 159 -1.41 -9.42 6.36
C MET B 159 -1.94 -10.85 6.26
N ALA B 160 -1.12 -11.83 6.61
CA ALA B 160 -1.54 -13.23 6.61
C ALA B 160 -1.92 -13.75 7.99
N ASP B 161 -2.04 -12.87 8.98
CA ASP B 161 -2.36 -13.25 10.36
C ASP B 161 -1.33 -14.21 10.94
N ARG B 162 -0.08 -14.10 10.51
CA ARG B 162 1.00 -14.84 11.13
C ARG B 162 1.76 -13.88 12.05
N VAL B 163 2.06 -14.31 13.26
CA VAL B 163 2.87 -13.49 14.15
C VAL B 163 4.26 -13.44 13.50
N PRO B 164 4.74 -12.24 13.17
CA PRO B 164 6.05 -12.18 12.49
C PRO B 164 7.20 -12.54 13.43
N ARG B 165 8.10 -13.36 12.90
CA ARG B 165 9.22 -13.86 13.66
C ARG B 165 10.54 -13.43 13.07
N CYS B 166 11.49 -13.18 13.95
CA CYS B 166 12.79 -12.67 13.55
C CYS B 166 13.56 -13.71 12.72
N PRO B 167 14.14 -13.26 11.59
CA PRO B 167 14.93 -14.18 10.77
C PRO B 167 16.22 -14.64 11.43
N VAL B 168 16.70 -13.93 12.45
CA VAL B 168 17.90 -14.38 13.18
C VAL B 168 17.54 -15.32 14.32
N CYS B 169 16.72 -14.87 15.27
CA CYS B 169 16.48 -15.66 16.49
C CYS B 169 15.10 -16.27 16.61
N THR B 170 14.19 -15.90 15.70
CA THR B 170 12.80 -16.41 15.65
C THR B 170 11.83 -15.76 16.69
N GLY B 171 12.30 -14.81 17.48
CA GLY B 171 11.41 -14.11 18.40
C GLY B 171 10.37 -13.27 17.68
N VAL B 172 9.33 -12.88 18.41
CA VAL B 172 8.32 -12.01 17.84
C VAL B 172 8.92 -10.64 17.49
N VAL B 173 8.68 -10.18 16.26
CA VAL B 173 9.12 -8.88 15.83
C VAL B 173 7.93 -7.93 16.03
N LYS B 174 8.10 -6.99 16.95
CA LYS B 174 7.02 -6.11 17.39
C LYS B 174 7.17 -4.72 16.74
N PRO B 175 6.15 -4.27 15.99
CA PRO B 175 6.10 -2.88 15.56
C PRO B 175 6.41 -1.91 16.70
N ASP B 176 7.03 -0.79 16.36
CA ASP B 176 7.54 0.17 17.34
C ASP B 176 6.44 1.09 17.87
N ILE B 177 5.35 0.46 18.28
CA ILE B 177 4.23 1.12 18.90
C ILE B 177 4.49 1.11 20.39
N VAL B 178 4.27 2.25 21.04
CA VAL B 178 4.52 2.40 22.48
C VAL B 178 3.46 1.66 23.30
N PHE B 179 3.91 0.77 24.18
CA PHE B 179 3.01 0.06 25.09
C PHE B 179 2.99 0.72 26.46
N PHE B 180 1.97 0.41 27.25
CA PHE B 180 1.89 0.92 28.62
C PHE B 180 3.16 0.59 29.40
N GLY B 181 3.67 1.59 30.11
CA GLY B 181 4.84 1.41 30.94
C GLY B 181 6.12 1.76 30.22
N GLU B 182 6.11 1.77 28.89
CA GLU B 182 7.36 1.93 28.14
C GLU B 182 7.72 3.39 28.04
N PRO B 183 9.01 3.67 27.83
CA PRO B 183 9.41 5.06 27.64
C PRO B 183 8.81 5.63 26.37
N LEU B 184 8.62 6.94 26.33
CA LEU B 184 8.31 7.60 25.08
C LEU B 184 9.44 7.36 24.07
N PRO B 185 9.13 7.44 22.78
CA PRO B 185 10.16 7.27 21.78
C PRO B 185 11.26 8.30 21.95
N GLN B 186 12.49 7.92 21.58
CA GLN B 186 13.65 8.80 21.73
C GLN B 186 13.45 10.13 21.03
N ARG B 187 12.80 10.14 19.85
CA ARG B 187 12.57 11.43 19.16
C ARG B 187 11.68 12.42 19.91
N PHE B 188 10.94 11.96 20.92
CA PHE B 188 10.15 12.88 21.74
C PHE B 188 11.04 14.00 22.31
N LEU B 189 12.29 13.64 22.61
CA LEU B 189 13.25 14.57 23.21
C LEU B 189 13.70 15.70 22.30
N LEU B 190 13.30 15.68 21.02
CA LEU B 190 13.46 16.87 20.19
C LEU B 190 12.65 18.05 20.71
N HIS B 191 11.70 17.83 21.61
CA HIS B 191 10.87 18.93 22.09
C HIS B 191 11.70 20.04 22.76
N VAL B 192 12.81 19.68 23.37
CA VAL B 192 13.58 20.64 24.18
C VAL B 192 14.19 21.72 23.28
N VAL B 193 14.45 21.38 22.03
CA VAL B 193 14.92 22.40 21.09
C VAL B 193 13.88 22.92 20.11
N ASP B 194 12.87 22.13 19.80
CA ASP B 194 11.83 22.57 18.87
C ASP B 194 10.91 23.61 19.46
N PHE B 195 10.47 23.40 20.69
CA PHE B 195 9.48 24.32 21.29
C PHE B 195 10.01 25.74 21.54
N PRO B 196 11.23 25.88 22.09
CA PRO B 196 11.85 27.22 22.20
C PRO B 196 12.09 27.92 20.86
N MET B 197 12.26 27.14 19.80
CA MET B 197 12.56 27.67 18.48
C MET B 197 11.31 28.05 17.69
N ALA B 198 10.16 27.49 18.05
CA ALA B 198 8.92 27.75 17.32
C ALA B 198 8.53 29.23 17.37
N ASP B 199 8.09 29.77 16.25
CA ASP B 199 7.47 31.09 16.26
C ASP B 199 5.95 31.02 16.04
N LEU B 200 5.43 29.81 15.90
CA LEU B 200 3.98 29.58 15.88
C LEU B 200 3.72 28.15 16.32
N LEU B 201 2.69 27.97 17.13
CA LEU B 201 2.22 26.61 17.49
C LEU B 201 0.81 26.37 16.96
N LEU B 202 0.69 25.27 16.20
CA LEU B 202 -0.58 24.80 15.67
C LEU B 202 -0.97 23.53 16.38
N ILE B 203 -2.17 23.53 16.95
CA ILE B 203 -2.72 22.38 17.66
C ILE B 203 -4.01 21.98 16.96
N LEU B 204 -4.05 20.77 16.42
CA LEU B 204 -5.19 20.31 15.64
C LEU B 204 -5.73 18.99 16.16
N GLY B 205 -7.03 18.95 16.43
CA GLY B 205 -7.72 17.70 16.67
C GLY B 205 -7.20 16.88 17.84
N THR B 206 -7.02 17.50 18.99
CA THR B 206 -6.59 16.77 20.19
C THR B 206 -7.28 17.35 21.41
N SER B 207 -7.67 16.46 22.32
CA SER B 207 -8.32 16.88 23.54
C SER B 207 -7.33 17.36 24.62
N LEU B 208 -6.02 17.21 24.37
CA LEU B 208 -4.98 17.65 25.30
C LEU B 208 -5.22 17.15 26.71
N GLU B 209 -5.60 15.89 26.83
CA GLU B 209 -5.89 15.27 28.12
C GLU B 209 -4.71 14.48 28.65
N VAL B 210 -3.83 14.02 27.77
CA VAL B 210 -2.80 13.05 28.11
C VAL B 210 -1.44 13.75 28.23
N GLU B 211 -0.71 13.42 29.29
CA GLU B 211 0.64 13.96 29.49
C GLU B 211 1.70 12.97 29.07
N PRO B 212 2.92 13.46 28.74
CA PRO B 212 3.41 14.83 28.73
C PRO B 212 3.09 15.62 27.46
N PHE B 213 2.42 14.99 26.51
CA PHE B 213 2.11 15.64 25.25
C PHE B 213 1.33 16.94 25.47
N ALA B 214 0.31 16.91 26.32
CA ALA B 214 -0.55 18.06 26.49
C ALA B 214 0.20 19.28 26.97
N SER B 215 1.13 19.07 27.89
CA SER B 215 1.90 20.18 28.44
C SER B 215 2.95 20.79 27.52
N LEU B 216 3.20 20.18 26.37
CA LEU B 216 4.07 20.83 25.40
C LEU B 216 3.49 22.16 24.91
N THR B 217 2.17 22.32 25.02
CA THR B 217 1.55 23.57 24.58
C THR B 217 2.05 24.77 25.39
N GLU B 218 2.60 24.52 26.59
CA GLU B 218 3.10 25.59 27.44
C GLU B 218 4.58 25.94 27.23
N ALA B 219 5.26 25.12 26.42
CA ALA B 219 6.70 25.20 26.26
C ALA B 219 7.11 26.18 25.18
N VAL B 220 6.18 26.69 24.38
CA VAL B 220 6.53 27.80 23.49
C VAL B 220 6.68 29.10 24.27
N ARG B 221 7.47 30.01 23.72
CA ARG B 221 7.69 31.31 24.37
C ARG B 221 6.39 32.10 24.46
N SER B 222 6.32 33.00 25.43
CA SER B 222 5.06 33.70 25.75
C SER B 222 4.53 34.60 24.62
N SER B 223 5.39 35.03 23.70
CA SER B 223 4.97 35.86 22.58
C SER B 223 4.47 35.05 21.37
N VAL B 224 4.58 33.73 21.43
CA VAL B 224 4.30 32.88 20.31
C VAL B 224 2.80 32.60 20.23
N PRO B 225 2.17 32.90 19.08
CA PRO B 225 0.76 32.54 18.95
C PRO B 225 0.55 31.02 19.03
N ARG B 226 -0.55 30.63 19.65
CA ARG B 226 -0.98 29.25 19.71
C ARG B 226 -2.34 29.18 19.07
N LEU B 227 -2.44 28.49 17.94
CA LEU B 227 -3.68 28.36 17.20
C LEU B 227 -4.22 26.97 17.39
N LEU B 228 -5.38 26.90 18.04
CA LEU B 228 -6.09 25.64 18.24
C LEU B 228 -7.21 25.51 17.22
N ILE B 229 -7.20 24.41 16.48
CA ILE B 229 -8.30 24.04 15.59
C ILE B 229 -8.83 22.71 16.10
N ASN B 230 -10.01 22.77 16.71
CA ASN B 230 -10.49 21.67 17.50
C ASN B 230 -11.97 21.85 17.78
N ARG B 231 -12.66 20.78 18.13
CA ARG B 231 -14.08 20.87 18.48
C ARG B 231 -14.28 21.82 19.64
N ASP B 232 -13.38 21.79 20.62
CA ASP B 232 -13.49 22.65 21.81
C ASP B 232 -12.18 23.14 22.42
N LEU B 233 -12.31 24.12 23.31
CA LEU B 233 -11.18 24.71 24.04
C LEU B 233 -10.83 23.81 25.22
N VAL B 234 -9.61 23.31 25.22
CA VAL B 234 -9.23 22.21 26.10
C VAL B 234 -7.86 22.42 26.71
N GLY B 235 -7.65 21.73 27.82
CA GLY B 235 -6.31 21.52 28.36
C GLY B 235 -5.68 22.80 28.84
N PRO B 236 -4.33 22.93 28.67
CA PRO B 236 -3.64 24.12 29.15
C PRO B 236 -4.13 25.38 28.45
N LEU B 237 -4.70 25.22 27.27
CA LEU B 237 -5.18 26.38 26.54
C LEU B 237 -6.45 26.95 27.16
N ALA B 238 -7.29 26.09 27.72
CA ALA B 238 -8.45 26.56 28.49
C ALA B 238 -8.01 27.07 29.86
N TRP B 239 -7.14 26.31 30.52
CA TRP B 239 -6.78 26.57 31.90
C TRP B 239 -5.94 27.84 32.05
N HIS B 240 -4.90 27.97 31.25
CA HIS B 240 -4.02 29.14 31.27
C HIS B 240 -3.93 29.79 29.90
N PRO B 241 -5.00 30.46 29.46
CA PRO B 241 -4.95 31.11 28.16
C PRO B 241 -3.86 32.17 28.12
N ARG B 242 -3.33 32.43 26.94
CA ARG B 242 -2.35 33.51 26.77
C ARG B 242 -2.92 34.51 25.76
N SER B 243 -2.33 35.69 25.71
CA SER B 243 -2.93 36.79 24.93
C SER B 243 -2.88 36.57 23.41
N ARG B 244 -1.94 35.77 22.93
CA ARG B 244 -1.86 35.50 21.49
C ARG B 244 -2.43 34.13 21.08
N ASP B 245 -3.25 33.53 21.95
CA ASP B 245 -3.98 32.32 21.59
C ASP B 245 -5.15 32.61 20.67
N VAL B 246 -5.37 31.72 19.71
CA VAL B 246 -6.52 31.78 18.80
C VAL B 246 -7.20 30.41 18.81
N ALA B 247 -8.51 30.39 19.00
CA ALA B 247 -9.27 29.17 18.97
C ALA B 247 -10.22 29.20 17.78
N GLN B 248 -10.11 28.21 16.91
CA GLN B 248 -11.00 28.08 15.76
C GLN B 248 -11.83 26.84 16.02
N LEU B 249 -12.92 27.03 16.74
CA LEU B 249 -13.66 25.92 17.31
C LEU B 249 -14.71 25.38 16.36
N GLY B 250 -14.79 24.06 16.29
CA GLY B 250 -15.74 23.36 15.45
C GLY B 250 -15.08 22.21 14.71
N ASP B 251 -15.66 21.87 13.56
CA ASP B 251 -15.16 20.83 12.68
C ASP B 251 -13.70 21.12 12.27
N VAL B 252 -12.78 20.20 12.60
CA VAL B 252 -11.36 20.40 12.27
C VAL B 252 -11.17 20.60 10.77
N VAL B 253 -11.89 19.82 9.95
CA VAL B 253 -11.74 19.90 8.51
C VAL B 253 -12.10 21.30 8.02
N HIS B 254 -13.24 21.83 8.48
CA HIS B 254 -13.65 23.19 8.11
C HIS B 254 -12.69 24.26 8.63
N GLY B 255 -12.14 24.04 9.83
CA GLY B 255 -11.15 24.97 10.38
C GLY B 255 -9.91 25.03 9.51
N VAL B 256 -9.37 23.87 9.16
CA VAL B 256 -8.20 23.81 8.33
C VAL B 256 -8.48 24.40 6.93
N GLU B 257 -9.60 24.05 6.34
CA GLU B 257 -9.96 24.58 5.02
C GLU B 257 -10.06 26.10 5.02
N SER B 258 -10.59 26.64 6.11
CA SER B 258 -10.64 28.07 6.28
C SER B 258 -9.26 28.71 6.35
N LEU B 259 -8.34 28.06 7.07
CA LEU B 259 -7.00 28.59 7.17
C LEU B 259 -6.33 28.54 5.79
N VAL B 260 -6.50 27.43 5.08
CA VAL B 260 -5.98 27.26 3.73
C VAL B 260 -6.46 28.38 2.79
N GLU B 261 -7.74 28.70 2.85
CA GLU B 261 -8.23 29.75 1.98
C GLU B 261 -7.63 31.11 2.37
N LEU B 262 -7.59 31.43 3.66
CA LEU B 262 -6.97 32.68 4.12
C LEU B 262 -5.52 32.80 3.73
N LEU B 263 -4.83 31.67 3.68
CA LEU B 263 -3.43 31.65 3.33
C LEU B 263 -3.20 31.89 1.83
N GLY B 264 -4.23 31.68 1.02
CA GLY B 264 -4.09 31.73 -0.44
C GLY B 264 -3.56 30.43 -1.03
N TRP B 265 -3.73 29.32 -0.30
CA TRP B 265 -3.15 28.03 -0.70
C TRP B 265 -4.13 27.06 -1.34
N THR B 266 -5.35 27.51 -1.60
CA THR B 266 -6.42 26.64 -2.11
C THR B 266 -5.99 25.88 -3.36
N GLU B 267 -5.39 26.58 -4.33
CA GLU B 267 -4.96 25.94 -5.58
C GLU B 267 -3.76 25.01 -5.41
N GLU B 268 -2.78 25.45 -4.65
CA GLU B 268 -1.66 24.59 -4.34
C GLU B 268 -2.14 23.32 -3.68
N MET B 269 -3.10 23.45 -2.78
CA MET B 269 -3.69 22.30 -2.11
C MET B 269 -4.36 21.38 -3.11
N ARG B 270 -5.18 21.92 -4.02
CA ARG B 270 -5.85 21.06 -5.01
C ARG B 270 -4.85 20.25 -5.82
N ASP B 271 -3.80 20.91 -6.30
CA ASP B 271 -2.76 20.27 -7.11
C ASP B 271 -2.02 19.17 -6.34
N LEU B 272 -1.61 19.49 -5.13
CA LEU B 272 -0.99 18.52 -4.23
C LEU B 272 -1.86 17.30 -4.02
N VAL B 273 -3.12 17.53 -3.64
CA VAL B 273 -4.01 16.42 -3.34
C VAL B 273 -4.22 15.54 -4.59
N GLN B 274 -4.36 16.16 -5.76
CA GLN B 274 -4.47 15.43 -7.03
C GLN B 274 -3.25 14.55 -7.29
N ARG B 275 -2.06 15.15 -7.30
CA ARG B 275 -0.81 14.40 -7.44
C ARG B 275 -0.72 13.21 -6.48
N GLU B 276 -1.04 13.46 -5.21
CA GLU B 276 -0.82 12.47 -4.17
C GLU B 276 -1.88 11.36 -4.16
N THR B 277 -3.14 11.70 -4.42
CA THR B 277 -4.19 10.68 -4.53
C THR B 277 -4.01 9.83 -5.79
N GLY B 278 -3.39 10.40 -6.82
CA GLY B 278 -3.04 9.65 -8.04
C GLY B 278 -1.97 8.57 -7.87
N LYS B 279 -1.19 8.64 -6.78
CA LYS B 279 -0.11 7.69 -6.53
C LYS B 279 -0.59 6.39 -5.87
N GLY C 7 -29.92 -9.02 24.35
CA GLY C 7 -31.02 -8.64 23.39
C GLY C 7 -32.41 -9.20 23.65
N LYS C 8 -32.49 -10.35 24.34
CA LYS C 8 -33.77 -10.92 24.74
C LYS C 8 -34.60 -9.99 25.64
N LEU C 9 -34.01 -9.48 26.72
CA LEU C 9 -34.81 -8.76 27.71
C LEU C 9 -35.00 -7.28 27.40
N SER C 10 -36.13 -6.76 27.84
CA SER C 10 -36.51 -5.34 27.70
C SER C 10 -36.54 -4.66 29.06
N LEU C 11 -36.70 -3.34 29.04
CA LEU C 11 -36.88 -2.59 30.26
C LEU C 11 -38.09 -3.10 31.00
N GLN C 12 -39.16 -3.35 30.25
CA GLN C 12 -40.41 -3.87 30.85
CA GLN C 12 -40.40 -3.88 30.78
C GLN C 12 -40.18 -5.22 31.52
N ASP C 13 -39.37 -6.08 30.92
CA ASP C 13 -39.07 -7.38 31.53
C ASP C 13 -38.40 -7.22 32.90
N VAL C 14 -37.48 -6.26 32.99
CA VAL C 14 -36.79 -6.02 34.25
C VAL C 14 -37.76 -5.48 35.29
N ALA C 15 -38.59 -4.50 34.88
CA ALA C 15 -39.66 -4.04 35.77
C ALA C 15 -40.55 -5.20 36.29
N GLU C 16 -40.91 -6.11 35.39
CA GLU C 16 -41.77 -7.24 35.72
C GLU C 16 -41.11 -8.12 36.76
N LEU C 17 -39.81 -8.37 36.60
CA LEU C 17 -39.06 -9.14 37.57
C LEU C 17 -39.09 -8.50 38.97
N ILE C 18 -38.94 -7.19 39.03
CA ILE C 18 -38.98 -6.50 40.31
C ILE C 18 -40.37 -6.60 40.91
N ARG C 19 -41.38 -6.32 40.09
CA ARG C 19 -42.77 -6.33 40.57
C ARG C 19 -43.19 -7.72 41.03
N ALA C 20 -42.64 -8.76 40.40
CA ALA C 20 -42.97 -10.12 40.77
C ALA C 20 -42.19 -10.59 42.00
N ARG C 21 -41.25 -9.78 42.45
CA ARG C 21 -40.31 -10.13 43.51
C ARG C 21 -39.33 -11.24 43.12
N ALA C 22 -39.10 -11.42 41.82
CA ALA C 22 -38.05 -12.30 41.36
C ALA C 22 -36.67 -11.68 41.51
N CYS C 23 -36.59 -10.35 41.49
CA CYS C 23 -35.36 -9.63 41.81
C CYS C 23 -35.63 -8.85 43.08
N GLN C 24 -34.92 -9.19 44.16
CA GLN C 24 -35.08 -8.57 45.49
C GLN C 24 -33.81 -8.04 46.14
N ARG C 25 -32.67 -8.19 45.44
CA ARG C 25 -31.36 -7.82 45.99
CA ARG C 25 -31.36 -7.85 45.98
C ARG C 25 -30.61 -7.07 44.90
N VAL C 26 -30.86 -5.77 44.83
CA VAL C 26 -30.32 -4.97 43.75
C VAL C 26 -29.02 -4.30 44.17
N VAL C 27 -27.98 -4.46 43.36
CA VAL C 27 -26.77 -3.67 43.52
C VAL C 27 -26.80 -2.61 42.44
N VAL C 28 -26.46 -1.39 42.83
CA VAL C 28 -26.51 -0.26 41.94
C VAL C 28 -25.11 0.38 41.85
N MET C 29 -24.72 0.77 40.64
CA MET C 29 -23.47 1.49 40.39
C MET C 29 -23.83 2.77 39.65
N VAL C 30 -23.36 3.90 40.17
CA VAL C 30 -23.69 5.20 39.56
C VAL C 30 -22.49 6.10 39.41
N GLY C 31 -22.59 7.00 38.44
CA GLY C 31 -21.54 7.98 38.17
C GLY C 31 -22.13 9.33 37.84
N ALA C 32 -21.32 10.15 37.16
CA ALA C 32 -21.60 11.59 37.07
C ALA C 32 -22.89 11.91 36.35
N GLY C 33 -23.28 11.06 35.42
CA GLY C 33 -24.51 11.23 34.65
C GLY C 33 -25.78 11.38 35.47
N ILE C 34 -25.81 10.85 36.69
CA ILE C 34 -27.02 10.99 37.49
C ILE C 34 -27.09 12.30 38.24
N SER C 35 -26.00 13.05 38.28
CA SER C 35 -26.00 14.30 39.02
CA SER C 35 -25.92 14.30 39.03
C SER C 35 -25.91 15.55 38.14
N THR C 36 -25.50 15.39 36.89
CA THR C 36 -25.60 16.50 35.91
C THR C 36 -27.00 17.15 35.93
N PRO C 37 -28.07 16.34 35.99
CA PRO C 37 -29.39 16.99 36.05
C PRO C 37 -29.65 17.85 37.27
N SER C 38 -28.90 17.64 38.36
CA SER C 38 -29.00 18.49 39.54
C SER C 38 -28.14 19.76 39.41
N GLY C 39 -27.39 19.87 38.31
CA GLY C 39 -26.55 21.03 38.07
C GLY C 39 -25.19 20.97 38.72
N ILE C 40 -24.76 19.79 39.16
CA ILE C 40 -23.42 19.68 39.75
C ILE C 40 -22.39 20.06 38.70
N PRO C 41 -21.56 21.06 38.99
CA PRO C 41 -20.52 21.44 38.03
C PRO C 41 -19.32 20.50 38.10
N ASP C 42 -18.74 20.23 36.94
CA ASP C 42 -17.53 19.45 36.85
C ASP C 42 -16.35 20.42 36.97
N PHE C 43 -15.51 20.21 38.00
CA PHE C 43 -14.36 21.06 38.28
C PHE C 43 -13.35 21.16 37.13
N ARG C 44 -13.37 20.19 36.23
CA ARG C 44 -12.47 20.13 35.09
C ARG C 44 -12.95 20.80 33.82
N SER C 45 -14.24 21.09 33.69
CA SER C 45 -14.77 21.58 32.41
C SER C 45 -14.83 23.11 32.42
N PRO C 46 -14.23 23.75 31.41
CA PRO C 46 -14.27 25.20 31.32
C PRO C 46 -15.68 25.75 31.32
N GLY C 47 -15.87 26.91 31.93
CA GLY C 47 -17.12 27.65 31.84
C GLY C 47 -18.13 27.47 32.95
N SER C 48 -17.79 26.72 34.00
CA SER C 48 -18.58 26.76 35.22
C SER C 48 -18.03 27.89 36.08
N GLY C 49 -18.81 28.32 37.07
CA GLY C 49 -18.31 29.31 38.03
C GLY C 49 -17.16 28.71 38.84
N LEU C 50 -17.31 27.44 39.19
CA LEU C 50 -16.29 26.70 39.92
C LEU C 50 -14.95 26.67 39.19
N TYR C 51 -14.98 26.33 37.91
CA TYR C 51 -13.77 26.31 37.10
C TYR C 51 -13.08 27.66 37.12
N SER C 52 -13.82 28.73 36.88
CA SER C 52 -13.22 30.07 36.90
C SER C 52 -12.73 30.47 38.29
N ASN C 53 -13.42 30.05 39.33
CA ASN C 53 -12.95 30.29 40.70
C ASN C 53 -11.61 29.62 40.93
N LEU C 54 -11.51 28.37 40.49
CA LEU C 54 -10.29 27.59 40.70
C LEU C 54 -9.12 28.12 39.89
N GLN C 55 -9.42 28.77 38.75
CA GLN C 55 -8.41 29.42 37.89
C GLN C 55 -7.72 30.61 38.56
N GLN C 56 -8.37 31.20 39.56
CA GLN C 56 -7.80 32.36 40.29
CA GLN C 56 -7.77 32.37 40.22
C GLN C 56 -6.54 31.99 41.04
N TYR C 57 -6.44 30.73 41.43
CA TYR C 57 -5.32 30.26 42.23
C TYR C 57 -4.14 29.89 41.37
N ASP C 58 -3.01 29.65 42.03
CA ASP C 58 -1.81 29.20 41.38
C ASP C 58 -1.81 27.66 41.24
N LEU C 59 -2.69 27.14 40.41
CA LEU C 59 -2.74 25.71 40.15
C LEU C 59 -2.23 25.43 38.75
N PRO C 60 -1.44 24.37 38.58
CA PRO C 60 -0.97 24.01 37.25
C PRO C 60 -2.05 23.43 36.36
N TYR C 61 -3.06 22.81 36.96
CA TYR C 61 -4.17 22.20 36.25
C TYR C 61 -5.22 21.89 37.29
N PRO C 62 -6.48 21.69 36.87
CA PRO C 62 -7.58 21.55 37.82
C PRO C 62 -7.42 20.37 38.78
N GLU C 63 -6.91 19.24 38.28
CA GLU C 63 -6.73 18.03 39.06
C GLU C 63 -5.81 18.19 40.28
N ALA C 64 -5.03 19.27 40.31
CA ALA C 64 -4.13 19.50 41.42
C ALA C 64 -4.87 19.72 42.75
N ILE C 65 -6.15 20.10 42.71
CA ILE C 65 -6.94 20.23 43.95
C ILE C 65 -7.18 18.89 44.66
N PHE C 66 -6.96 17.78 43.95
CA PHE C 66 -7.00 16.44 44.56
C PHE C 66 -5.61 15.84 44.76
N GLU C 67 -4.56 16.68 44.74
CA GLU C 67 -3.20 16.22 44.99
C GLU C 67 -2.74 16.70 46.37
N LEU C 68 -2.31 15.76 47.19
CA LEU C 68 -1.91 16.04 48.56
C LEU C 68 -0.77 17.04 48.68
N PRO C 69 0.25 16.94 47.80
CA PRO C 69 1.34 17.91 47.95
C PRO C 69 0.91 19.33 47.64
N PHE C 70 -0.05 19.53 46.72
CA PHE C 70 -0.64 20.86 46.53
C PHE C 70 -1.48 21.26 47.73
N PHE C 71 -2.30 20.34 48.22
CA PHE C 71 -3.14 20.61 49.36
C PHE C 71 -2.31 21.11 50.56
N PHE C 72 -1.21 20.43 50.86
CA PHE C 72 -0.40 20.80 52.02
C PHE C 72 0.37 22.10 51.79
N HIS C 73 0.54 22.47 50.53
CA HIS C 73 1.13 23.75 50.15
C HIS C 73 0.08 24.86 50.23
N ASN C 74 -1.12 24.62 49.71
CA ASN C 74 -2.21 25.55 49.81
C ASN C 74 -3.58 24.85 49.78
N PRO C 75 -4.27 24.77 50.93
CA PRO C 75 -5.54 24.04 50.98
C PRO C 75 -6.75 24.78 50.42
N LYS C 76 -6.60 26.09 50.17
CA LYS C 76 -7.75 26.92 49.83
C LYS C 76 -8.47 26.51 48.53
N PRO C 77 -7.70 26.11 47.48
CA PRO C 77 -8.40 25.68 46.26
C PRO C 77 -9.32 24.48 46.47
N PHE C 78 -8.83 23.47 47.18
CA PHE C 78 -9.69 22.34 47.54
C PHE C 78 -10.93 22.80 48.33
N PHE C 79 -10.75 23.70 49.29
CA PHE C 79 -11.89 24.14 50.06
C PHE C 79 -12.86 25.04 49.26
N THR C 80 -12.40 25.62 48.16
CA THR C 80 -13.31 26.26 47.22
C THR C 80 -14.27 25.20 46.62
N LEU C 81 -13.73 24.05 46.24
CA LEU C 81 -14.55 22.96 45.75
C LEU C 81 -15.49 22.46 46.82
N ALA C 82 -14.97 22.29 48.04
CA ALA C 82 -15.78 21.79 49.13
C ALA C 82 -16.94 22.74 49.40
N LYS C 83 -16.68 24.03 49.37
CA LYS C 83 -17.75 24.99 49.60
C LYS C 83 -18.84 24.88 48.57
N GLU C 84 -18.44 24.72 47.32
CA GLU C 84 -19.39 24.60 46.22
C GLU C 84 -20.23 23.34 46.33
N LEU C 85 -19.61 22.21 46.71
CA LEU C 85 -20.29 20.91 46.68
C LEU C 85 -20.84 20.45 48.02
N TYR C 86 -20.69 21.26 49.07
CA TYR C 86 -21.09 20.84 50.39
C TYR C 86 -22.61 20.61 50.42
N PRO C 87 -23.08 19.68 51.26
CA PRO C 87 -24.53 19.39 51.36
C PRO C 87 -25.40 20.62 51.55
N GLY C 88 -26.53 20.65 50.86
CA GLY C 88 -27.49 21.75 50.98
C GLY C 88 -27.41 22.70 49.81
N ASN C 89 -26.32 22.66 49.06
CA ASN C 89 -26.14 23.55 47.94
C ASN C 89 -26.87 23.03 46.71
N TYR C 90 -26.96 21.70 46.59
CA TYR C 90 -27.60 21.06 45.46
C TYR C 90 -28.67 20.07 45.91
N LYS C 91 -29.62 19.80 45.02
CA LYS C 91 -30.74 18.92 45.37
C LYS C 91 -30.70 17.62 44.60
N PRO C 92 -31.07 16.51 45.25
CA PRO C 92 -31.24 15.26 44.52
C PRO C 92 -32.30 15.37 43.44
N ASN C 93 -32.19 14.55 42.40
CA ASN C 93 -33.18 14.48 41.33
C ASN C 93 -33.83 13.09 41.31
N VAL C 94 -34.69 12.85 40.33
CA VAL C 94 -35.46 11.61 40.26
C VAL C 94 -34.59 10.36 40.34
N THR C 95 -33.38 10.41 39.79
CA THR C 95 -32.51 9.25 39.83
CA THR C 95 -32.51 9.24 39.83
C THR C 95 -32.21 8.88 41.27
N HIS C 96 -31.81 9.85 42.08
CA HIS C 96 -31.49 9.58 43.49
C HIS C 96 -32.73 9.12 44.26
N TYR C 97 -33.89 9.71 43.98
CA TYR C 97 -35.09 9.34 44.69
C TYR C 97 -35.57 7.94 44.28
N PHE C 98 -35.36 7.58 43.02
CA PHE C 98 -35.64 6.21 42.62
C PHE C 98 -34.85 5.21 43.47
N LEU C 99 -33.57 5.51 43.67
CA LEU C 99 -32.71 4.67 44.49
C LEU C 99 -33.15 4.66 45.97
N ARG C 100 -33.63 5.80 46.45
CA ARG C 100 -34.22 5.86 47.78
C ARG C 100 -35.44 4.97 47.89
N LEU C 101 -36.27 4.96 46.86
CA LEU C 101 -37.45 4.08 46.83
C LEU C 101 -37.04 2.61 46.88
N LEU C 102 -35.99 2.27 46.14
CA LEU C 102 -35.47 0.89 46.20
C LEU C 102 -35.12 0.53 47.62
N HIS C 103 -34.45 1.45 48.31
CA HIS C 103 -34.08 1.23 49.69
C HIS C 103 -35.33 1.07 50.56
N ASP C 104 -36.31 1.96 50.40
CA ASP C 104 -37.52 1.94 51.27
C ASP C 104 -38.29 0.66 51.08
N LYS C 105 -38.28 0.14 49.85
CA LYS C 105 -38.95 -1.12 49.58
C LYS C 105 -38.13 -2.37 49.92
N GLY C 106 -36.98 -2.20 50.57
CA GLY C 106 -36.19 -3.35 51.03
C GLY C 106 -35.38 -4.05 49.95
N LEU C 107 -35.21 -3.38 48.79
CA LEU C 107 -34.65 -4.02 47.60
C LEU C 107 -33.21 -3.65 47.33
N LEU C 108 -32.70 -2.66 48.06
CA LEU C 108 -31.38 -2.15 47.80
C LEU C 108 -30.36 -2.88 48.65
N LEU C 109 -29.52 -3.68 48.02
CA LEU C 109 -28.43 -4.32 48.72
C LEU C 109 -27.32 -3.30 49.01
N ARG C 110 -26.89 -2.55 47.98
CA ARG C 110 -25.82 -1.60 48.13
C ARG C 110 -25.78 -0.68 46.92
N LEU C 111 -25.39 0.55 47.16
CA LEU C 111 -25.21 1.57 46.14
C LEU C 111 -23.74 2.00 46.10
N TYR C 112 -23.07 1.70 45.00
CA TYR C 112 -21.68 2.08 44.75
C TYR C 112 -21.67 3.36 43.90
N THR C 113 -21.08 4.44 44.40
CA THR C 113 -21.10 5.70 43.68
C THR C 113 -19.68 6.23 43.45
N GLN C 114 -19.48 6.74 42.24
CA GLN C 114 -18.23 7.41 41.91
CA GLN C 114 -18.25 7.43 41.83
C GLN C 114 -18.29 8.90 42.25
N ASN C 115 -19.48 9.38 42.62
CA ASN C 115 -19.71 10.80 42.81
C ASN C 115 -19.32 11.31 44.20
N ILE C 116 -18.93 12.59 44.26
CA ILE C 116 -18.62 13.23 45.54
C ILE C 116 -19.63 14.29 45.92
N ASP C 117 -20.72 14.37 45.15
CA ASP C 117 -21.74 15.38 45.39
C ASP C 117 -22.57 15.05 46.62
N GLY C 118 -22.48 13.82 47.13
CA GLY C 118 -23.18 13.44 48.36
C GLY C 118 -24.70 13.35 48.29
N LEU C 119 -25.26 13.37 47.07
CA LEU C 119 -26.71 13.44 46.92
C LEU C 119 -27.45 12.17 47.30
N GLU C 120 -26.77 11.03 47.26
CA GLU C 120 -27.36 9.77 47.69
C GLU C 120 -27.74 9.88 49.16
N ARG C 121 -26.82 10.39 49.99
CA ARG C 121 -27.12 10.60 51.42
C ARG C 121 -28.20 11.63 51.63
N VAL C 122 -28.15 12.71 50.84
CA VAL C 122 -29.10 13.82 50.98
C VAL C 122 -30.50 13.29 50.68
N SER C 123 -30.62 12.34 49.75
CA SER C 123 -31.91 11.74 49.42
C SER C 123 -32.44 10.82 50.51
N GLY C 124 -31.62 10.53 51.51
CA GLY C 124 -32.04 9.76 52.68
C GLY C 124 -31.61 8.30 52.66
N ILE C 125 -30.72 7.93 51.75
CA ILE C 125 -30.19 6.55 51.77
C ILE C 125 -29.15 6.48 52.89
N PRO C 126 -29.32 5.53 53.83
CA PRO C 126 -28.37 5.44 54.95
C PRO C 126 -26.95 5.15 54.47
N ALA C 127 -25.99 5.62 55.26
CA ALA C 127 -24.58 5.45 54.97
C ALA C 127 -24.22 3.97 54.82
N SER C 128 -24.86 3.13 55.64
CA SER C 128 -24.60 1.69 55.60
C SER C 128 -24.88 1.03 54.24
N LYS C 129 -25.73 1.64 53.42
CA LYS C 129 -26.05 1.13 52.08
C LYS C 129 -25.15 1.68 50.99
N LEU C 130 -24.29 2.64 51.34
CA LEU C 130 -23.46 3.33 50.38
C LEU C 130 -22.01 2.91 50.43
N VAL C 131 -21.42 2.85 49.24
CA VAL C 131 -19.98 2.76 49.08
C VAL C 131 -19.59 3.95 48.22
N GLU C 132 -19.02 4.96 48.88
CA GLU C 132 -18.61 6.19 48.22
C GLU C 132 -17.17 6.09 47.80
N ALA C 133 -16.96 5.63 46.57
CA ALA C 133 -15.63 5.22 46.12
C ALA C 133 -14.61 6.36 46.00
N HIS C 134 -15.09 7.58 45.82
CA HIS C 134 -14.25 8.75 45.76
C HIS C 134 -14.30 9.55 47.04
N GLY C 135 -14.90 8.97 48.07
CA GLY C 135 -15.04 9.63 49.36
C GLY C 135 -16.26 10.54 49.50
N THR C 136 -16.25 11.36 50.56
CA THR C 136 -17.43 12.11 50.95
C THR C 136 -17.11 13.37 51.74
N PHE C 137 -17.94 14.39 51.56
CA PHE C 137 -17.92 15.57 52.42
C PHE C 137 -18.73 15.38 53.70
N ALA C 138 -19.33 14.20 53.90
CA ALA C 138 -20.16 13.96 55.09
C ALA C 138 -19.35 13.69 56.35
N SER C 139 -18.04 13.47 56.20
CA SER C 139 -17.15 13.33 57.32
C SER C 139 -15.78 13.88 56.98
N ALA C 140 -14.97 14.08 58.01
CA ALA C 140 -13.69 14.74 57.87
C ALA C 140 -12.71 14.15 58.89
N THR C 141 -11.42 14.39 58.68
CA THR C 141 -10.39 13.83 59.53
C THR C 141 -9.30 14.87 59.74
N CYS C 142 -8.90 15.09 60.97
CA CYS C 142 -7.74 15.97 61.22
C CYS C 142 -6.49 15.40 60.57
N THR C 143 -5.82 16.24 59.77
CA THR C 143 -4.62 15.83 59.06
C THR C 143 -3.42 15.57 59.95
N VAL C 144 -3.46 16.04 61.20
CA VAL C 144 -2.36 15.87 62.13
C VAL C 144 -2.65 14.73 63.10
N CYS C 145 -3.71 14.87 63.88
CA CYS C 145 -3.97 13.89 64.94
C CYS C 145 -4.88 12.75 64.52
N GLN C 146 -5.46 12.82 63.32
CA GLN C 146 -6.35 11.79 62.75
C GLN C 146 -7.72 11.66 63.42
N ARG C 147 -8.11 12.64 64.22
CA ARG C 147 -9.43 12.58 64.84
C ARG C 147 -10.47 12.73 63.76
N PRO C 148 -11.53 11.89 63.79
CA PRO C 148 -12.65 12.03 62.87
C PRO C 148 -13.67 13.04 63.36
N PHE C 149 -14.35 13.67 62.41
CA PHE C 149 -15.40 14.63 62.70
C PHE C 149 -16.52 14.51 61.67
N PRO C 150 -17.77 14.66 62.11
CA PRO C 150 -18.84 14.82 61.13
C PRO C 150 -18.62 16.04 60.27
N GLY C 151 -19.07 15.98 59.02
CA GLY C 151 -18.93 17.09 58.08
C GLY C 151 -19.59 18.36 58.57
N GLU C 152 -20.64 18.18 59.37
CA GLU C 152 -21.36 19.29 59.98
C GLU C 152 -20.47 20.15 60.89
N ASP C 153 -19.48 19.54 61.54
CA ASP C 153 -18.61 20.28 62.46
C ASP C 153 -17.73 21.35 61.80
N ILE C 154 -17.46 21.22 60.49
CA ILE C 154 -16.58 22.17 59.81
C ILE C 154 -17.34 23.01 58.78
N ARG C 155 -18.66 22.81 58.74
CA ARG C 155 -19.53 23.48 57.79
C ARG C 155 -19.42 25.01 57.83
N ALA C 156 -19.51 25.58 59.03
CA ALA C 156 -19.45 27.03 59.20
C ALA C 156 -18.20 27.63 58.58
N ASP C 157 -17.07 26.99 58.87
CA ASP C 157 -15.77 27.40 58.32
C ASP C 157 -15.72 27.27 56.80
N VAL C 158 -16.17 26.14 56.28
CA VAL C 158 -16.14 25.93 54.86
C VAL C 158 -16.96 27.01 54.14
N MET C 159 -18.17 27.26 54.65
CA MET C 159 -19.06 28.23 54.02
C MET C 159 -18.59 29.69 54.22
N ALA C 160 -17.73 29.91 55.21
CA ALA C 160 -17.12 31.24 55.43
C ALA C 160 -15.72 31.39 54.85
N ASP C 161 -15.24 30.41 54.09
CA ASP C 161 -13.87 30.44 53.54
C ASP C 161 -12.78 30.42 54.60
N ARG C 162 -13.07 29.85 55.76
CA ARG C 162 -12.04 29.62 56.77
C ARG C 162 -11.56 28.19 56.65
N VAL C 163 -10.25 27.99 56.70
CA VAL C 163 -9.67 26.66 56.69
C VAL C 163 -10.00 26.04 58.04
N PRO C 164 -10.78 24.94 58.07
CA PRO C 164 -11.16 24.39 59.38
C PRO C 164 -10.00 23.82 60.16
N ARG C 165 -9.97 24.12 61.44
CA ARG C 165 -8.87 23.71 62.29
C ARG C 165 -9.35 22.84 63.40
N CYS C 166 -8.56 21.82 63.70
CA CYS C 166 -8.90 20.82 64.68
C CYS C 166 -8.98 21.45 66.07
N PRO C 167 -10.08 21.20 66.81
CA PRO C 167 -10.20 21.85 68.13
C PRO C 167 -9.22 21.32 69.17
N VAL C 168 -8.58 20.19 68.89
CA VAL C 168 -7.55 19.65 69.77
C VAL C 168 -6.15 20.11 69.41
N CYS C 169 -5.71 19.88 68.17
CA CYS C 169 -4.30 20.14 67.81
C CYS C 169 -4.09 21.33 66.87
N THR C 170 -5.19 21.91 66.40
CA THR C 170 -5.22 23.04 65.45
C THR C 170 -4.82 22.71 64.01
N GLY C 171 -4.60 21.43 63.70
CA GLY C 171 -4.29 21.05 62.32
C GLY C 171 -5.48 21.22 61.39
N VAL C 172 -5.23 21.21 60.08
CA VAL C 172 -6.30 21.30 59.10
C VAL C 172 -7.18 20.05 59.19
N VAL C 173 -8.49 20.26 59.24
CA VAL C 173 -9.43 19.15 59.24
C VAL C 173 -9.90 18.99 57.80
N LYS C 174 -9.61 17.85 57.21
CA LYS C 174 -9.84 17.63 55.78
C LYS C 174 -11.02 16.69 55.52
N PRO C 175 -11.99 17.13 54.72
CA PRO C 175 -13.06 16.23 54.29
C PRO C 175 -12.52 14.89 53.77
N ASP C 176 -13.26 13.82 54.00
CA ASP C 176 -12.85 12.46 53.60
C ASP C 176 -13.05 12.16 52.12
N ILE C 177 -12.53 13.04 51.29
CA ILE C 177 -12.48 12.89 49.84
C ILE C 177 -11.16 12.22 49.50
N VAL C 178 -11.22 11.24 48.61
CA VAL C 178 -10.02 10.50 48.18
C VAL C 178 -9.19 11.34 47.22
N PHE C 179 -7.91 11.50 47.58
CA PHE C 179 -6.96 12.25 46.78
C PHE C 179 -6.15 11.29 45.91
N PHE C 180 -5.51 11.81 44.87
CA PHE C 180 -4.68 10.99 43.99
C PHE C 180 -3.65 10.24 44.78
N GLY C 181 -3.46 8.96 44.43
CA GLY C 181 -2.49 8.10 45.13
C GLY C 181 -3.00 7.44 46.40
N GLU C 182 -4.18 7.82 46.88
CA GLU C 182 -4.70 7.24 48.11
C GLU C 182 -5.47 5.96 47.79
N PRO C 183 -5.51 5.01 48.73
CA PRO C 183 -6.28 3.80 48.47
C PRO C 183 -7.78 4.06 48.39
N LEU C 184 -8.47 3.17 47.68
CA LEU C 184 -9.91 3.13 47.71
C LEU C 184 -10.38 3.06 49.16
N PRO C 185 -11.51 3.71 49.49
CA PRO C 185 -12.07 3.55 50.82
C PRO C 185 -12.26 2.08 51.16
N GLN C 186 -12.09 1.76 52.44
CA GLN C 186 -12.15 0.35 52.87
CA GLN C 186 -12.21 0.40 52.98
C GLN C 186 -13.53 -0.29 52.64
N ARG C 187 -14.60 0.50 52.61
CA ARG C 187 -15.94 -0.03 52.31
C ARG C 187 -16.03 -0.56 50.87
N PHE C 188 -15.09 -0.18 50.02
CA PHE C 188 -15.05 -0.79 48.70
C PHE C 188 -15.02 -2.33 48.78
N LEU C 189 -14.40 -2.87 49.83
CA LEU C 189 -14.26 -4.31 49.94
C LEU C 189 -15.55 -5.05 50.26
N LEU C 190 -16.65 -4.34 50.48
CA LEU C 190 -17.97 -4.98 50.51
C LEU C 190 -18.31 -5.64 49.17
N HIS C 191 -17.61 -5.29 48.10
CA HIS C 191 -17.96 -5.84 46.81
C HIS C 191 -17.88 -7.36 46.82
N VAL C 192 -16.94 -7.93 47.58
CA VAL C 192 -16.73 -9.38 47.58
C VAL C 192 -17.98 -10.16 48.02
N VAL C 193 -18.78 -9.55 48.89
CA VAL C 193 -20.05 -10.21 49.28
C VAL C 193 -21.27 -9.66 48.54
N ASP C 194 -21.25 -8.38 48.19
CA ASP C 194 -22.41 -7.77 47.53
C ASP C 194 -22.66 -8.33 46.15
N PHE C 195 -21.61 -8.44 45.35
CA PHE C 195 -21.76 -8.80 43.96
C PHE C 195 -22.23 -10.25 43.72
N PRO C 196 -21.69 -11.22 44.46
CA PRO C 196 -22.26 -12.57 44.33
C PRO C 196 -23.71 -12.70 44.79
N MET C 197 -24.13 -11.82 45.69
CA MET C 197 -25.47 -11.83 46.27
C MET C 197 -26.51 -11.13 45.40
N ALA C 198 -26.07 -10.21 44.55
CA ALA C 198 -26.99 -9.46 43.71
C ALA C 198 -27.86 -10.34 42.82
N ASP C 199 -29.15 -10.01 42.70
CA ASP C 199 -29.96 -10.68 41.70
C ASP C 199 -30.37 -9.73 40.59
N LEU C 200 -29.90 -8.49 40.67
CA LEU C 200 -30.05 -7.51 39.62
C LEU C 200 -28.93 -6.50 39.77
N LEU C 201 -28.30 -6.12 38.66
CA LEU C 201 -27.29 -5.05 38.66
C LEU C 201 -27.84 -3.87 37.86
N LEU C 202 -27.87 -2.71 38.49
CA LEU C 202 -28.28 -1.46 37.86
C LEU C 202 -27.07 -0.54 37.73
N ILE C 203 -26.87 0.01 36.55
CA ILE C 203 -25.79 0.95 36.29
C ILE C 203 -26.40 2.21 35.72
N LEU C 204 -26.20 3.33 36.40
CA LEU C 204 -26.86 4.57 36.02
C LEU C 204 -25.84 5.68 35.86
N GLY C 205 -25.93 6.35 34.71
CA GLY C 205 -25.22 7.61 34.46
C GLY C 205 -23.73 7.47 34.44
N THR C 206 -23.27 6.33 33.94
CA THR C 206 -21.85 6.08 33.76
C THR C 206 -21.65 4.98 32.73
N SER C 207 -20.58 5.08 31.99
CA SER C 207 -20.14 4.02 31.09
C SER C 207 -19.21 3.04 31.85
N LEU C 208 -18.53 3.56 32.89
CA LEU C 208 -17.53 2.81 33.64
C LEU C 208 -16.27 2.62 32.80
N GLU C 209 -15.60 3.72 32.50
CA GLU C 209 -14.33 3.64 31.79
C GLU C 209 -13.26 3.02 32.71
N VAL C 210 -13.31 3.42 33.97
CA VAL C 210 -12.16 3.26 34.86
CA VAL C 210 -12.19 3.31 34.92
C VAL C 210 -12.26 2.06 35.81
N GLU C 211 -11.12 1.40 36.01
CA GLU C 211 -11.01 0.27 36.91
C GLU C 211 -10.78 0.77 38.32
N PRO C 212 -11.08 -0.06 39.34
CA PRO C 212 -11.66 -1.41 39.29
C PRO C 212 -13.19 -1.43 39.16
N PHE C 213 -13.84 -0.27 39.32
CA PHE C 213 -15.28 -0.14 39.16
C PHE C 213 -15.79 -0.90 37.92
N ALA C 214 -15.16 -0.64 36.77
CA ALA C 214 -15.56 -1.27 35.50
C ALA C 214 -15.64 -2.79 35.51
N SER C 215 -14.71 -3.44 36.18
CA SER C 215 -14.67 -4.89 36.14
C SER C 215 -15.66 -5.54 37.13
N LEU C 216 -16.13 -4.76 38.10
CA LEU C 216 -17.23 -5.21 38.99
C LEU C 216 -18.51 -5.53 38.25
N THR C 217 -18.72 -4.96 37.07
CA THR C 217 -19.86 -5.37 36.24
C THR C 217 -19.85 -6.86 35.87
N GLU C 218 -18.68 -7.51 35.85
CA GLU C 218 -18.61 -8.94 35.56
C GLU C 218 -18.67 -9.85 36.79
N ALA C 219 -18.73 -9.23 37.98
CA ALA C 219 -18.69 -9.96 39.24
C ALA C 219 -20.06 -10.48 39.67
N VAL C 220 -21.13 -10.02 39.02
CA VAL C 220 -22.44 -10.65 39.27
C VAL C 220 -22.48 -11.99 38.56
N ARG C 221 -23.30 -12.88 39.08
CA ARG C 221 -23.47 -14.20 38.47
C ARG C 221 -24.06 -14.10 37.04
N SER C 222 -23.80 -15.12 36.21
CA SER C 222 -24.13 -15.08 34.78
C SER C 222 -25.64 -14.98 34.50
N SER C 223 -26.45 -15.46 35.42
CA SER C 223 -27.90 -15.36 35.33
C SER C 223 -28.49 -13.96 35.63
N VAL C 224 -27.69 -13.06 36.18
CA VAL C 224 -28.21 -11.80 36.76
C VAL C 224 -28.35 -10.75 35.66
N PRO C 225 -29.55 -10.18 35.49
CA PRO C 225 -29.66 -9.12 34.50
C PRO C 225 -28.84 -7.90 34.89
N ARG C 226 -28.30 -7.23 33.88
CA ARG C 226 -27.57 -6.01 34.06
C ARG C 226 -28.27 -4.94 33.25
N LEU C 227 -28.80 -3.94 33.93
CA LEU C 227 -29.56 -2.87 33.29
C LEU C 227 -28.73 -1.59 33.32
N LEU C 228 -28.42 -1.10 32.13
CA LEU C 228 -27.68 0.16 31.94
C LEU C 228 -28.66 1.26 31.56
N ILE C 229 -28.68 2.35 32.31
CA ILE C 229 -29.44 3.55 31.94
C ILE C 229 -28.41 4.66 31.80
N ASN C 230 -28.19 5.05 30.55
CA ASN C 230 -27.04 5.87 30.22
C ASN C 230 -27.21 6.52 28.85
N ARG C 231 -26.45 7.57 28.58
CA ARG C 231 -26.44 8.22 27.25
C ARG C 231 -26.02 7.27 26.13
N ASP C 232 -25.05 6.41 26.40
CA ASP C 232 -24.50 5.57 25.37
C ASP C 232 -24.13 4.21 25.90
N LEU C 233 -23.92 3.27 24.98
CA LEU C 233 -23.59 1.89 25.31
C LEU C 233 -22.19 1.57 24.85
N VAL C 234 -21.25 1.91 25.71
CA VAL C 234 -19.84 1.69 25.49
C VAL C 234 -19.31 1.13 26.82
N GLY C 235 -18.01 0.91 26.92
CA GLY C 235 -17.40 0.36 28.13
C GLY C 235 -17.61 -1.16 28.29
N PRO C 236 -17.49 -1.66 29.54
CA PRO C 236 -17.50 -3.10 29.77
C PRO C 236 -18.79 -3.80 29.37
N LEU C 237 -19.94 -3.13 29.44
CA LEU C 237 -21.16 -3.77 28.96
C LEU C 237 -21.20 -3.89 27.43
N ALA C 238 -20.52 -2.99 26.73
CA ALA C 238 -20.34 -3.11 25.28
C ALA C 238 -19.25 -4.15 24.97
N TRP C 239 -18.20 -4.19 25.78
CA TRP C 239 -17.05 -5.05 25.51
C TRP C 239 -17.39 -6.53 25.68
N HIS C 240 -17.99 -6.88 26.81
CA HIS C 240 -18.37 -8.26 27.10
C HIS C 240 -19.87 -8.33 27.45
N PRO C 241 -20.74 -8.28 26.44
CA PRO C 241 -22.16 -8.29 26.75
C PRO C 241 -22.60 -9.68 27.19
N ARG C 242 -23.68 -9.72 27.94
CA ARG C 242 -24.28 -10.98 28.38
C ARG C 242 -25.72 -11.02 27.96
N SER C 243 -26.27 -12.22 27.94
CA SER C 243 -27.58 -12.43 27.34
C SER C 243 -28.73 -11.77 28.09
N ARG C 244 -28.56 -11.44 29.36
CA ARG C 244 -29.63 -10.79 30.13
CA ARG C 244 -29.64 -10.78 30.11
C ARG C 244 -29.35 -9.30 30.34
N ASP C 245 -28.50 -8.71 29.51
CA ASP C 245 -28.22 -7.27 29.56
C ASP C 245 -29.35 -6.48 28.92
N VAL C 246 -29.63 -5.32 29.49
CA VAL C 246 -30.63 -4.39 28.99
C VAL C 246 -30.02 -3.01 29.00
N ALA C 247 -30.27 -2.22 27.96
CA ALA C 247 -29.83 -0.82 27.92
C ALA C 247 -31.01 0.09 27.61
N GLN C 248 -31.15 1.13 28.42
CA GLN C 248 -32.13 2.15 28.18
C GLN C 248 -31.28 3.39 27.90
N LEU C 249 -31.16 3.71 26.62
CA LEU C 249 -30.17 4.70 26.20
C LEU C 249 -30.83 6.02 25.87
N GLY C 250 -30.22 7.08 26.36
CA GLY C 250 -30.78 8.40 26.26
C GLY C 250 -30.55 9.17 27.54
N ASP C 251 -31.31 10.24 27.68
CA ASP C 251 -31.28 11.05 28.88
C ASP C 251 -31.58 10.16 30.12
N VAL C 252 -30.71 10.23 31.13
CA VAL C 252 -30.80 9.31 32.29
C VAL C 252 -32.08 9.52 33.06
N VAL C 253 -32.46 10.79 33.25
CA VAL C 253 -33.73 11.12 33.91
C VAL C 253 -34.94 10.50 33.19
N HIS C 254 -34.98 10.65 31.88
CA HIS C 254 -36.05 10.04 31.09
C HIS C 254 -36.09 8.51 31.23
N GLY C 255 -34.91 7.89 31.20
CA GLY C 255 -34.77 6.45 31.40
C GLY C 255 -35.31 5.98 32.73
N VAL C 256 -34.89 6.64 33.81
CA VAL C 256 -35.39 6.34 35.16
C VAL C 256 -36.89 6.60 35.30
N GLU C 257 -37.38 7.71 34.75
CA GLU C 257 -38.82 7.99 34.83
C GLU C 257 -39.63 6.88 34.17
N SER C 258 -39.13 6.39 33.03
CA SER C 258 -39.80 5.32 32.33
C SER C 258 -39.84 4.05 33.16
N LEU C 259 -38.73 3.74 33.82
CA LEU C 259 -38.68 2.58 34.66
C LEU C 259 -39.64 2.70 35.85
N VAL C 260 -39.72 3.88 36.44
CA VAL C 260 -40.64 4.15 37.54
C VAL C 260 -42.10 3.90 37.09
N GLU C 261 -42.41 4.36 35.89
CA GLU C 261 -43.75 4.20 35.33
C GLU C 261 -44.06 2.71 35.08
N LEU C 262 -43.10 1.97 34.51
CA LEU C 262 -43.26 0.52 34.31
C LEU C 262 -43.36 -0.24 35.62
N LEU C 263 -42.66 0.22 36.64
CA LEU C 263 -42.76 -0.38 37.96
C LEU C 263 -44.10 -0.09 38.65
N GLY C 264 -44.83 0.93 38.19
CA GLY C 264 -46.05 1.41 38.86
C GLY C 264 -45.73 2.14 40.15
N TRP C 265 -44.58 2.83 40.20
CA TRP C 265 -44.13 3.46 41.42
C TRP C 265 -44.27 4.98 41.38
N THR C 266 -45.00 5.51 40.40
CA THR C 266 -45.17 6.94 40.30
CA THR C 266 -45.13 6.96 40.32
C THR C 266 -45.76 7.57 41.58
N GLU C 267 -46.74 6.89 42.17
CA GLU C 267 -47.40 7.40 43.38
C GLU C 267 -46.47 7.38 44.59
N GLU C 268 -45.70 6.32 44.74
CA GLU C 268 -44.75 6.23 45.82
C GLU C 268 -43.66 7.29 45.64
N MET C 269 -43.29 7.54 44.39
CA MET C 269 -42.28 8.56 44.11
C MET C 269 -42.80 9.91 44.57
N ARG C 270 -44.03 10.20 44.17
CA ARG C 270 -44.68 11.46 44.53
C ARG C 270 -44.74 11.63 46.05
N ASP C 271 -45.10 10.56 46.77
CA ASP C 271 -45.19 10.60 48.24
C ASP C 271 -43.84 10.88 48.85
N LEU C 272 -42.79 10.29 48.28
CA LEU C 272 -41.44 10.46 48.78
C LEU C 272 -40.98 11.88 48.60
N VAL C 273 -41.20 12.43 47.40
CA VAL C 273 -40.80 13.81 47.16
C VAL C 273 -41.52 14.78 48.10
N GLN C 274 -42.80 14.53 48.35
CA GLN C 274 -43.56 15.29 49.34
C GLN C 274 -42.90 15.30 50.71
N ARG C 275 -42.48 14.14 51.18
CA ARG C 275 -41.81 14.04 52.47
C ARG C 275 -40.43 14.70 52.44
N GLU C 276 -39.70 14.56 51.34
CA GLU C 276 -38.32 15.04 51.26
C GLU C 276 -38.20 16.54 51.02
N THR C 277 -39.24 17.12 50.45
CA THR C 277 -39.28 18.55 50.18
C THR C 277 -39.31 19.41 51.44
N GLY C 278 -40.07 18.99 52.45
CA GLY C 278 -40.16 19.74 53.71
C GLY C 278 -38.82 20.04 54.37
N GLY D 7 -10.24 -2.02 5.97
CA GLY D 7 -10.27 -0.67 5.31
C GLY D 7 -11.63 0.03 5.27
N LYS D 8 -12.71 -0.74 5.13
CA LYS D 8 -14.05 -0.18 4.94
C LYS D 8 -15.04 -0.74 5.99
N LEU D 9 -16.07 0.05 6.27
CA LEU D 9 -17.12 -0.32 7.22
C LEU D 9 -18.11 -1.31 6.58
N SER D 10 -18.79 -2.07 7.43
CA SER D 10 -19.82 -3.02 7.03
C SER D 10 -21.18 -2.58 7.55
N LEU D 11 -22.23 -3.23 7.06
CA LEU D 11 -23.55 -3.00 7.60
C LEU D 11 -23.56 -3.22 9.11
N GLN D 12 -22.90 -4.29 9.58
CA GLN D 12 -22.85 -4.56 11.01
C GLN D 12 -22.20 -3.41 11.80
N ASP D 13 -21.16 -2.81 11.24
CA ASP D 13 -20.49 -1.71 11.92
C ASP D 13 -21.44 -0.55 12.12
N VAL D 14 -22.23 -0.25 11.09
CA VAL D 14 -23.19 0.83 11.18
C VAL D 14 -24.22 0.51 12.25
N ALA D 15 -24.67 -0.73 12.28
CA ALA D 15 -25.63 -1.18 13.30
C ALA D 15 -25.07 -0.91 14.68
N GLU D 16 -23.80 -1.24 14.86
CA GLU D 16 -23.16 -1.09 16.16
C GLU D 16 -22.93 0.38 16.53
N LEU D 17 -22.69 1.23 15.54
CA LEU D 17 -22.64 2.68 15.80
C LEU D 17 -23.97 3.19 16.32
N ILE D 18 -25.06 2.74 15.73
CA ILE D 18 -26.39 3.10 16.21
C ILE D 18 -26.68 2.49 17.59
N ARG D 19 -26.40 1.21 17.76
CA ARG D 19 -26.61 0.56 19.08
C ARG D 19 -25.85 1.24 20.23
N ALA D 20 -24.64 1.69 19.95
CA ALA D 20 -23.82 2.37 20.96
C ALA D 20 -24.25 3.81 21.19
N ARG D 21 -25.09 4.33 20.28
CA ARG D 21 -25.42 5.75 20.18
C ARG D 21 -24.26 6.64 19.80
N ALA D 22 -23.30 6.08 19.10
CA ALA D 22 -22.26 6.89 18.45
C ALA D 22 -22.89 7.70 17.31
N CYS D 23 -23.92 7.15 16.69
CA CYS D 23 -24.77 7.87 15.72
C CYS D 23 -26.14 7.97 16.32
N GLN D 24 -26.64 9.19 16.48
CA GLN D 24 -28.00 9.39 16.97
C GLN D 24 -28.77 10.56 16.36
N ARG D 25 -28.28 11.11 15.26
CA ARG D 25 -28.99 12.13 14.52
C ARG D 25 -28.95 11.73 13.06
N VAL D 26 -29.88 10.86 12.65
CA VAL D 26 -29.83 10.26 11.34
C VAL D 26 -30.68 11.03 10.35
N VAL D 27 -30.11 11.37 9.21
CA VAL D 27 -30.87 11.91 8.09
C VAL D 27 -31.05 10.78 7.08
N VAL D 28 -32.26 10.67 6.55
CA VAL D 28 -32.57 9.59 5.64
C VAL D 28 -33.08 10.19 4.34
N MET D 29 -32.66 9.60 3.22
CA MET D 29 -33.13 9.91 1.88
C MET D 29 -33.66 8.65 1.24
N VAL D 30 -34.89 8.70 0.71
CA VAL D 30 -35.49 7.51 0.11
C VAL D 30 -36.16 7.83 -1.21
N GLY D 31 -36.24 6.80 -2.06
CA GLY D 31 -36.88 6.89 -3.35
C GLY D 31 -37.76 5.71 -3.67
N ALA D 32 -38.00 5.50 -4.96
CA ALA D 32 -39.04 4.56 -5.40
C ALA D 32 -38.78 3.14 -4.96
N GLY D 33 -37.51 2.79 -4.82
CA GLY D 33 -37.11 1.46 -4.38
C GLY D 33 -37.68 0.98 -3.06
N ILE D 34 -38.01 1.89 -2.14
CA ILE D 34 -38.57 1.43 -0.85
C ILE D 34 -40.04 1.06 -0.91
N SER D 35 -40.74 1.47 -1.96
CA SER D 35 -42.19 1.29 -2.02
C SER D 35 -42.70 0.28 -3.02
N THR D 36 -41.91 -0.09 -4.00
CA THR D 36 -42.31 -1.19 -4.89
C THR D 36 -42.68 -2.47 -4.12
N PRO D 37 -41.98 -2.80 -3.02
CA PRO D 37 -42.43 -3.93 -2.18
C PRO D 37 -43.81 -3.79 -1.54
N SER D 38 -44.34 -2.58 -1.43
CA SER D 38 -45.72 -2.41 -1.00
C SER D 38 -46.70 -2.64 -2.17
N GLY D 39 -46.17 -2.88 -3.36
CA GLY D 39 -46.97 -3.08 -4.56
C GLY D 39 -47.38 -1.78 -5.24
N ILE D 40 -46.72 -0.68 -4.91
CA ILE D 40 -47.08 0.63 -5.46
C ILE D 40 -46.80 0.56 -6.95
N PRO D 41 -47.82 0.82 -7.78
CA PRO D 41 -47.59 0.80 -9.22
C PRO D 41 -46.89 2.07 -9.70
N ASP D 42 -45.96 1.91 -10.62
CA ASP D 42 -45.35 3.06 -11.25
C ASP D 42 -46.27 3.52 -12.38
N PHE D 43 -46.68 4.78 -12.35
CA PHE D 43 -47.60 5.30 -13.38
C PHE D 43 -47.06 5.18 -14.81
N ARG D 44 -45.73 5.11 -14.98
CA ARG D 44 -45.15 5.08 -16.33
C ARG D 44 -44.75 3.67 -16.79
N SER D 45 -44.82 2.68 -15.91
CA SER D 45 -44.38 1.31 -16.24
C SER D 45 -45.53 0.44 -16.72
N PRO D 46 -45.37 -0.21 -17.89
CA PRO D 46 -46.51 -0.99 -18.36
C PRO D 46 -46.80 -2.19 -17.45
N GLY D 47 -48.05 -2.66 -17.48
CA GLY D 47 -48.44 -3.93 -16.85
C GLY D 47 -49.07 -3.84 -15.47
N SER D 48 -49.55 -2.68 -15.08
CA SER D 48 -50.34 -2.55 -13.86
C SER D 48 -51.75 -2.17 -14.25
N GLY D 49 -52.67 -2.34 -13.31
CA GLY D 49 -54.02 -1.86 -13.49
C GLY D 49 -54.01 -0.36 -13.69
N LEU D 50 -53.15 0.34 -12.94
CA LEU D 50 -53.08 1.80 -13.05
C LEU D 50 -52.63 2.21 -14.45
N TYR D 51 -51.52 1.64 -14.92
CA TYR D 51 -51.01 1.95 -16.25
C TYR D 51 -52.12 1.72 -17.28
N SER D 52 -52.78 0.57 -17.16
CA SER D 52 -53.88 0.23 -18.05
C SER D 52 -55.04 1.22 -17.98
N ASN D 53 -55.41 1.63 -16.77
CA ASN D 53 -56.49 2.62 -16.63
C ASN D 53 -56.15 3.96 -17.25
N LEU D 54 -54.90 4.40 -17.07
CA LEU D 54 -54.45 5.67 -17.64
C LEU D 54 -54.45 5.66 -19.18
N GLN D 55 -54.23 4.48 -19.77
CA GLN D 55 -54.25 4.28 -21.24
C GLN D 55 -55.61 4.50 -21.89
N GLN D 56 -56.69 4.36 -21.12
CA GLN D 56 -58.04 4.56 -21.65
CA GLN D 56 -58.04 4.56 -21.64
C GLN D 56 -58.33 6.01 -21.99
N TYR D 57 -57.56 6.94 -21.40
CA TYR D 57 -57.77 8.36 -21.62
C TYR D 57 -57.06 8.81 -22.88
N ASP D 58 -57.26 10.07 -23.22
CA ASP D 58 -56.58 10.68 -24.37
C ASP D 58 -55.26 11.34 -23.95
N LEU D 59 -54.43 10.58 -23.25
CA LEU D 59 -53.13 11.10 -22.79
C LEU D 59 -52.09 10.81 -23.84
N PRO D 60 -51.26 11.80 -24.18
CA PRO D 60 -50.20 11.57 -25.18
C PRO D 60 -49.01 10.73 -24.68
N TYR D 61 -48.77 10.75 -23.37
CA TYR D 61 -47.69 10.00 -22.72
C TYR D 61 -48.01 10.06 -21.23
N PRO D 62 -47.50 9.12 -20.44
CA PRO D 62 -48.00 9.05 -19.06
C PRO D 62 -47.69 10.28 -18.21
N GLU D 63 -46.58 10.97 -18.50
CA GLU D 63 -46.15 12.16 -17.75
C GLU D 63 -47.12 13.33 -17.87
N ALA D 64 -47.96 13.33 -18.89
CA ALA D 64 -48.94 14.37 -19.04
C ALA D 64 -49.88 14.48 -17.81
N ILE D 65 -50.01 13.42 -17.03
CA ILE D 65 -50.85 13.51 -15.83
C ILE D 65 -50.29 14.48 -14.78
N PHE D 66 -49.01 14.82 -14.89
CA PHE D 66 -48.42 15.81 -14.00
C PHE D 66 -48.13 17.13 -14.69
N GLU D 67 -48.79 17.38 -15.82
CA GLU D 67 -48.63 18.64 -16.53
C GLU D 67 -49.86 19.50 -16.30
N LEU D 68 -49.64 20.76 -15.94
CA LEU D 68 -50.76 21.63 -15.64
C LEU D 68 -51.64 21.93 -16.85
N PRO D 69 -51.06 22.18 -18.04
CA PRO D 69 -51.94 22.41 -19.18
C PRO D 69 -52.88 21.24 -19.44
N PHE D 70 -52.37 20.03 -19.34
CA PHE D 70 -53.21 18.88 -19.52
C PHE D 70 -54.27 18.78 -18.43
N PHE D 71 -53.87 18.95 -17.17
CA PHE D 71 -54.79 18.91 -16.05
C PHE D 71 -56.01 19.84 -16.24
N PHE D 72 -55.77 21.06 -16.71
CA PHE D 72 -56.87 22.02 -16.84
C PHE D 72 -57.71 21.83 -18.13
N HIS D 73 -57.30 20.89 -18.96
CA HIS D 73 -58.08 20.41 -20.08
C HIS D 73 -58.91 19.20 -19.64
N ASN D 74 -58.27 18.27 -18.95
CA ASN D 74 -58.93 17.09 -18.43
C ASN D 74 -58.18 16.59 -17.19
N PRO D 75 -58.75 16.82 -15.99
CA PRO D 75 -58.13 16.38 -14.75
C PRO D 75 -58.41 14.93 -14.37
N LYS D 76 -59.26 14.24 -15.13
CA LYS D 76 -59.66 12.91 -14.74
C LYS D 76 -58.52 11.90 -14.69
N PRO D 77 -57.58 11.92 -15.66
CA PRO D 77 -56.44 11.02 -15.55
C PRO D 77 -55.63 11.20 -14.27
N PHE D 78 -55.34 12.44 -13.88
CA PHE D 78 -54.67 12.67 -12.60
C PHE D 78 -55.47 12.10 -11.44
N PHE D 79 -56.79 12.30 -11.45
CA PHE D 79 -57.62 11.79 -10.35
C PHE D 79 -57.72 10.26 -10.33
N THR D 80 -57.50 9.62 -11.47
CA THR D 80 -57.35 8.17 -11.54
C THR D 80 -56.09 7.75 -10.76
N LEU D 81 -55.00 8.47 -10.94
CA LEU D 81 -53.81 8.24 -10.15
C LEU D 81 -54.06 8.50 -8.66
N ALA D 82 -54.69 9.61 -8.34
CA ALA D 82 -54.99 9.94 -6.95
C ALA D 82 -55.84 8.87 -6.26
N LYS D 83 -56.85 8.39 -6.96
CA LYS D 83 -57.71 7.32 -6.45
C LYS D 83 -56.88 6.08 -6.14
N GLU D 84 -55.98 5.71 -7.05
CA GLU D 84 -55.14 4.54 -6.84
C GLU D 84 -54.20 4.65 -5.63
N LEU D 85 -53.56 5.80 -5.48
CA LEU D 85 -52.54 6.02 -4.47
C LEU D 85 -53.04 6.67 -3.18
N TYR D 86 -54.33 6.98 -3.08
CA TYR D 86 -54.84 7.70 -1.91
C TYR D 86 -54.52 6.92 -0.64
N PRO D 87 -54.23 7.62 0.48
CA PRO D 87 -53.79 6.89 1.67
C PRO D 87 -54.84 5.89 2.13
N GLY D 88 -54.39 4.75 2.62
CA GLY D 88 -55.28 3.66 3.01
C GLY D 88 -55.33 2.53 1.99
N ASN D 89 -55.01 2.83 0.74
CA ASN D 89 -55.12 1.82 -0.32
C ASN D 89 -53.97 0.83 -0.28
N TYR D 90 -52.77 1.31 0.03
CA TYR D 90 -51.56 0.48 0.16
C TYR D 90 -50.97 0.56 1.59
N LYS D 91 -50.22 -0.48 1.95
CA LYS D 91 -49.66 -0.58 3.29
C LYS D 91 -48.17 -0.29 3.29
N PRO D 92 -47.67 0.40 4.32
CA PRO D 92 -46.23 0.53 4.41
C PRO D 92 -45.59 -0.83 4.59
N ASN D 93 -44.34 -0.94 4.20
CA ASN D 93 -43.56 -2.16 4.38
C ASN D 93 -42.47 -1.99 5.42
N VAL D 94 -41.66 -3.03 5.61
CA VAL D 94 -40.60 -3.05 6.63
C VAL D 94 -39.67 -1.84 6.56
N THR D 95 -39.44 -1.30 5.36
CA THR D 95 -38.57 -0.14 5.24
CA THR D 95 -38.57 -0.13 5.22
C THR D 95 -39.20 1.06 5.92
N HIS D 96 -40.49 1.27 5.68
CA HIS D 96 -41.23 2.37 6.32
C HIS D 96 -41.29 2.19 7.83
N TYR D 97 -41.55 0.97 8.29
CA TYR D 97 -41.60 0.70 9.75
C TYR D 97 -40.22 0.79 10.42
N PHE D 98 -39.17 0.43 9.69
CA PHE D 98 -37.82 0.63 10.19
C PHE D 98 -37.57 2.13 10.47
N LEU D 99 -38.00 2.98 9.56
CA LEU D 99 -37.84 4.42 9.73
C LEU D 99 -38.74 4.94 10.86
N ARG D 100 -39.93 4.37 10.98
CA ARG D 100 -40.79 4.68 12.13
C ARG D 100 -40.14 4.31 13.48
N LEU D 101 -39.46 3.18 13.52
CA LEU D 101 -38.77 2.78 14.74
C LEU D 101 -37.61 3.70 15.08
N LEU D 102 -36.88 4.08 14.04
CA LEU D 102 -35.83 5.07 14.17
C LEU D 102 -36.37 6.37 14.82
N HIS D 103 -37.53 6.82 14.36
CA HIS D 103 -38.19 7.97 14.93
C HIS D 103 -38.62 7.73 16.38
N ASP D 104 -39.19 6.56 16.62
CA ASP D 104 -39.67 6.19 17.96
C ASP D 104 -38.52 6.21 18.96
N LYS D 105 -37.33 5.84 18.51
CA LYS D 105 -36.18 5.80 19.37
C LYS D 105 -35.45 7.13 19.49
N GLY D 106 -35.99 8.18 18.87
CA GLY D 106 -35.40 9.51 18.97
C GLY D 106 -34.22 9.73 18.05
N LEU D 107 -34.00 8.84 17.08
CA LEU D 107 -32.79 8.88 16.26
C LEU D 107 -32.96 9.56 14.90
N LEU D 108 -34.20 9.82 14.51
CA LEU D 108 -34.47 10.41 13.19
C LEU D 108 -34.50 11.95 13.22
N LEU D 109 -33.57 12.57 12.53
CA LEU D 109 -33.57 14.03 12.35
C LEU D 109 -34.58 14.45 11.28
N ARG D 110 -34.49 13.81 10.12
CA ARG D 110 -35.37 14.14 9.02
C ARG D 110 -35.31 13.04 7.98
N LEU D 111 -36.43 12.84 7.29
CA LEU D 111 -36.60 11.85 6.25
C LEU D 111 -37.00 12.58 5.00
N TYR D 112 -36.11 12.61 4.01
CA TYR D 112 -36.36 13.22 2.72
C TYR D 112 -36.84 12.15 1.77
N THR D 113 -38.03 12.33 1.19
CA THR D 113 -38.61 11.32 0.28
C THR D 113 -38.98 11.88 -1.09
N GLN D 114 -38.67 11.11 -2.12
CA GLN D 114 -39.06 11.40 -3.48
C GLN D 114 -40.44 10.84 -3.85
N ASN D 115 -40.98 10.01 -2.97
CA ASN D 115 -42.20 9.25 -3.28
C ASN D 115 -43.47 10.02 -3.03
N ILE D 116 -44.50 9.72 -3.81
CA ILE D 116 -45.80 10.34 -3.58
C ILE D 116 -46.82 9.36 -2.99
N ASP D 117 -46.38 8.15 -2.63
CA ASP D 117 -47.33 7.15 -2.06
C ASP D 117 -47.75 7.47 -0.63
N GLY D 118 -47.08 8.43 0.03
CA GLY D 118 -47.48 8.87 1.36
C GLY D 118 -47.29 7.83 2.47
N LEU D 119 -46.54 6.77 2.18
CA LEU D 119 -46.43 5.65 3.12
C LEU D 119 -45.62 6.00 4.35
N GLU D 120 -44.73 7.00 4.23
CA GLU D 120 -43.96 7.45 5.41
C GLU D 120 -44.91 7.99 6.47
N ARG D 121 -45.86 8.82 6.03
CA ARG D 121 -46.82 9.42 6.93
C ARG D 121 -47.81 8.39 7.46
N VAL D 122 -48.24 7.48 6.59
CA VAL D 122 -49.15 6.38 6.95
C VAL D 122 -48.49 5.51 8.02
N SER D 123 -47.18 5.34 7.95
CA SER D 123 -46.48 4.52 8.94
C SER D 123 -46.40 5.19 10.30
N GLY D 124 -46.79 6.45 10.40
CA GLY D 124 -46.84 7.14 11.68
C GLY D 124 -45.69 8.08 11.93
N ILE D 125 -44.87 8.34 10.92
CA ILE D 125 -43.84 9.35 11.08
C ILE D 125 -44.52 10.72 10.97
N PRO D 126 -44.33 11.58 11.97
CA PRO D 126 -44.98 12.90 11.93
C PRO D 126 -44.55 13.74 10.74
N ALA D 127 -45.45 14.56 10.25
CA ALA D 127 -45.18 15.39 9.08
C ALA D 127 -43.94 16.27 9.28
N SER D 128 -43.70 16.73 10.51
CA SER D 128 -42.56 17.60 10.81
C SER D 128 -41.18 16.95 10.57
N LYS D 129 -41.13 15.62 10.62
CA LYS D 129 -39.91 14.87 10.28
C LYS D 129 -39.71 14.60 8.80
N LEU D 130 -40.67 14.96 7.97
CA LEU D 130 -40.68 14.55 6.57
C LEU D 130 -40.46 15.77 5.70
N VAL D 131 -39.66 15.57 4.67
CA VAL D 131 -39.61 16.47 3.54
C VAL D 131 -40.06 15.70 2.31
N GLU D 132 -41.27 16.01 1.85
CA GLU D 132 -41.89 15.30 0.74
C GLU D 132 -41.64 16.11 -0.53
N ALA D 133 -40.57 15.77 -1.22
CA ALA D 133 -40.04 16.57 -2.31
C ALA D 133 -40.97 16.63 -3.53
N HIS D 134 -41.86 15.65 -3.66
CA HIS D 134 -42.83 15.62 -4.77
C HIS D 134 -44.25 15.90 -4.35
N GLY D 135 -44.40 16.39 -3.13
CA GLY D 135 -45.70 16.67 -2.56
C GLY D 135 -46.40 15.47 -1.97
N THR D 136 -47.71 15.63 -1.73
CA THR D 136 -48.49 14.69 -0.98
C THR D 136 -49.97 14.75 -1.35
N PHE D 137 -50.64 13.61 -1.20
CA PHE D 137 -52.11 13.52 -1.27
C PHE D 137 -52.79 13.85 0.06
N ALA D 138 -52.01 14.05 1.13
CA ALA D 138 -52.58 14.31 2.45
C ALA D 138 -53.22 15.68 2.57
N SER D 139 -52.91 16.60 1.65
CA SER D 139 -53.60 17.86 1.61
C SER D 139 -53.84 18.28 0.16
N ALA D 140 -54.70 19.27 -0.02
CA ALA D 140 -55.10 19.73 -1.35
C ALA D 140 -55.35 21.23 -1.34
N THR D 141 -55.41 21.82 -2.52
CA THR D 141 -55.58 23.26 -2.64
C THR D 141 -56.54 23.56 -3.79
N CYS D 142 -57.47 24.46 -3.54
CA CYS D 142 -58.37 24.92 -4.60
C CYS D 142 -57.56 25.65 -5.66
N THR D 143 -57.72 25.21 -6.90
CA THR D 143 -56.98 25.76 -8.03
C THR D 143 -57.37 27.21 -8.35
N VAL D 144 -58.54 27.62 -7.87
CA VAL D 144 -59.08 28.95 -8.19
C VAL D 144 -58.84 29.91 -7.04
N CYS D 145 -59.37 29.60 -5.87
CA CYS D 145 -59.28 30.54 -4.75
C CYS D 145 -58.11 30.25 -3.78
N GLN D 146 -57.37 29.16 -4.00
CA GLN D 146 -56.19 28.80 -3.19
C GLN D 146 -56.47 28.37 -1.75
N ARG D 147 -57.73 28.15 -1.41
CA ARG D 147 -58.06 27.60 -0.11
C ARG D 147 -57.47 26.19 0.08
N PRO D 148 -56.82 25.97 1.24
CA PRO D 148 -56.33 24.62 1.53
C PRO D 148 -57.39 23.74 2.16
N PHE D 149 -57.23 22.42 1.97
CA PHE D 149 -58.15 21.44 2.53
C PHE D 149 -57.36 20.19 2.88
N PRO D 150 -57.73 19.54 4.00
CA PRO D 150 -57.20 18.22 4.24
C PRO D 150 -57.66 17.22 3.18
N GLY D 151 -56.81 16.26 2.87
CA GLY D 151 -57.10 15.23 1.88
C GLY D 151 -58.37 14.45 2.10
N GLU D 152 -58.75 14.28 3.36
CA GLU D 152 -59.98 13.57 3.72
C GLU D 152 -61.23 14.31 3.24
N ASP D 153 -61.15 15.64 3.12
CA ASP D 153 -62.30 16.43 2.65
C ASP D 153 -62.70 16.10 1.21
N ILE D 154 -61.76 15.61 0.41
CA ILE D 154 -62.08 15.27 -0.98
C ILE D 154 -62.06 13.78 -1.24
N ARG D 155 -61.91 12.97 -0.19
CA ARG D 155 -61.74 11.54 -0.36
C ARG D 155 -62.95 10.87 -1.02
N ALA D 156 -64.15 11.21 -0.57
CA ALA D 156 -65.36 10.60 -1.12
C ALA D 156 -65.51 10.86 -2.62
N ASP D 157 -65.23 12.09 -3.05
CA ASP D 157 -65.26 12.43 -4.46
C ASP D 157 -64.21 11.63 -5.21
N VAL D 158 -62.99 11.62 -4.69
CA VAL D 158 -61.91 10.92 -5.38
C VAL D 158 -62.28 9.45 -5.53
N MET D 159 -62.73 8.83 -4.44
CA MET D 159 -63.04 7.40 -4.48
C MET D 159 -64.26 7.07 -5.35
N ALA D 160 -65.12 8.06 -5.58
CA ALA D 160 -66.30 7.88 -6.43
C ALA D 160 -66.12 8.44 -7.85
N ASP D 161 -64.89 8.73 -8.25
CA ASP D 161 -64.58 9.24 -9.59
C ASP D 161 -65.28 10.54 -9.94
N ARG D 162 -65.50 11.39 -8.94
CA ARG D 162 -66.04 12.72 -9.14
C ARG D 162 -64.93 13.73 -8.92
N VAL D 163 -64.79 14.67 -9.84
CA VAL D 163 -63.77 15.69 -9.70
C VAL D 163 -64.15 16.58 -8.54
N PRO D 164 -63.30 16.62 -7.48
CA PRO D 164 -63.67 17.39 -6.31
C PRO D 164 -63.69 18.88 -6.57
N ARG D 165 -64.73 19.53 -6.07
CA ARG D 165 -64.91 20.95 -6.30
C ARG D 165 -64.99 21.73 -5.00
N CYS D 166 -64.49 22.95 -5.04
CA CYS D 166 -64.36 23.76 -3.85
C CYS D 166 -65.75 24.16 -3.32
N PRO D 167 -65.97 24.00 -2.01
CA PRO D 167 -67.25 24.40 -1.43
C PRO D 167 -67.51 25.89 -1.49
N VAL D 168 -66.49 26.72 -1.68
CA VAL D 168 -66.68 28.16 -1.75
C VAL D 168 -66.89 28.65 -3.18
N CYS D 169 -65.93 28.37 -4.06
CA CYS D 169 -65.93 28.94 -5.42
C CYS D 169 -66.23 27.93 -6.55
N THR D 170 -66.32 26.65 -6.21
CA THR D 170 -66.60 25.53 -7.13
C THR D 170 -65.43 25.15 -8.07
N GLY D 171 -64.26 25.73 -7.85
CA GLY D 171 -63.07 25.36 -8.61
C GLY D 171 -62.60 23.94 -8.26
N VAL D 172 -61.80 23.34 -9.12
CA VAL D 172 -61.24 22.01 -8.88
C VAL D 172 -60.32 22.08 -7.68
N VAL D 173 -60.46 21.13 -6.76
CA VAL D 173 -59.58 21.04 -5.60
C VAL D 173 -58.53 19.98 -5.92
N LYS D 174 -57.28 20.41 -5.98
CA LYS D 174 -56.19 19.57 -6.46
C LYS D 174 -55.26 19.16 -5.32
N PRO D 175 -55.05 17.85 -5.13
CA PRO D 175 -54.03 17.37 -4.19
C PRO D 175 -52.69 18.08 -4.34
N ASP D 176 -51.99 18.27 -3.23
CA ASP D 176 -50.73 19.02 -3.21
C ASP D 176 -49.55 18.20 -3.73
N ILE D 177 -49.75 17.56 -4.88
CA ILE D 177 -48.68 16.89 -5.62
C ILE D 177 -47.99 17.91 -6.53
N VAL D 178 -46.65 17.85 -6.57
CA VAL D 178 -45.87 18.77 -7.40
C VAL D 178 -45.95 18.38 -8.89
N PHE D 179 -46.35 19.35 -9.71
CA PHE D 179 -46.43 19.16 -11.16
C PHE D 179 -45.18 19.73 -11.85
N PHE D 180 -44.93 19.25 -13.08
CA PHE D 180 -43.81 19.76 -13.87
C PHE D 180 -43.79 21.27 -13.93
N GLY D 181 -42.60 21.84 -13.78
CA GLY D 181 -42.44 23.27 -13.86
C GLY D 181 -42.62 23.95 -12.52
N GLU D 182 -43.21 23.28 -11.54
CA GLU D 182 -43.42 23.88 -10.22
C GLU D 182 -42.17 23.72 -9.36
N PRO D 183 -41.95 24.65 -8.42
CA PRO D 183 -40.73 24.61 -7.65
C PRO D 183 -40.80 23.50 -6.64
N LEU D 184 -39.63 23.11 -6.13
CA LEU D 184 -39.58 22.17 -5.03
C LEU D 184 -40.39 22.77 -3.89
N PRO D 185 -41.02 21.92 -3.06
CA PRO D 185 -41.70 22.38 -1.87
C PRO D 185 -40.76 23.11 -0.94
N GLN D 186 -41.28 24.09 -0.22
CA GLN D 186 -40.45 24.97 0.59
C GLN D 186 -39.71 24.24 1.73
N ARG D 187 -40.27 23.13 2.20
CA ARG D 187 -39.60 22.33 3.23
C ARG D 187 -38.28 21.71 2.75
N PHE D 188 -38.06 21.65 1.44
CA PHE D 188 -36.79 21.18 0.91
C PHE D 188 -35.62 21.98 1.50
N LEU D 189 -35.86 23.27 1.79
CA LEU D 189 -34.81 24.14 2.28
C LEU D 189 -34.36 23.87 3.73
N LEU D 190 -35.02 22.92 4.41
CA LEU D 190 -34.50 22.44 5.68
C LEU D 190 -33.15 21.74 5.52
N HIS D 191 -32.78 21.33 4.32
CA HIS D 191 -31.51 20.66 4.12
C HIS D 191 -30.33 21.48 4.60
N VAL D 192 -30.44 22.80 4.51
CA VAL D 192 -29.33 23.66 4.87
C VAL D 192 -28.98 23.54 6.33
N VAL D 193 -29.96 23.20 7.15
CA VAL D 193 -29.70 22.96 8.57
C VAL D 193 -29.64 21.48 8.96
N ASP D 194 -30.39 20.60 8.27
CA ASP D 194 -30.37 19.17 8.61
C ASP D 194 -29.04 18.50 8.27
N PHE D 195 -28.51 18.78 7.09
CA PHE D 195 -27.37 18.01 6.64
C PHE D 195 -26.09 18.26 7.45
N PRO D 196 -25.82 19.52 7.84
CA PRO D 196 -24.65 19.73 8.72
C PRO D 196 -24.79 19.14 10.11
N MET D 197 -26.02 18.92 10.58
CA MET D 197 -26.28 18.31 11.88
C MET D 197 -26.24 16.77 11.89
N ALA D 198 -26.37 16.14 10.72
CA ALA D 198 -26.45 14.70 10.66
C ALA D 198 -25.17 14.04 11.16
N ASP D 199 -25.30 12.98 11.96
CA ASP D 199 -24.15 12.13 12.27
C ASP D 199 -24.17 10.79 11.55
N LEU D 200 -25.22 10.55 10.77
CA LEU D 200 -25.31 9.37 9.92
C LEU D 200 -26.27 9.70 8.78
N LEU D 201 -25.94 9.27 7.56
CA LEU D 201 -26.84 9.43 6.42
C LEU D 201 -27.22 8.05 5.90
N LEU D 202 -28.53 7.80 5.79
CA LEU D 202 -29.03 6.55 5.20
C LEU D 202 -29.70 6.90 3.88
N ILE D 203 -29.38 6.14 2.84
CA ILE D 203 -29.90 6.36 1.51
C ILE D 203 -30.53 5.05 1.06
N LEU D 204 -31.86 5.06 0.87
CA LEU D 204 -32.59 3.82 0.63
C LEU D 204 -33.39 3.85 -0.66
N GLY D 205 -33.15 2.90 -1.55
CA GLY D 205 -33.98 2.71 -2.73
C GLY D 205 -34.06 3.90 -3.67
N THR D 206 -32.93 4.54 -3.96
CA THR D 206 -32.93 5.62 -4.95
C THR D 206 -31.75 5.51 -5.88
N SER D 207 -31.97 5.82 -7.16
CA SER D 207 -30.88 5.75 -8.13
C SER D 207 -30.04 7.04 -8.14
N LEU D 208 -30.43 8.01 -7.33
CA LEU D 208 -29.65 9.25 -7.16
C LEU D 208 -29.32 9.90 -8.51
N GLU D 209 -30.31 9.93 -9.40
CA GLU D 209 -30.11 10.47 -10.75
C GLU D 209 -30.64 11.90 -10.87
N VAL D 210 -31.61 12.26 -10.04
CA VAL D 210 -32.29 13.54 -10.15
C VAL D 210 -31.73 14.56 -9.17
N GLU D 211 -31.49 15.76 -9.66
CA GLU D 211 -31.02 16.88 -8.86
C GLU D 211 -32.18 17.82 -8.51
N PRO D 212 -32.06 18.57 -7.41
CA PRO D 212 -30.95 18.65 -6.46
C PRO D 212 -30.96 17.56 -5.38
N PHE D 213 -31.93 16.66 -5.42
CA PHE D 213 -32.04 15.61 -4.41
C PHE D 213 -30.74 14.83 -4.33
N ALA D 214 -30.22 14.35 -5.47
CA ALA D 214 -29.05 13.48 -5.46
C ALA D 214 -27.83 14.11 -4.80
N SER D 215 -27.60 15.40 -5.03
CA SER D 215 -26.41 16.09 -4.51
C SER D 215 -26.42 16.32 -2.97
N LEU D 216 -27.58 16.16 -2.35
CA LEU D 216 -27.67 16.22 -0.88
C LEU D 216 -26.73 15.22 -0.21
N THR D 217 -26.45 14.11 -0.88
CA THR D 217 -25.60 13.07 -0.29
C THR D 217 -24.20 13.58 0.00
N GLU D 218 -23.82 14.67 -0.65
CA GLU D 218 -22.52 15.29 -0.42
C GLU D 218 -22.49 16.30 0.72
N ALA D 219 -23.64 16.65 1.27
CA ALA D 219 -23.74 17.79 2.17
C ALA D 219 -23.45 17.44 3.61
N VAL D 220 -23.36 16.15 3.95
CA VAL D 220 -22.94 15.77 5.30
C VAL D 220 -21.46 15.98 5.46
N ARG D 221 -21.04 16.19 6.71
CA ARG D 221 -19.64 16.38 7.04
C ARG D 221 -18.81 15.16 6.65
N SER D 222 -17.51 15.36 6.45
CA SER D 222 -16.68 14.32 5.82
C SER D 222 -16.44 13.08 6.67
N SER D 223 -16.68 13.15 7.98
CA SER D 223 -16.52 11.95 8.81
C SER D 223 -17.84 11.18 9.05
N VAL D 224 -18.90 11.63 8.41
CA VAL D 224 -20.21 11.06 8.66
C VAL D 224 -20.38 9.82 7.78
N PRO D 225 -20.71 8.67 8.40
CA PRO D 225 -20.94 7.51 7.54
C PRO D 225 -22.15 7.72 6.60
N ARG D 226 -22.05 7.19 5.39
CA ARG D 226 -23.17 7.16 4.46
C ARG D 226 -23.45 5.72 4.09
N LEU D 227 -24.63 5.24 4.43
CA LEU D 227 -25.03 3.87 4.20
C LEU D 227 -26.08 3.86 3.10
N LEU D 228 -25.73 3.22 1.98
CA LEU D 228 -26.60 3.09 0.83
C LEU D 228 -27.16 1.66 0.82
N ILE D 229 -28.49 1.55 0.83
CA ILE D 229 -29.17 0.28 0.65
C ILE D 229 -29.97 0.38 -0.64
N ASN D 230 -29.53 -0.35 -1.65
CA ASN D 230 -29.97 -0.11 -3.02
C ASN D 230 -29.48 -1.22 -3.92
N ARG D 231 -30.12 -1.41 -5.08
CA ARG D 231 -29.70 -2.43 -6.04
C ARG D 231 -28.26 -2.23 -6.50
N ASP D 232 -27.86 -0.98 -6.67
CA ASP D 232 -26.53 -0.69 -7.19
C ASP D 232 -25.91 0.59 -6.64
N LEU D 233 -24.59 0.68 -6.81
CA LEU D 233 -23.81 1.81 -6.34
CA LEU D 233 -23.82 1.81 -6.33
C LEU D 233 -24.00 2.95 -7.32
N VAL D 234 -24.53 4.07 -6.85
CA VAL D 234 -25.00 5.15 -7.74
C VAL D 234 -24.63 6.54 -7.29
N GLY D 235 -24.61 7.45 -8.27
CA GLY D 235 -24.55 8.87 -8.00
C GLY D 235 -23.27 9.26 -7.32
N PRO D 236 -23.33 10.28 -6.43
CA PRO D 236 -22.12 10.76 -5.77
C PRO D 236 -21.42 9.73 -4.93
N LEU D 237 -22.15 8.75 -4.41
CA LEU D 237 -21.50 7.66 -3.68
C LEU D 237 -20.58 6.82 -4.58
N ALA D 238 -20.94 6.68 -5.85
CA ALA D 238 -20.09 5.98 -6.78
C ALA D 238 -18.98 6.90 -7.26
N TRP D 239 -19.31 8.15 -7.53
CA TRP D 239 -18.33 9.08 -8.15
C TRP D 239 -17.23 9.54 -7.20
N HIS D 240 -17.61 9.91 -5.97
CA HIS D 240 -16.66 10.41 -4.96
C HIS D 240 -16.91 9.63 -3.67
N PRO D 241 -16.45 8.38 -3.61
CA PRO D 241 -16.66 7.64 -2.36
C PRO D 241 -15.91 8.29 -1.19
N ARG D 242 -16.42 8.08 0.02
CA ARG D 242 -15.77 8.53 1.25
C ARG D 242 -15.42 7.32 2.13
N SER D 243 -14.51 7.55 3.08
CA SER D 243 -13.92 6.49 3.90
CA SER D 243 -13.92 6.49 3.91
CA SER D 243 -13.93 6.46 3.88
C SER D 243 -14.96 5.68 4.66
N ARG D 244 -16.00 6.35 5.14
CA ARG D 244 -16.99 5.69 5.98
C ARG D 244 -18.29 5.35 5.25
N ASP D 245 -18.21 5.27 3.91
CA ASP D 245 -19.36 4.81 3.11
C ASP D 245 -19.53 3.31 3.19
N VAL D 246 -20.79 2.87 3.18
CA VAL D 246 -21.14 1.46 3.13
C VAL D 246 -22.22 1.29 2.08
N ALA D 247 -22.01 0.33 1.18
CA ALA D 247 -23.02 -0.04 0.19
C ALA D 247 -23.51 -1.46 0.44
N GLN D 248 -24.74 -1.58 0.92
CA GLN D 248 -25.43 -2.86 0.99
C GLN D 248 -26.26 -3.03 -0.29
N LEU D 249 -25.67 -3.71 -1.26
CA LEU D 249 -26.29 -3.83 -2.57
C LEU D 249 -27.09 -5.10 -2.70
N GLY D 250 -28.28 -4.96 -3.27
CA GLY D 250 -29.19 -6.06 -3.44
C GLY D 250 -30.59 -5.55 -3.24
N ASP D 251 -31.49 -6.49 -2.99
CA ASP D 251 -32.86 -6.19 -2.65
C ASP D 251 -32.94 -5.22 -1.46
N VAL D 252 -33.66 -4.13 -1.61
CA VAL D 252 -33.79 -3.14 -0.53
C VAL D 252 -34.42 -3.73 0.75
N VAL D 253 -35.52 -4.49 0.61
CA VAL D 253 -36.20 -5.10 1.76
C VAL D 253 -35.24 -6.05 2.49
N HIS D 254 -34.50 -6.83 1.73
CA HIS D 254 -33.53 -7.75 2.31
C HIS D 254 -32.46 -7.02 3.12
N GLY D 255 -31.95 -5.93 2.56
CA GLY D 255 -30.89 -5.17 3.22
C GLY D 255 -31.40 -4.49 4.48
N VAL D 256 -32.62 -3.94 4.43
CA VAL D 256 -33.22 -3.35 5.63
C VAL D 256 -33.52 -4.43 6.68
N GLU D 257 -34.05 -5.58 6.25
CA GLU D 257 -34.28 -6.68 7.19
C GLU D 257 -32.98 -7.09 7.86
N SER D 258 -31.89 -7.10 7.11
CA SER D 258 -30.60 -7.47 7.68
C SER D 258 -30.15 -6.47 8.71
N LEU D 259 -30.36 -5.19 8.40
CA LEU D 259 -29.99 -4.15 9.34
C LEU D 259 -30.80 -4.23 10.64
N VAL D 260 -32.09 -4.50 10.50
CA VAL D 260 -32.99 -4.66 11.64
C VAL D 260 -32.50 -5.79 12.54
N GLU D 261 -32.13 -6.90 11.92
CA GLU D 261 -31.58 -8.04 12.66
C GLU D 261 -30.26 -7.69 13.37
N LEU D 262 -29.34 -7.04 12.66
CA LEU D 262 -28.08 -6.60 13.27
C LEU D 262 -28.27 -5.57 14.40
N LEU D 263 -29.29 -4.74 14.29
CA LEU D 263 -29.60 -3.77 15.34
C LEU D 263 -30.24 -4.42 16.59
N GLY D 264 -30.75 -5.64 16.45
CA GLY D 264 -31.51 -6.31 17.49
C GLY D 264 -32.95 -5.84 17.59
N TRP D 265 -33.51 -5.31 16.49
CA TRP D 265 -34.85 -4.72 16.56
C TRP D 265 -35.96 -5.62 16.02
N THR D 266 -35.64 -6.90 15.82
CA THR D 266 -36.57 -7.77 15.14
C THR D 266 -37.89 -7.85 15.90
N GLU D 267 -37.82 -8.04 17.23
CA GLU D 267 -39.04 -8.18 18.01
C GLU D 267 -39.81 -6.85 18.12
N GLU D 268 -39.08 -5.76 18.34
CA GLU D 268 -39.68 -4.42 18.34
C GLU D 268 -40.40 -4.13 17.05
N MET D 269 -39.81 -4.57 15.95
CA MET D 269 -40.44 -4.39 14.64
CA MET D 269 -40.42 -4.42 14.63
C MET D 269 -41.72 -5.22 14.53
N ARG D 270 -41.66 -6.49 14.95
CA ARG D 270 -42.86 -7.33 14.93
C ARG D 270 -43.99 -6.66 15.68
N ASP D 271 -43.69 -6.15 16.86
CA ASP D 271 -44.70 -5.56 17.72
C ASP D 271 -45.30 -4.28 17.11
N LEU D 272 -44.43 -3.44 16.55
CA LEU D 272 -44.83 -2.23 15.87
C LEU D 272 -45.72 -2.55 14.66
N VAL D 273 -45.27 -3.49 13.84
CA VAL D 273 -45.96 -3.84 12.61
C VAL D 273 -47.37 -4.32 12.88
N GLN D 274 -47.50 -5.24 13.83
CA GLN D 274 -48.81 -5.79 14.13
C GLN D 274 -49.70 -4.71 14.78
N ARG D 275 -49.14 -3.90 15.65
CA ARG D 275 -49.90 -2.83 16.28
C ARG D 275 -50.45 -1.86 15.23
N GLU D 276 -49.61 -1.49 14.26
CA GLU D 276 -50.02 -0.53 13.23
C GLU D 276 -50.98 -1.10 12.20
N THR D 277 -50.69 -2.29 11.69
CA THR D 277 -51.46 -2.91 10.62
C THR D 277 -52.91 -3.18 11.03
N GLY D 278 -53.09 -3.83 12.17
CA GLY D 278 -54.42 -4.09 12.72
C GLY D 278 -54.48 -3.81 14.21
N LYS E 8 34.27 -19.45 -41.07
CA LYS E 8 34.15 -20.13 -42.40
C LYS E 8 34.37 -21.64 -42.30
N LEU E 9 35.55 -22.06 -41.85
CA LEU E 9 35.84 -23.49 -41.68
C LEU E 9 35.06 -24.10 -40.52
N SER E 10 34.59 -25.32 -40.71
CA SER E 10 33.88 -26.09 -39.67
C SER E 10 34.72 -27.25 -39.16
N LEU E 11 34.31 -27.82 -38.05
CA LEU E 11 34.96 -29.02 -37.53
C LEU E 11 34.96 -30.10 -38.61
N GLN E 12 33.84 -30.24 -39.32
CA GLN E 12 33.76 -31.21 -40.40
C GLN E 12 34.78 -30.95 -41.49
N ASP E 13 34.94 -29.68 -41.86
CA ASP E 13 35.94 -29.30 -42.86
C ASP E 13 37.34 -29.76 -42.45
N VAL E 14 37.67 -29.57 -41.17
CA VAL E 14 38.97 -30.00 -40.66
C VAL E 14 39.08 -31.52 -40.74
N ALA E 15 38.03 -32.22 -40.30
CA ALA E 15 38.02 -33.67 -40.41
C ALA E 15 38.26 -34.13 -41.86
N GLU E 16 37.60 -33.50 -42.83
CA GLU E 16 37.77 -33.92 -44.23
C GLU E 16 39.19 -33.64 -44.74
N LEU E 17 39.78 -32.51 -44.33
CA LEU E 17 41.17 -32.21 -44.69
C LEU E 17 42.11 -33.29 -44.22
N ILE E 18 41.90 -33.81 -43.01
CA ILE E 18 42.74 -34.87 -42.48
C ILE E 18 42.51 -36.17 -43.25
N ARG E 19 41.24 -36.50 -43.48
CA ARG E 19 40.88 -37.70 -44.26
C ARG E 19 41.47 -37.67 -45.66
N ALA E 20 41.40 -36.50 -46.31
CA ALA E 20 42.01 -36.30 -47.62
C ALA E 20 43.55 -36.23 -47.56
N ARG E 21 44.12 -36.25 -46.36
CA ARG E 21 45.55 -36.05 -46.16
C ARG E 21 46.07 -34.71 -46.71
N ALA E 22 45.16 -33.75 -46.88
CA ALA E 22 45.53 -32.36 -47.17
C ALA E 22 46.21 -31.75 -45.95
N CYS E 23 45.84 -32.25 -44.76
CA CYS E 23 46.58 -31.99 -43.54
C CYS E 23 47.22 -33.30 -43.11
N GLN E 24 48.54 -33.40 -43.16
CA GLN E 24 49.20 -34.60 -42.63
C GLN E 24 50.45 -34.33 -41.82
N ARG E 25 50.63 -33.09 -41.38
CA ARG E 25 51.72 -32.72 -40.50
C ARG E 25 51.09 -31.89 -39.38
N VAL E 26 50.50 -32.58 -38.42
CA VAL E 26 49.74 -31.91 -37.37
C VAL E 26 50.64 -31.65 -36.19
N VAL E 27 50.64 -30.41 -35.72
CA VAL E 27 51.27 -30.07 -34.45
C VAL E 27 50.16 -29.89 -33.40
N VAL E 28 50.39 -30.44 -32.23
CA VAL E 28 49.40 -30.45 -31.18
C VAL E 28 49.97 -29.80 -29.92
N MET E 29 49.16 -28.95 -29.29
CA MET E 29 49.49 -28.30 -28.03
C MET E 29 48.41 -28.71 -27.03
N VAL E 30 48.82 -29.23 -25.88
CA VAL E 30 47.87 -29.64 -24.85
C VAL E 30 48.26 -29.17 -23.46
N GLY E 31 47.23 -28.97 -22.63
CA GLY E 31 47.39 -28.61 -21.24
C GLY E 31 46.52 -29.42 -20.29
N ALA E 32 46.33 -28.88 -19.09
CA ALA E 32 45.74 -29.62 -17.97
C ALA E 32 44.34 -30.15 -18.26
N GLY E 33 43.60 -29.47 -19.12
CA GLY E 33 42.25 -29.88 -19.44
C GLY E 33 42.12 -31.24 -20.11
N ILE E 34 43.18 -31.73 -20.74
CA ILE E 34 43.10 -33.05 -21.34
C ILE E 34 43.28 -34.18 -20.31
N SER E 35 43.77 -33.86 -19.11
CA SER E 35 44.05 -34.90 -18.12
C SER E 35 43.13 -34.93 -16.90
N THR E 36 42.30 -33.91 -16.73
CA THR E 36 41.34 -33.94 -15.62
C THR E 36 40.36 -35.12 -15.74
N PRO E 37 39.95 -35.50 -16.98
CA PRO E 37 39.13 -36.71 -17.13
C PRO E 37 39.80 -38.01 -16.66
N SER E 38 41.13 -38.03 -16.61
CA SER E 38 41.86 -39.18 -16.08
C SER E 38 41.95 -39.13 -14.55
N GLY E 39 41.38 -38.09 -13.92
CA GLY E 39 41.37 -37.97 -12.46
C GLY E 39 42.65 -37.38 -11.86
N ILE E 40 43.46 -36.74 -12.68
CA ILE E 40 44.67 -36.09 -12.15
C ILE E 40 44.22 -35.03 -11.14
N PRO E 41 44.69 -35.10 -9.88
CA PRO E 41 44.28 -34.09 -8.93
C PRO E 41 45.04 -32.78 -9.13
N ASP E 42 44.40 -31.68 -8.79
CA ASP E 42 45.06 -30.37 -8.84
C ASP E 42 45.57 -30.02 -7.46
N PHE E 43 46.89 -29.94 -7.33
CA PHE E 43 47.51 -29.67 -6.04
C PHE E 43 47.25 -28.23 -5.55
N ARG E 44 46.92 -27.35 -6.50
CA ARG E 44 46.64 -25.94 -6.21
C ARG E 44 45.21 -25.66 -5.72
N SER E 45 44.32 -26.63 -5.92
CA SER E 45 42.89 -26.46 -5.61
C SER E 45 42.55 -26.63 -4.12
N PRO E 46 42.18 -25.53 -3.44
CA PRO E 46 41.92 -25.62 -1.99
C PRO E 46 40.86 -26.64 -1.60
N GLY E 47 41.06 -27.34 -0.49
CA GLY E 47 40.12 -28.34 -0.01
C GLY E 47 40.29 -29.73 -0.62
N SER E 48 40.95 -29.82 -1.78
CA SER E 48 41.25 -31.10 -2.41
CA SER E 48 41.25 -31.10 -2.41
C SER E 48 42.22 -31.86 -1.51
N GLY E 49 42.13 -33.20 -1.52
CA GLY E 49 42.96 -34.03 -0.65
C GLY E 49 44.45 -33.76 -0.74
N LEU E 50 44.94 -33.60 -1.97
CA LEU E 50 46.35 -33.39 -2.18
C LEU E 50 46.78 -32.02 -1.65
N TYR E 51 45.99 -31.00 -2.00
CA TYR E 51 46.18 -29.65 -1.46
C TYR E 51 46.27 -29.70 0.07
N SER E 52 45.27 -30.32 0.71
CA SER E 52 45.25 -30.41 2.18
C SER E 52 46.43 -31.21 2.75
N ASN E 53 46.90 -32.21 2.01
CA ASN E 53 48.09 -32.97 2.37
C ASN E 53 49.32 -32.06 2.37
N LEU E 54 49.46 -31.29 1.30
CA LEU E 54 50.59 -30.37 1.17
C LEU E 54 50.57 -29.24 2.23
N GLN E 55 49.37 -28.82 2.62
CA GLN E 55 49.20 -27.80 3.66
C GLN E 55 49.84 -28.14 4.98
N GLN E 56 49.94 -29.43 5.29
CA GLN E 56 50.50 -29.87 6.58
C GLN E 56 52.02 -29.75 6.70
N TYR E 57 52.70 -29.28 5.66
CA TYR E 57 54.13 -28.99 5.74
C TYR E 57 54.32 -27.49 6.03
N ASP E 58 55.56 -27.02 5.96
CA ASP E 58 55.87 -25.61 6.14
C ASP E 58 56.07 -24.81 4.83
N LEU E 59 55.27 -25.10 3.80
CA LEU E 59 55.40 -24.36 2.55
C LEU E 59 54.81 -22.96 2.75
N PRO E 60 55.46 -21.92 2.22
CA PRO E 60 54.86 -20.58 2.33
C PRO E 60 53.60 -20.45 1.49
N TYR E 61 53.55 -21.13 0.34
CA TYR E 61 52.42 -21.16 -0.58
C TYR E 61 52.59 -22.45 -1.40
N PRO E 62 51.53 -22.89 -2.12
CA PRO E 62 51.67 -24.21 -2.76
C PRO E 62 52.70 -24.27 -3.90
N GLU E 63 52.94 -23.15 -4.57
CA GLU E 63 53.88 -23.09 -5.70
C GLU E 63 55.35 -23.33 -5.26
N ALA E 64 55.61 -23.20 -3.97
CA ALA E 64 56.95 -23.49 -3.45
C ALA E 64 57.39 -24.96 -3.63
N ILE E 65 56.47 -25.87 -3.91
CA ILE E 65 56.89 -27.24 -4.21
C ILE E 65 57.75 -27.30 -5.48
N PHE E 66 57.61 -26.31 -6.36
CA PHE E 66 58.43 -26.20 -7.58
C PHE E 66 59.54 -25.14 -7.48
N GLU E 67 59.93 -24.79 -6.25
CA GLU E 67 61.05 -23.86 -6.04
C GLU E 67 62.23 -24.59 -5.44
N LEU E 68 63.40 -24.35 -6.02
CA LEU E 68 64.61 -25.02 -5.58
C LEU E 68 65.02 -24.66 -4.16
N PRO E 69 64.95 -23.37 -3.80
CA PRO E 69 65.34 -23.08 -2.43
C PRO E 69 64.49 -23.85 -1.40
N PHE E 70 63.19 -23.99 -1.65
CA PHE E 70 62.37 -24.75 -0.73
C PHE E 70 62.71 -26.25 -0.77
N PHE E 71 62.88 -26.78 -1.99
CA PHE E 71 63.22 -28.20 -2.20
C PHE E 71 64.46 -28.63 -1.37
N PHE E 72 65.49 -27.79 -1.37
CA PHE E 72 66.71 -28.13 -0.63
C PHE E 72 66.59 -27.87 0.86
N HIS E 73 65.52 -27.20 1.25
CA HIS E 73 65.16 -27.09 2.66
C HIS E 73 64.38 -28.33 3.09
N ASN E 74 63.41 -28.72 2.28
CA ASN E 74 62.62 -29.93 2.53
C ASN E 74 62.02 -30.46 1.22
N PRO E 75 62.53 -31.60 0.73
CA PRO E 75 62.05 -32.15 -0.53
C PRO E 75 60.80 -33.03 -0.41
N LYS E 76 60.35 -33.28 0.80
CA LYS E 76 59.25 -34.22 1.01
CA LYS E 76 59.24 -34.21 1.03
C LYS E 76 57.92 -33.74 0.41
N PRO E 77 57.62 -32.43 0.49
CA PRO E 77 56.40 -31.99 -0.20
C PRO E 77 56.41 -32.26 -1.71
N PHE E 78 57.49 -31.93 -2.37
CA PHE E 78 57.59 -32.26 -3.77
C PHE E 78 57.45 -33.77 -4.01
N PHE E 79 58.08 -34.58 -3.18
CA PHE E 79 57.95 -36.03 -3.40
C PHE E 79 56.56 -36.59 -3.08
N THR E 80 55.77 -35.86 -2.28
CA THR E 80 54.36 -36.22 -2.08
C THR E 80 53.59 -36.05 -3.37
N LEU E 81 53.85 -34.95 -4.05
CA LEU E 81 53.27 -34.75 -5.37
CA LEU E 81 53.27 -34.75 -5.37
C LEU E 81 53.77 -35.82 -6.34
N ALA E 82 55.08 -36.08 -6.34
CA ALA E 82 55.64 -37.10 -7.23
C ALA E 82 54.97 -38.47 -7.07
N LYS E 83 54.77 -38.87 -5.83
CA LYS E 83 54.12 -40.14 -5.50
C LYS E 83 52.71 -40.16 -6.09
N GLU E 84 52.02 -39.03 -6.01
CA GLU E 84 50.66 -38.95 -6.51
C GLU E 84 50.63 -39.02 -8.04
N LEU E 85 51.51 -38.29 -8.71
CA LEU E 85 51.50 -38.22 -10.19
C LEU E 85 52.34 -39.26 -10.89
N TYR E 86 53.09 -40.07 -10.17
CA TYR E 86 54.07 -40.94 -10.81
C TYR E 86 53.39 -41.81 -11.87
N PRO E 87 54.07 -42.00 -13.02
CA PRO E 87 53.50 -42.76 -14.13
C PRO E 87 53.18 -44.18 -13.71
N GLY E 88 52.02 -44.66 -14.13
CA GLY E 88 51.50 -45.95 -13.69
C GLY E 88 50.35 -45.78 -12.72
N ASN E 89 50.19 -44.60 -12.11
CA ASN E 89 49.09 -44.35 -11.18
C ASN E 89 47.78 -43.96 -11.88
N TYR E 90 47.86 -43.39 -13.08
CA TYR E 90 46.67 -42.97 -13.84
C TYR E 90 46.72 -43.52 -15.25
N LYS E 91 45.54 -43.61 -15.88
CA LYS E 91 45.42 -44.12 -17.23
C LYS E 91 45.11 -42.99 -18.18
N PRO E 92 45.63 -43.09 -19.42
CA PRO E 92 45.23 -42.10 -20.44
C PRO E 92 43.73 -42.20 -20.73
N ASN E 93 43.10 -41.09 -21.10
CA ASN E 93 41.72 -41.08 -21.56
C ASN E 93 41.62 -40.95 -23.09
N VAL E 94 40.39 -40.88 -23.61
CA VAL E 94 40.15 -40.81 -25.06
C VAL E 94 40.98 -39.73 -25.77
N THR E 95 41.23 -38.62 -25.11
CA THR E 95 41.97 -37.53 -25.73
CA THR E 95 41.97 -37.53 -25.73
C THR E 95 43.41 -37.98 -25.99
N HIS E 96 44.01 -38.67 -25.03
CA HIS E 96 45.34 -39.18 -25.25
C HIS E 96 45.38 -40.21 -26.36
N TYR E 97 44.37 -41.06 -26.41
CA TYR E 97 44.36 -42.11 -27.41
C TYR E 97 44.08 -41.56 -28.79
N PHE E 98 43.30 -40.49 -28.86
CA PHE E 98 43.11 -39.79 -30.13
C PHE E 98 44.47 -39.35 -30.68
N LEU E 99 45.31 -38.81 -29.80
CA LEU E 99 46.62 -38.34 -30.20
C LEU E 99 47.53 -39.50 -30.58
N ARG E 100 47.41 -40.62 -29.87
CA ARG E 100 48.10 -41.85 -30.22
C ARG E 100 47.70 -42.31 -31.62
N LEU E 101 46.42 -42.20 -31.94
CA LEU E 101 45.93 -42.61 -33.26
C LEU E 101 46.49 -41.74 -34.37
N LEU E 102 46.50 -40.41 -34.15
CA LEU E 102 47.19 -39.51 -35.06
C LEU E 102 48.62 -39.98 -35.32
N HIS E 103 49.32 -40.36 -34.26
CA HIS E 103 50.69 -40.83 -34.41
C HIS E 103 50.74 -42.12 -35.22
N ASP E 104 49.90 -43.07 -34.87
CA ASP E 104 49.85 -44.36 -35.58
C ASP E 104 49.60 -44.17 -37.07
N LYS E 105 48.81 -43.17 -37.43
CA LYS E 105 48.46 -42.90 -38.83
C LYS E 105 49.46 -42.01 -39.57
N GLY E 106 50.60 -41.72 -38.95
CA GLY E 106 51.64 -40.92 -39.57
C GLY E 106 51.27 -39.46 -39.76
N LEU E 107 50.34 -38.94 -38.95
CA LEU E 107 49.90 -37.54 -39.05
C LEU E 107 50.47 -36.59 -38.00
N LEU E 108 51.04 -37.14 -36.93
CA LEU E 108 51.55 -36.30 -35.85
C LEU E 108 52.99 -35.85 -36.09
N LEU E 109 53.18 -34.56 -36.28
CA LEU E 109 54.52 -33.99 -36.41
C LEU E 109 55.19 -33.89 -35.04
N ARG E 110 54.44 -33.36 -34.09
CA ARG E 110 54.95 -33.18 -32.74
C ARG E 110 53.81 -32.81 -31.81
N LEU E 111 53.95 -33.21 -30.57
CA LEU E 111 52.98 -32.96 -29.51
C LEU E 111 53.65 -32.22 -28.38
N TYR E 112 53.25 -30.97 -28.18
CA TYR E 112 53.82 -30.09 -27.16
C TYR E 112 52.87 -30.12 -25.97
N THR E 113 53.38 -30.49 -24.79
CA THR E 113 52.51 -30.63 -23.63
C THR E 113 53.02 -29.85 -22.43
N GLN E 114 52.10 -29.21 -21.71
CA GLN E 114 52.43 -28.54 -20.45
CA GLN E 114 52.36 -28.50 -20.45
C GLN E 114 52.30 -29.48 -19.26
N ASN E 115 51.74 -30.66 -19.48
CA ASN E 115 51.46 -31.58 -18.39
C ASN E 115 52.69 -32.35 -17.97
N ILE E 116 52.72 -32.73 -16.69
CA ILE E 116 53.79 -33.56 -16.14
C ILE E 116 53.32 -34.99 -15.76
N ASP E 117 52.06 -35.29 -16.06
CA ASP E 117 51.45 -36.58 -15.75
C ASP E 117 51.99 -37.72 -16.60
N GLY E 118 52.70 -37.41 -17.68
CA GLY E 118 53.30 -38.44 -18.50
C GLY E 118 52.33 -39.33 -19.28
N LEU E 119 51.05 -38.95 -19.36
CA LEU E 119 50.05 -39.81 -20.00
C LEU E 119 50.23 -39.90 -21.51
N GLU E 120 50.95 -38.96 -22.12
CA GLU E 120 51.20 -39.05 -23.54
C GLU E 120 52.11 -40.22 -23.85
N ARG E 121 53.17 -40.38 -23.04
CA ARG E 121 54.07 -41.54 -23.16
C ARG E 121 53.34 -42.85 -22.85
N VAL E 122 52.54 -42.83 -21.79
CA VAL E 122 51.79 -44.02 -21.37
C VAL E 122 50.84 -44.46 -22.47
N SER E 123 50.26 -43.52 -23.23
CA SER E 123 49.35 -43.88 -24.33
C SER E 123 50.08 -44.49 -25.52
N GLY E 124 51.41 -44.45 -25.50
CA GLY E 124 52.23 -45.06 -26.53
C GLY E 124 52.78 -44.10 -27.57
N ILE E 125 52.76 -42.80 -27.28
CA ILE E 125 53.40 -41.83 -28.16
C ILE E 125 54.87 -41.80 -27.82
N PRO E 126 55.75 -41.99 -28.83
CA PRO E 126 57.19 -42.01 -28.58
C PRO E 126 57.73 -40.67 -28.10
N ALA E 127 58.72 -40.74 -27.21
CA ALA E 127 59.43 -39.55 -26.74
C ALA E 127 59.88 -38.62 -27.86
N SER E 128 60.30 -39.17 -29.00
CA SER E 128 60.75 -38.34 -30.12
C SER E 128 59.66 -37.41 -30.68
N LYS E 129 58.39 -37.79 -30.49
CA LYS E 129 57.27 -36.97 -30.93
C LYS E 129 56.79 -35.99 -29.86
N LEU E 130 57.37 -36.07 -28.66
CA LEU E 130 56.91 -35.25 -27.57
C LEU E 130 57.87 -34.13 -27.23
N VAL E 131 57.30 -33.00 -26.84
CA VAL E 131 58.05 -31.95 -26.21
C VAL E 131 57.34 -31.68 -24.89
N GLU E 132 57.93 -32.20 -23.82
CA GLU E 132 57.37 -32.10 -22.49
C GLU E 132 57.92 -30.83 -21.85
N ALA E 133 57.17 -29.75 -21.98
CA ALA E 133 57.67 -28.40 -21.72
C ALA E 133 57.85 -28.10 -20.24
N HIS E 134 57.19 -28.87 -19.38
CA HIS E 134 57.36 -28.71 -17.94
C HIS E 134 58.17 -29.85 -17.32
N GLY E 135 58.71 -30.70 -18.18
CA GLY E 135 59.57 -31.77 -17.71
C GLY E 135 58.82 -33.06 -17.53
N THR E 136 59.49 -34.03 -16.94
CA THR E 136 58.98 -35.40 -16.91
C THR E 136 59.42 -36.18 -15.70
N PHE E 137 58.58 -37.15 -15.28
CA PHE E 137 58.98 -38.14 -14.28
C PHE E 137 59.66 -39.37 -14.90
N ALA E 138 59.77 -39.41 -16.23
CA ALA E 138 60.39 -40.54 -16.94
C ALA E 138 61.89 -40.64 -16.69
N SER E 139 62.50 -39.53 -16.26
CA SER E 139 63.92 -39.50 -15.95
C SER E 139 64.19 -38.59 -14.76
N ALA E 140 65.35 -38.80 -14.14
CA ALA E 140 65.74 -38.07 -12.95
C ALA E 140 67.23 -37.80 -12.99
N THR E 141 67.64 -36.84 -12.16
CA THR E 141 69.02 -36.37 -12.12
C THR E 141 69.47 -36.16 -10.68
N CYS E 142 70.61 -36.71 -10.33
CA CYS E 142 71.16 -36.46 -9.00
C CYS E 142 71.48 -34.98 -8.85
N THR E 143 70.99 -34.40 -7.76
CA THR E 143 71.15 -32.97 -7.49
C THR E 143 72.60 -32.59 -7.16
N VAL E 144 73.43 -33.57 -6.82
CA VAL E 144 74.81 -33.30 -6.39
C VAL E 144 75.82 -33.63 -7.49
N CYS E 145 75.77 -34.84 -8.03
CA CYS E 145 76.75 -35.25 -9.04
C CYS E 145 76.27 -35.18 -10.49
N GLN E 146 74.98 -34.86 -10.66
CA GLN E 146 74.34 -34.69 -11.97
C GLN E 146 74.20 -35.99 -12.80
N ARG E 147 74.41 -37.14 -12.17
CA ARG E 147 74.16 -38.39 -12.89
C ARG E 147 72.68 -38.56 -13.25
N PRO E 148 72.40 -38.98 -14.50
CA PRO E 148 71.03 -39.27 -14.92
C PRO E 148 70.59 -40.69 -14.53
N PHE E 149 69.30 -40.82 -14.20
CA PHE E 149 68.72 -42.12 -13.89
C PHE E 149 67.34 -42.23 -14.53
N PRO E 150 66.98 -43.43 -14.99
CA PRO E 150 65.60 -43.60 -15.43
C PRO E 150 64.64 -43.45 -14.25
N GLY E 151 63.46 -42.90 -14.49
CA GLY E 151 62.47 -42.72 -13.45
C GLY E 151 62.11 -43.99 -12.71
N GLU E 152 62.24 -45.12 -13.41
CA GLU E 152 61.99 -46.43 -12.82
C GLU E 152 62.93 -46.75 -11.67
N ASP E 153 64.17 -46.24 -11.74
CA ASP E 153 65.15 -46.50 -10.68
C ASP E 153 64.82 -45.95 -9.30
N ILE E 154 64.02 -44.90 -9.24
CA ILE E 154 63.63 -44.30 -7.97
C ILE E 154 62.16 -44.53 -7.60
N ARG E 155 61.41 -45.26 -8.44
CA ARG E 155 60.00 -45.50 -8.21
C ARG E 155 59.69 -46.05 -6.82
N ALA E 156 60.42 -47.08 -6.43
CA ALA E 156 60.12 -47.78 -5.19
C ALA E 156 60.32 -46.88 -3.97
N ASP E 157 61.33 -46.00 -4.04
CA ASP E 157 61.54 -45.04 -2.98
C ASP E 157 60.41 -44.02 -2.94
N VAL E 158 60.06 -43.53 -4.12
CA VAL E 158 59.01 -42.51 -4.24
C VAL E 158 57.67 -43.07 -3.70
N MET E 159 57.31 -44.27 -4.14
CA MET E 159 56.05 -44.89 -3.70
C MET E 159 56.07 -45.27 -2.20
N ALA E 160 57.26 -45.43 -1.61
CA ALA E 160 57.41 -45.74 -0.19
C ALA E 160 57.71 -44.53 0.73
N ASP E 161 57.58 -43.31 0.21
CA ASP E 161 57.86 -42.08 0.99
C ASP E 161 59.30 -41.97 1.45
N ARG E 162 60.21 -42.50 0.65
CA ARG E 162 61.63 -42.40 0.96
C ARG E 162 62.24 -41.43 -0.04
N VAL E 163 62.95 -40.41 0.44
CA VAL E 163 63.63 -39.48 -0.46
C VAL E 163 64.70 -40.29 -1.20
N PRO E 164 64.62 -40.36 -2.53
CA PRO E 164 65.57 -41.20 -3.28
C PRO E 164 66.97 -40.62 -3.31
N ARG E 165 67.96 -41.48 -3.06
CA ARG E 165 69.32 -41.03 -2.95
C ARG E 165 70.22 -41.72 -3.95
N CYS E 166 71.25 -41.00 -4.38
CA CYS E 166 72.10 -41.44 -5.47
C CYS E 166 72.96 -42.61 -4.98
N PRO E 167 72.99 -43.69 -5.77
CA PRO E 167 73.84 -44.80 -5.37
C PRO E 167 75.33 -44.43 -5.39
N VAL E 168 75.70 -43.35 -6.06
CA VAL E 168 77.10 -42.95 -6.10
C VAL E 168 77.50 -41.99 -4.98
N CYS E 169 76.83 -40.84 -4.90
CA CYS E 169 77.22 -39.81 -3.92
C CYS E 169 76.25 -39.61 -2.74
N THR E 170 75.10 -40.29 -2.80
CA THR E 170 74.02 -40.20 -1.79
C THR E 170 73.19 -38.93 -1.83
N GLY E 171 73.38 -38.08 -2.83
CA GLY E 171 72.56 -36.88 -2.97
C GLY E 171 71.14 -37.24 -3.38
N VAL E 172 70.23 -36.28 -3.20
CA VAL E 172 68.86 -36.49 -3.60
C VAL E 172 68.81 -36.58 -5.12
N VAL E 173 68.12 -37.59 -5.60
CA VAL E 173 67.85 -37.75 -7.02
C VAL E 173 66.48 -37.15 -7.30
N LYS E 174 66.45 -36.15 -8.17
CA LYS E 174 65.24 -35.37 -8.43
C LYS E 174 64.72 -35.63 -9.82
N PRO E 175 63.44 -35.98 -9.93
CA PRO E 175 62.77 -36.11 -11.22
C PRO E 175 62.99 -34.87 -12.08
N ASP E 176 63.11 -35.07 -13.40
CA ASP E 176 63.45 -33.98 -14.32
C ASP E 176 62.22 -33.12 -14.59
N ILE E 177 61.58 -32.68 -13.52
CA ILE E 177 60.50 -31.73 -13.57
C ILE E 177 61.13 -30.33 -13.51
N VAL E 178 60.65 -29.43 -14.36
CA VAL E 178 61.21 -28.07 -14.41
C VAL E 178 60.74 -27.26 -13.21
N PHE E 179 61.67 -26.67 -12.49
CA PHE E 179 61.33 -25.84 -11.35
C PHE E 179 61.37 -24.36 -11.73
N PHE E 180 60.73 -23.53 -10.93
CA PHE E 180 60.75 -22.08 -11.18
C PHE E 180 62.16 -21.55 -11.40
N GLY E 181 62.32 -20.74 -12.44
CA GLY E 181 63.59 -20.12 -12.78
C GLY E 181 64.48 -20.95 -13.69
N GLU E 182 64.19 -22.24 -13.81
CA GLU E 182 65.03 -23.12 -14.59
C GLU E 182 64.71 -22.90 -16.06
N PRO E 183 65.70 -23.18 -16.92
CA PRO E 183 65.45 -22.99 -18.34
C PRO E 183 64.45 -24.04 -18.85
N LEU E 184 63.77 -23.73 -19.93
CA LEU E 184 62.87 -24.69 -20.51
C LEU E 184 63.68 -25.88 -21.02
N PRO E 185 63.05 -27.06 -21.09
CA PRO E 185 63.77 -28.19 -21.66
C PRO E 185 64.34 -27.90 -23.05
N GLN E 186 65.47 -28.51 -23.37
CA GLN E 186 66.15 -28.28 -24.65
C GLN E 186 65.25 -28.53 -25.86
N ARG E 187 64.46 -29.59 -25.80
CA ARG E 187 63.57 -29.97 -26.90
C ARG E 187 62.50 -28.92 -27.23
N PHE E 188 62.26 -27.96 -26.34
CA PHE E 188 61.33 -26.87 -26.61
C PHE E 188 61.71 -26.13 -27.90
N LEU E 189 63.02 -26.03 -28.16
CA LEU E 189 63.50 -25.31 -29.33
C LEU E 189 63.25 -26.02 -30.66
N LEU E 190 62.68 -27.21 -30.62
CA LEU E 190 62.12 -27.81 -31.85
C LEU E 190 60.99 -26.95 -32.46
N HIS E 191 60.42 -26.04 -31.68
CA HIS E 191 59.34 -25.21 -32.21
C HIS E 191 59.75 -24.42 -33.44
N VAL E 192 61.01 -24.02 -33.52
CA VAL E 192 61.48 -23.19 -34.64
C VAL E 192 61.32 -23.92 -35.98
N VAL E 193 61.40 -25.24 -35.97
CA VAL E 193 61.22 -26.02 -37.20
C VAL E 193 59.87 -26.72 -37.30
N ASP E 194 59.26 -27.09 -36.18
CA ASP E 194 57.94 -27.73 -36.22
C ASP E 194 56.82 -26.79 -36.66
N PHE E 195 56.80 -25.58 -36.12
CA PHE E 195 55.65 -24.71 -36.33
C PHE E 195 55.53 -24.18 -37.76
N PRO E 196 56.64 -23.80 -38.42
CA PRO E 196 56.54 -23.47 -39.85
C PRO E 196 56.24 -24.67 -40.77
N MET E 197 56.48 -25.89 -40.29
CA MET E 197 56.22 -27.11 -41.05
C MET E 197 54.77 -27.56 -40.93
N ALA E 198 54.10 -27.17 -39.86
CA ALA E 198 52.76 -27.65 -39.55
C ALA E 198 51.77 -27.29 -40.65
N ASP E 199 50.90 -28.23 -41.01
CA ASP E 199 49.79 -27.90 -41.93
C ASP E 199 48.44 -27.90 -41.20
N LEU E 200 48.50 -28.13 -39.88
CA LEU E 200 47.34 -28.02 -39.01
C LEU E 200 47.84 -27.89 -37.58
N LEU E 201 47.26 -26.96 -36.83
CA LEU E 201 47.53 -26.85 -35.39
C LEU E 201 46.29 -27.23 -34.59
N LEU E 202 46.47 -28.20 -33.68
CA LEU E 202 45.42 -28.54 -32.71
CA LEU E 202 45.43 -28.58 -32.72
C LEU E 202 45.81 -28.12 -31.31
N ILE E 203 44.89 -27.44 -30.65
CA ILE E 203 45.08 -26.95 -29.29
C ILE E 203 43.99 -27.54 -28.42
N LEU E 204 44.37 -28.31 -27.41
CA LEU E 204 43.40 -29.06 -26.60
C LEU E 204 43.59 -28.78 -25.13
N GLY E 205 42.52 -28.34 -24.48
CA GLY E 205 42.47 -28.32 -23.02
C GLY E 205 43.56 -27.48 -22.38
N THR E 206 43.74 -26.27 -22.88
CA THR E 206 44.70 -25.36 -22.24
C THR E 206 44.15 -23.96 -22.23
N SER E 207 44.40 -23.24 -21.13
CA SER E 207 43.92 -21.87 -20.98
C SER E 207 44.83 -20.85 -21.67
N LEU E 208 46.00 -21.30 -22.17
CA LEU E 208 46.94 -20.46 -22.92
C LEU E 208 47.36 -19.19 -22.16
N GLU E 209 47.65 -19.35 -20.88
CA GLU E 209 47.94 -18.23 -20.00
C GLU E 209 49.42 -18.10 -19.65
N VAL E 210 50.23 -19.10 -20.01
CA VAL E 210 51.65 -19.11 -19.67
C VAL E 210 52.53 -19.06 -20.92
N GLU E 211 53.46 -18.11 -20.93
CA GLU E 211 54.44 -17.97 -22.00
C GLU E 211 55.71 -18.70 -21.62
N PRO E 212 56.49 -19.15 -22.61
CA PRO E 212 56.33 -18.94 -24.04
C PRO E 212 55.44 -19.97 -24.75
N PHE E 213 54.89 -20.93 -24.01
CA PHE E 213 54.08 -21.98 -24.62
C PHE E 213 52.89 -21.37 -25.35
N ALA E 214 52.25 -20.38 -24.73
CA ALA E 214 51.00 -19.87 -25.24
C ALA E 214 51.14 -19.25 -26.62
N SER E 215 52.22 -18.52 -26.83
CA SER E 215 52.42 -17.83 -28.09
C SER E 215 52.97 -18.67 -29.23
N LEU E 216 53.23 -19.95 -28.97
CA LEU E 216 53.45 -20.88 -30.08
C LEU E 216 52.24 -20.93 -31.02
N THR E 217 51.04 -20.65 -30.54
CA THR E 217 49.87 -20.67 -31.40
C THR E 217 50.02 -19.70 -32.58
N GLU E 218 50.84 -18.67 -32.42
CA GLU E 218 51.03 -17.68 -33.45
C GLU E 218 52.12 -18.03 -34.49
N ALA E 219 52.84 -19.13 -34.24
CA ALA E 219 54.00 -19.48 -35.07
C ALA E 219 53.63 -20.28 -36.32
N VAL E 220 52.41 -20.78 -36.41
CA VAL E 220 52.00 -21.44 -37.65
C VAL E 220 51.74 -20.38 -38.73
N ARG E 221 51.94 -20.81 -39.98
CA ARG E 221 51.71 -19.95 -41.15
C ARG E 221 50.25 -19.50 -41.24
N SER E 222 50.02 -18.38 -41.89
CA SER E 222 48.72 -17.70 -41.83
C SER E 222 47.57 -18.49 -42.44
N SER E 223 47.87 -19.38 -43.38
CA SER E 223 46.83 -20.19 -44.01
C SER E 223 46.52 -21.50 -43.27
N VAL E 224 47.30 -21.80 -42.24
CA VAL E 224 47.17 -23.06 -41.51
C VAL E 224 45.98 -23.01 -40.55
N PRO E 225 45.05 -23.97 -40.67
CA PRO E 225 43.94 -24.01 -39.70
C PRO E 225 44.44 -24.24 -38.27
N ARG E 226 43.80 -23.57 -37.32
CA ARG E 226 44.05 -23.80 -35.89
C ARG E 226 42.74 -24.22 -35.29
N LEU E 227 42.69 -25.45 -34.77
CA LEU E 227 41.48 -26.00 -34.16
C LEU E 227 41.67 -26.02 -32.66
N LEU E 228 40.85 -25.26 -31.94
CA LEU E 228 40.83 -25.24 -30.49
C LEU E 228 39.68 -26.10 -29.97
N ILE E 229 40.02 -27.06 -29.10
CA ILE E 229 39.02 -27.87 -28.39
C ILE E 229 39.27 -27.65 -26.91
N ASN E 230 38.34 -26.96 -26.30
CA ASN E 230 38.54 -26.31 -25.03
C ASN E 230 37.22 -25.77 -24.56
N ARG E 231 37.12 -25.52 -23.26
CA ARG E 231 35.91 -24.97 -22.66
C ARG E 231 35.61 -23.57 -23.21
N ASP E 232 36.65 -22.78 -23.44
CA ASP E 232 36.47 -21.41 -23.92
C ASP E 232 37.54 -20.95 -24.87
N LEU E 233 37.24 -19.86 -25.58
CA LEU E 233 38.18 -19.24 -26.52
C LEU E 233 39.08 -18.33 -25.70
N VAL E 234 40.39 -18.61 -25.74
CA VAL E 234 41.34 -18.03 -24.81
C VAL E 234 42.67 -17.61 -25.42
N GLY E 235 43.32 -16.69 -24.70
CA GLY E 235 44.71 -16.34 -24.97
C GLY E 235 44.87 -15.78 -26.36
N PRO E 236 46.00 -16.12 -27.02
CA PRO E 236 46.26 -15.58 -28.33
C PRO E 236 45.25 -15.97 -29.37
N LEU E 237 44.54 -17.08 -29.18
CA LEU E 237 43.50 -17.42 -30.14
C LEU E 237 42.32 -16.48 -30.06
N ALA E 238 42.04 -15.97 -28.86
CA ALA E 238 40.98 -14.96 -28.69
C ALA E 238 41.48 -13.58 -29.08
N TRP E 239 42.72 -13.25 -28.70
CA TRP E 239 43.25 -11.90 -28.90
C TRP E 239 43.61 -11.63 -30.37
N HIS E 240 44.18 -12.63 -31.04
CA HIS E 240 44.61 -12.53 -32.43
C HIS E 240 44.00 -13.68 -33.24
N PRO E 241 42.69 -13.63 -33.49
CA PRO E 241 42.05 -14.70 -34.26
C PRO E 241 42.44 -14.62 -35.72
N ARG E 242 42.35 -15.75 -36.42
CA ARG E 242 42.65 -15.83 -37.84
C ARG E 242 41.47 -16.46 -38.57
N SER E 243 41.44 -16.27 -39.87
CA SER E 243 40.30 -16.68 -40.69
CA SER E 243 40.29 -16.66 -40.68
C SER E 243 40.06 -18.17 -40.70
N ARG E 244 41.12 -18.97 -40.57
CA ARG E 244 40.99 -20.41 -40.61
C ARG E 244 41.02 -21.05 -39.19
N ASP E 245 40.69 -20.27 -38.18
CA ASP E 245 40.48 -20.81 -36.85
C ASP E 245 39.12 -21.48 -36.72
N VAL E 246 39.09 -22.62 -36.01
CA VAL E 246 37.86 -23.31 -35.70
C VAL E 246 37.88 -23.53 -34.20
N ALA E 247 36.80 -23.16 -33.53
CA ALA E 247 36.67 -23.41 -32.10
C ALA E 247 35.58 -24.45 -31.89
N GLN E 248 35.89 -25.50 -31.13
CA GLN E 248 34.88 -26.44 -30.72
C GLN E 248 34.82 -26.29 -29.21
N LEU E 249 33.91 -25.42 -28.77
CA LEU E 249 33.88 -25.01 -27.38
C LEU E 249 32.98 -25.89 -26.58
N GLY E 250 33.47 -26.26 -25.40
CA GLY E 250 32.77 -27.14 -24.48
C GLY E 250 33.74 -28.11 -23.84
N ASP E 251 33.18 -29.17 -23.28
CA ASP E 251 33.93 -30.24 -22.66
C ASP E 251 34.96 -30.82 -23.64
N VAL E 252 36.20 -30.99 -23.22
CA VAL E 252 37.25 -31.46 -24.14
C VAL E 252 36.95 -32.86 -24.69
N VAL E 253 36.51 -33.78 -23.82
CA VAL E 253 36.20 -35.14 -24.24
C VAL E 253 35.12 -35.17 -25.32
N HIS E 254 34.05 -34.39 -25.13
CA HIS E 254 32.95 -34.32 -26.11
C HIS E 254 33.46 -33.80 -27.45
N GLY E 255 34.30 -32.77 -27.42
CA GLY E 255 34.86 -32.20 -28.63
C GLY E 255 35.70 -33.21 -29.38
N VAL E 256 36.55 -33.91 -28.66
CA VAL E 256 37.41 -34.92 -29.27
C VAL E 256 36.56 -36.07 -29.82
N GLU E 257 35.56 -36.51 -29.06
CA GLU E 257 34.66 -37.57 -29.55
C GLU E 257 33.94 -37.21 -30.85
N SER E 258 33.52 -35.95 -30.96
CA SER E 258 32.88 -35.47 -32.19
C SER E 258 33.82 -35.51 -33.36
N LEU E 259 35.04 -34.99 -33.17
CA LEU E 259 36.04 -35.02 -34.21
C LEU E 259 36.39 -36.46 -34.62
N VAL E 260 36.47 -37.35 -33.65
CA VAL E 260 36.75 -38.76 -33.92
C VAL E 260 35.62 -39.35 -34.80
N GLU E 261 34.38 -38.96 -34.51
CA GLU E 261 33.22 -39.42 -35.28
C GLU E 261 33.28 -38.92 -36.73
N LEU E 262 33.55 -37.64 -36.91
CA LEU E 262 33.68 -37.05 -38.24
C LEU E 262 34.83 -37.63 -39.05
N LEU E 263 35.91 -38.02 -38.38
CA LEU E 263 37.04 -38.67 -39.04
C LEU E 263 36.73 -40.11 -39.42
N GLY E 264 35.71 -40.68 -38.79
CA GLY E 264 35.32 -42.06 -39.01
C GLY E 264 36.21 -43.01 -38.23
N TRP E 265 36.75 -42.55 -37.11
CA TRP E 265 37.73 -43.32 -36.34
C TRP E 265 37.13 -43.96 -35.08
N THR E 266 35.81 -43.86 -34.91
CA THR E 266 35.18 -44.28 -33.65
C THR E 266 35.46 -45.72 -33.26
N GLU E 267 35.24 -46.62 -34.21
CA GLU E 267 35.45 -48.04 -33.98
C GLU E 267 36.93 -48.34 -33.76
N GLU E 268 37.78 -47.72 -34.57
CA GLU E 268 39.22 -47.88 -34.43
C GLU E 268 39.75 -47.37 -33.07
N MET E 269 39.18 -46.26 -32.60
CA MET E 269 39.45 -45.75 -31.25
C MET E 269 39.05 -46.78 -30.18
N ARG E 270 37.81 -47.26 -30.28
CA ARG E 270 37.28 -48.25 -29.34
C ARG E 270 38.22 -49.45 -29.21
N ASP E 271 38.70 -49.94 -30.35
CA ASP E 271 39.61 -51.07 -30.36
C ASP E 271 40.91 -50.72 -29.66
N LEU E 272 41.47 -49.59 -30.05
CA LEU E 272 42.72 -49.09 -29.46
C LEU E 272 42.58 -48.96 -27.95
N VAL E 273 41.51 -48.33 -27.48
CA VAL E 273 41.31 -48.11 -26.04
C VAL E 273 41.24 -49.44 -25.30
N GLN E 274 40.46 -50.38 -25.82
CA GLN E 274 40.34 -51.71 -25.20
C GLN E 274 41.71 -52.40 -25.15
N ARG E 275 42.39 -52.39 -26.29
CA ARG E 275 43.70 -53.02 -26.41
C ARG E 275 44.74 -52.40 -25.45
N GLU E 276 44.69 -51.08 -25.28
CA GLU E 276 45.65 -50.38 -24.42
C GLU E 276 45.23 -50.41 -22.97
N THR E 277 43.95 -50.17 -22.71
CA THR E 277 43.47 -50.13 -21.33
C THR E 277 43.58 -51.50 -20.63
N GLY E 278 43.49 -52.58 -21.41
CA GLY E 278 43.68 -53.93 -20.87
C GLY E 278 45.05 -54.17 -20.27
N LYS F 8 -50.87 -9.73 -34.31
CA LYS F 8 -51.15 -9.81 -35.77
C LYS F 8 -49.85 -10.16 -36.52
N LEU F 9 -49.02 -9.17 -36.86
CA LEU F 9 -47.80 -9.44 -37.65
C LEU F 9 -46.75 -10.13 -36.81
N SER F 10 -46.05 -11.07 -37.45
CA SER F 10 -44.93 -11.75 -36.82
C SER F 10 -43.64 -11.21 -37.41
N LEU F 11 -42.53 -11.56 -36.79
CA LEU F 11 -41.21 -11.25 -37.35
C LEU F 11 -41.09 -11.81 -38.76
N GLN F 12 -41.60 -13.03 -38.94
CA GLN F 12 -41.59 -13.65 -40.25
C GLN F 12 -42.38 -12.83 -41.26
N ASP F 13 -43.53 -12.30 -40.86
CA ASP F 13 -44.31 -11.48 -41.79
C ASP F 13 -43.52 -10.26 -42.26
N VAL F 14 -42.76 -9.67 -41.35
CA VAL F 14 -41.98 -8.49 -41.67
C VAL F 14 -40.86 -8.85 -42.67
N ALA F 15 -40.17 -9.96 -42.43
CA ALA F 15 -39.16 -10.45 -43.36
C ALA F 15 -39.76 -10.64 -44.76
N GLU F 16 -40.98 -11.15 -44.81
CA GLU F 16 -41.67 -11.36 -46.09
C GLU F 16 -42.15 -10.07 -46.77
N LEU F 17 -42.52 -9.06 -45.98
CA LEU F 17 -42.85 -7.75 -46.55
C LEU F 17 -41.63 -7.13 -47.22
N ILE F 18 -40.46 -7.42 -46.66
CA ILE F 18 -39.22 -6.86 -47.16
C ILE F 18 -38.86 -7.54 -48.48
N ARG F 19 -38.93 -8.85 -48.51
CA ARG F 19 -38.68 -9.61 -49.74
C ARG F 19 -39.80 -9.42 -50.78
N ALA F 20 -41.04 -9.27 -50.34
CA ALA F 20 -42.14 -8.94 -51.25
C ALA F 20 -42.13 -7.49 -51.76
N ARG F 21 -41.13 -6.69 -51.35
CA ARG F 21 -41.01 -5.28 -51.74
C ARG F 21 -42.09 -4.37 -51.16
N ALA F 22 -42.92 -4.90 -50.26
CA ALA F 22 -43.93 -4.11 -49.61
C ALA F 22 -43.24 -3.06 -48.74
N CYS F 23 -42.09 -3.41 -48.19
CA CYS F 23 -41.28 -2.48 -47.40
C CYS F 23 -39.91 -2.35 -48.04
N GLN F 24 -39.62 -1.20 -48.61
CA GLN F 24 -38.26 -0.95 -49.09
C GLN F 24 -37.70 0.44 -48.75
N ARG F 25 -38.37 1.15 -47.85
CA ARG F 25 -37.91 2.43 -47.33
C ARG F 25 -37.94 2.36 -45.79
N VAL F 26 -36.83 1.90 -45.22
CA VAL F 26 -36.76 1.58 -43.80
C VAL F 26 -36.06 2.70 -43.04
N VAL F 27 -36.72 3.20 -42.01
CA VAL F 27 -36.08 4.11 -41.07
C VAL F 27 -35.77 3.33 -39.82
N VAL F 28 -34.58 3.56 -39.27
CA VAL F 28 -34.11 2.80 -38.13
C VAL F 28 -33.76 3.79 -37.01
N MET F 29 -34.13 3.43 -35.79
CA MET F 29 -33.77 4.17 -34.58
C MET F 29 -33.03 3.22 -33.65
N VAL F 30 -31.84 3.62 -33.22
CA VAL F 30 -31.04 2.78 -32.34
C VAL F 30 -30.55 3.52 -31.10
N GLY F 31 -30.33 2.78 -30.02
CA GLY F 31 -29.71 3.34 -28.83
C GLY F 31 -28.62 2.44 -28.24
N ALA F 32 -28.33 2.65 -26.97
CA ALA F 32 -27.19 2.03 -26.30
C ALA F 32 -27.21 0.50 -26.33
N GLY F 33 -28.41 -0.08 -26.33
CA GLY F 33 -28.57 -1.51 -26.39
C GLY F 33 -27.94 -2.22 -27.56
N ILE F 34 -27.78 -1.54 -28.67
CA ILE F 34 -27.13 -2.18 -29.81
C ILE F 34 -25.62 -2.29 -29.69
N SER F 35 -25.01 -1.50 -28.80
CA SER F 35 -23.56 -1.48 -28.71
CA SER F 35 -23.54 -1.41 -28.67
C SER F 35 -22.97 -2.16 -27.46
N THR F 36 -23.83 -2.52 -26.50
CA THR F 36 -23.42 -3.38 -25.39
C THR F 36 -22.58 -4.58 -25.86
N PRO F 37 -23.04 -5.30 -26.91
CA PRO F 37 -22.28 -6.48 -27.34
C PRO F 37 -20.87 -6.17 -27.88
N SER F 38 -20.64 -4.94 -28.31
CA SER F 38 -19.30 -4.52 -28.71
C SER F 38 -18.40 -4.11 -27.52
N GLY F 39 -18.95 -4.10 -26.31
CA GLY F 39 -18.21 -3.78 -25.09
C GLY F 39 -17.99 -2.28 -24.85
N ILE F 40 -18.82 -1.43 -25.45
CA ILE F 40 -18.65 0.02 -25.26
C ILE F 40 -18.89 0.37 -23.79
N PRO F 41 -17.92 1.05 -23.14
CA PRO F 41 -18.11 1.46 -21.75
C PRO F 41 -18.97 2.71 -21.64
N ASP F 42 -19.87 2.74 -20.66
CA ASP F 42 -20.70 3.91 -20.39
C ASP F 42 -19.93 4.81 -19.43
N PHE F 43 -19.66 6.05 -19.85
CA PHE F 43 -18.89 6.99 -19.03
C PHE F 43 -19.53 7.30 -17.65
N ARG F 44 -20.83 7.05 -17.51
CA ARG F 44 -21.54 7.34 -16.26
C ARG F 44 -21.55 6.14 -15.31
N SER F 45 -21.18 4.95 -15.79
CA SER F 45 -21.37 3.71 -15.03
C SER F 45 -20.09 3.28 -14.34
N PRO F 46 -20.15 3.06 -13.00
CA PRO F 46 -18.98 2.57 -12.28
C PRO F 46 -18.57 1.20 -12.80
N GLY F 47 -17.28 0.90 -12.75
CA GLY F 47 -16.81 -0.44 -13.10
C GLY F 47 -15.74 -0.49 -14.18
N SER F 48 -15.78 0.45 -15.12
CA SER F 48 -14.87 0.38 -16.27
C SER F 48 -13.59 1.14 -16.04
N GLY F 49 -12.61 0.84 -16.87
CA GLY F 49 -11.36 1.58 -16.89
C GLY F 49 -11.63 3.06 -17.17
N LEU F 50 -12.57 3.32 -18.07
CA LEU F 50 -12.93 4.68 -18.44
C LEU F 50 -13.44 5.49 -17.25
N TYR F 51 -14.47 4.98 -16.59
CA TYR F 51 -15.06 5.65 -15.42
C TYR F 51 -13.98 5.90 -14.37
N SER F 52 -13.18 4.88 -14.09
CA SER F 52 -12.06 5.02 -13.19
C SER F 52 -11.05 6.10 -13.63
N ASN F 53 -10.72 6.15 -14.91
CA ASN F 53 -9.81 7.19 -15.40
C ASN F 53 -10.40 8.59 -15.30
N LEU F 54 -11.69 8.71 -15.59
CA LEU F 54 -12.36 9.99 -15.49
C LEU F 54 -12.42 10.47 -14.04
N GLN F 55 -12.49 9.52 -13.10
CA GLN F 55 -12.46 9.84 -11.67
C GLN F 55 -11.17 10.54 -11.23
N GLN F 56 -10.07 10.30 -11.94
CA GLN F 56 -8.78 10.90 -11.58
C GLN F 56 -8.77 12.42 -11.69
N TYR F 57 -9.68 12.98 -12.48
CA TYR F 57 -9.75 14.42 -12.64
C TYR F 57 -10.60 15.10 -11.58
N ASP F 58 -10.45 16.41 -11.50
CA ASP F 58 -11.28 17.23 -10.64
C ASP F 58 -12.60 17.54 -11.34
N LEU F 59 -13.57 16.64 -11.19
CA LEU F 59 -14.89 16.83 -11.79
C LEU F 59 -15.95 16.60 -10.73
N PRO F 60 -16.99 17.44 -10.70
CA PRO F 60 -18.04 17.25 -9.70
C PRO F 60 -18.92 16.04 -9.99
N TYR F 61 -19.01 15.63 -11.25
CA TYR F 61 -19.81 14.46 -11.66
C TYR F 61 -19.43 14.12 -13.09
N PRO F 62 -19.71 12.90 -13.54
CA PRO F 62 -19.23 12.50 -14.87
C PRO F 62 -19.78 13.34 -16.03
N GLU F 63 -21.00 13.85 -15.88
CA GLU F 63 -21.64 14.67 -16.92
C GLU F 63 -20.85 15.95 -17.24
N ALA F 64 -20.03 16.43 -16.31
CA ALA F 64 -19.24 17.65 -16.52
C ALA F 64 -18.33 17.57 -17.75
N ILE F 65 -17.96 16.36 -18.18
CA ILE F 65 -17.12 16.23 -19.38
C ILE F 65 -17.87 16.65 -20.65
N PHE F 66 -19.19 16.75 -20.57
CA PHE F 66 -20.00 17.27 -21.68
C PHE F 66 -20.48 18.70 -21.43
N GLU F 67 -19.84 19.40 -20.51
CA GLU F 67 -20.22 20.79 -20.22
C GLU F 67 -19.13 21.73 -20.75
N LEU F 68 -19.54 22.73 -21.50
CA LEU F 68 -18.59 23.63 -22.14
C LEU F 68 -17.77 24.45 -21.14
N PRO F 69 -18.38 24.91 -20.04
CA PRO F 69 -17.55 25.67 -19.09
C PRO F 69 -16.44 24.82 -18.51
N PHE F 70 -16.67 23.53 -18.30
CA PHE F 70 -15.60 22.64 -17.84
C PHE F 70 -14.57 22.39 -18.93
N PHE F 71 -15.04 22.17 -20.16
CA PHE F 71 -14.17 21.91 -21.27
C PHE F 71 -13.18 23.06 -21.49
N PHE F 72 -13.66 24.29 -21.43
CA PHE F 72 -12.78 25.44 -21.65
C PHE F 72 -11.91 25.79 -20.46
N HIS F 73 -12.21 25.19 -19.30
CA HIS F 73 -11.32 25.30 -18.16
C HIS F 73 -10.26 24.21 -18.25
N ASN F 74 -10.69 22.98 -18.53
CA ASN F 74 -9.75 21.88 -18.73
C ASN F 74 -10.37 20.85 -19.68
N PRO F 75 -9.85 20.78 -20.92
CA PRO F 75 -10.43 19.84 -21.88
C PRO F 75 -9.94 18.40 -21.76
N LYS F 76 -8.99 18.13 -20.88
CA LYS F 76 -8.38 16.80 -20.83
C LYS F 76 -9.31 15.65 -20.45
N PRO F 77 -10.23 15.85 -19.48
CA PRO F 77 -11.22 14.79 -19.21
C PRO F 77 -12.02 14.38 -20.43
N PHE F 78 -12.50 15.36 -21.19
CA PHE F 78 -13.23 15.05 -22.42
C PHE F 78 -12.35 14.26 -23.38
N PHE F 79 -11.09 14.67 -23.53
CA PHE F 79 -10.21 13.94 -24.46
C PHE F 79 -9.84 12.55 -23.98
N THR F 80 -9.96 12.29 -22.69
CA THR F 80 -9.80 10.93 -22.18
C THR F 80 -10.97 10.06 -22.67
N LEU F 81 -12.16 10.63 -22.72
CA LEU F 81 -13.29 9.93 -23.28
C LEU F 81 -13.05 9.71 -24.75
N ALA F 82 -12.63 10.76 -25.44
CA ALA F 82 -12.39 10.65 -26.87
C ALA F 82 -11.40 9.56 -27.20
N LYS F 83 -10.30 9.51 -26.45
CA LYS F 83 -9.28 8.50 -26.67
C LYS F 83 -9.85 7.09 -26.52
N GLU F 84 -10.71 6.89 -25.53
CA GLU F 84 -11.30 5.57 -25.30
C GLU F 84 -12.23 5.14 -26.44
N LEU F 85 -13.05 6.09 -26.93
CA LEU F 85 -14.10 5.78 -27.89
C LEU F 85 -13.74 6.04 -29.34
N TYR F 86 -12.53 6.55 -29.57
CA TYR F 86 -12.11 6.92 -30.92
C TYR F 86 -12.28 5.75 -31.91
N PRO F 87 -12.65 6.06 -33.17
CA PRO F 87 -12.84 5.01 -34.18
C PRO F 87 -11.71 4.00 -34.21
N GLY F 88 -12.06 2.71 -34.29
CA GLY F 88 -11.07 1.65 -34.40
C GLY F 88 -10.68 1.00 -33.10
N ASN F 89 -11.12 1.55 -31.96
CA ASN F 89 -10.85 0.91 -30.67
C ASN F 89 -11.88 -0.21 -30.32
N TYR F 90 -13.09 -0.09 -30.84
CA TYR F 90 -14.11 -1.10 -30.62
C TYR F 90 -14.65 -1.54 -31.97
N LYS F 91 -15.28 -2.71 -31.98
CA LYS F 91 -15.71 -3.32 -33.22
C LYS F 91 -17.20 -3.30 -33.35
N PRO F 92 -17.71 -2.98 -34.56
CA PRO F 92 -19.14 -3.11 -34.76
C PRO F 92 -19.55 -4.57 -34.54
N ASN F 93 -20.81 -4.79 -34.24
CA ASN F 93 -21.31 -6.15 -34.03
C ASN F 93 -22.36 -6.46 -35.09
N VAL F 94 -22.94 -7.65 -35.03
CA VAL F 94 -23.90 -8.07 -36.05
C VAL F 94 -25.04 -7.05 -36.26
N THR F 95 -25.49 -6.37 -35.22
CA THR F 95 -26.55 -5.39 -35.37
CA THR F 95 -26.56 -5.39 -35.39
C THR F 95 -26.09 -4.26 -36.31
N HIS F 96 -24.88 -3.74 -36.09
CA HIS F 96 -24.33 -2.73 -36.99
C HIS F 96 -24.25 -3.25 -38.42
N TYR F 97 -23.77 -4.48 -38.61
CA TYR F 97 -23.62 -4.99 -39.98
C TYR F 97 -24.94 -5.28 -40.67
N PHE F 98 -25.96 -5.61 -39.89
CA PHE F 98 -27.31 -5.76 -40.42
C PHE F 98 -27.74 -4.45 -41.03
N LEU F 99 -27.49 -3.37 -40.29
CA LEU F 99 -27.84 -2.04 -40.76
C LEU F 99 -27.03 -1.67 -42.01
N ARG F 100 -25.76 -2.05 -42.04
CA ARG F 100 -24.93 -1.85 -43.23
C ARG F 100 -25.50 -2.63 -44.44
N LEU F 101 -26.03 -3.83 -44.20
CA LEU F 101 -26.62 -4.61 -45.30
CA LEU F 101 -26.64 -4.63 -45.28
C LEU F 101 -27.90 -3.95 -45.82
N LEU F 102 -28.70 -3.40 -44.91
CA LEU F 102 -29.89 -2.66 -45.35
C LEU F 102 -29.44 -1.57 -46.29
N HIS F 103 -28.37 -0.89 -45.88
CA HIS F 103 -27.83 0.19 -46.66
C HIS F 103 -27.38 -0.32 -48.04
N ASP F 104 -26.60 -1.39 -48.06
CA ASP F 104 -26.09 -1.95 -49.32
C ASP F 104 -27.18 -2.41 -50.28
N LYS F 105 -28.31 -2.85 -49.72
CA LYS F 105 -29.44 -3.32 -50.53
C LYS F 105 -30.38 -2.19 -50.96
N GLY F 106 -30.06 -0.96 -50.59
CA GLY F 106 -30.86 0.20 -50.96
C GLY F 106 -32.16 0.32 -50.20
N LEU F 107 -32.24 -0.32 -49.03
CA LEU F 107 -33.45 -0.31 -48.22
C LEU F 107 -33.41 0.70 -47.07
N LEU F 108 -32.25 1.27 -46.78
CA LEU F 108 -32.08 2.16 -45.65
C LEU F 108 -32.32 3.61 -46.04
N LEU F 109 -33.41 4.16 -45.55
CA LEU F 109 -33.70 5.58 -45.75
C LEU F 109 -32.82 6.43 -44.84
N ARG F 110 -32.81 6.08 -43.56
CA ARG F 110 -31.99 6.81 -42.58
C ARG F 110 -31.88 6.02 -41.31
N LEU F 111 -30.74 6.21 -40.64
CA LEU F 111 -30.44 5.58 -39.37
CA LEU F 111 -30.44 5.59 -39.36
C LEU F 111 -30.27 6.68 -38.32
N TYR F 112 -31.20 6.75 -37.38
CA TYR F 112 -31.15 7.73 -36.27
C TYR F 112 -30.51 7.06 -35.06
N THR F 113 -29.40 7.61 -34.58
CA THR F 113 -28.72 6.98 -33.45
C THR F 113 -28.53 7.95 -32.28
N GLN F 114 -28.74 7.41 -31.08
CA GLN F 114 -28.42 8.07 -29.83
C GLN F 114 -26.97 7.91 -29.39
N ASN F 115 -26.23 7.02 -30.03
CA ASN F 115 -24.92 6.62 -29.54
C ASN F 115 -23.82 7.52 -29.99
N ILE F 116 -22.75 7.56 -29.20
CA ILE F 116 -21.55 8.32 -29.60
C ILE F 116 -20.38 7.40 -29.88
N ASP F 117 -20.64 6.10 -29.89
CA ASP F 117 -19.57 5.11 -30.23
C ASP F 117 -19.10 5.15 -31.71
N GLY F 118 -19.87 5.79 -32.59
CA GLY F 118 -19.54 5.90 -34.00
C GLY F 118 -19.43 4.59 -34.77
N LEU F 119 -20.01 3.51 -34.22
CA LEU F 119 -19.87 2.19 -34.85
C LEU F 119 -20.70 2.05 -36.13
N GLU F 120 -21.72 2.87 -36.30
CA GLU F 120 -22.49 2.87 -37.54
C GLU F 120 -21.59 3.28 -38.71
N ARG F 121 -20.87 4.38 -38.57
CA ARG F 121 -19.89 4.77 -39.59
C ARG F 121 -18.76 3.79 -39.74
N VAL F 122 -18.25 3.28 -38.63
CA VAL F 122 -17.14 2.32 -38.70
C VAL F 122 -17.59 1.10 -39.51
N SER F 123 -18.86 0.74 -39.39
CA SER F 123 -19.39 -0.40 -40.13
C SER F 123 -19.52 -0.14 -41.65
N GLY F 124 -19.33 1.10 -42.06
CA GLY F 124 -19.31 1.49 -43.47
C GLY F 124 -20.58 2.20 -43.95
N ILE F 125 -21.49 2.51 -43.05
CA ILE F 125 -22.65 3.30 -43.43
C ILE F 125 -22.23 4.78 -43.61
N PRO F 126 -22.51 5.35 -44.78
CA PRO F 126 -22.09 6.73 -45.06
C PRO F 126 -22.72 7.70 -44.08
N ALA F 127 -22.01 8.79 -43.78
CA ALA F 127 -22.55 9.80 -42.87
C ALA F 127 -23.89 10.33 -43.37
N SER F 128 -24.07 10.44 -44.69
CA SER F 128 -25.31 10.97 -45.24
C SER F 128 -26.56 10.17 -44.83
N LYS F 129 -26.38 8.89 -44.49
CA LYS F 129 -27.49 8.05 -44.06
C LYS F 129 -27.75 8.09 -42.57
N LEU F 130 -26.96 8.87 -41.84
CA LEU F 130 -26.98 8.85 -40.39
C LEU F 130 -27.50 10.16 -39.84
N VAL F 131 -28.31 10.08 -38.79
CA VAL F 131 -28.56 11.24 -37.96
C VAL F 131 -28.03 10.89 -36.60
N GLU F 132 -26.88 11.47 -36.28
CA GLU F 132 -26.21 11.25 -35.01
C GLU F 132 -26.64 12.32 -34.00
N ALA F 133 -27.60 11.95 -33.16
CA ALA F 133 -28.26 12.93 -32.30
C ALA F 133 -27.36 13.53 -31.25
N HIS F 134 -26.31 12.79 -30.89
CA HIS F 134 -25.35 13.26 -29.91
C HIS F 134 -23.99 13.58 -30.52
N GLY F 135 -23.94 13.62 -31.85
CA GLY F 135 -22.72 13.93 -32.54
C GLY F 135 -21.81 12.73 -32.74
N THR F 136 -20.56 13.03 -33.00
CA THR F 136 -19.61 12.02 -33.40
C THR F 136 -18.15 12.45 -33.14
N PHE F 137 -17.31 11.45 -32.93
CA PHE F 137 -15.85 11.61 -32.89
C PHE F 137 -15.22 11.53 -34.29
N ALA F 138 -16.01 11.27 -35.31
CA ALA F 138 -15.47 11.05 -36.64
C ALA F 138 -15.11 12.34 -37.33
N SER F 139 -15.51 13.47 -36.74
CA SER F 139 -15.18 14.78 -37.29
C SER F 139 -15.02 15.75 -36.11
N ALA F 140 -14.30 16.83 -36.36
CA ALA F 140 -14.02 17.80 -35.34
C ALA F 140 -14.04 19.20 -35.92
N THR F 141 -14.05 20.20 -35.05
CA THR F 141 -14.17 21.59 -35.45
C THR F 141 -13.29 22.43 -34.54
N CYS F 142 -12.51 23.32 -35.12
CA CYS F 142 -11.70 24.23 -34.34
C CYS F 142 -12.61 25.13 -33.57
N THR F 143 -12.35 25.25 -32.28
CA THR F 143 -13.18 26.04 -31.38
C THR F 143 -13.07 27.54 -31.61
N VAL F 144 -11.96 27.96 -32.24
CA VAL F 144 -11.70 29.37 -32.52
C VAL F 144 -12.11 29.78 -33.95
N CYS F 145 -11.53 29.15 -34.97
CA CYS F 145 -11.77 29.56 -36.36
C CYS F 145 -12.83 28.73 -37.11
N GLN F 146 -13.38 27.71 -36.45
CA GLN F 146 -14.44 26.87 -37.00
C GLN F 146 -14.05 26.00 -38.19
N ARG F 147 -12.75 25.85 -38.46
CA ARG F 147 -12.30 24.94 -39.51
C ARG F 147 -12.75 23.51 -39.16
N PRO F 148 -13.41 22.82 -40.10
CA PRO F 148 -13.74 21.42 -39.88
C PRO F 148 -12.55 20.49 -40.18
N PHE F 149 -12.45 19.38 -39.43
CA PHE F 149 -11.40 18.38 -39.59
C PHE F 149 -11.99 16.99 -39.60
N PRO F 150 -11.41 16.09 -40.41
CA PRO F 150 -11.77 14.70 -40.22
C PRO F 150 -11.15 14.25 -38.90
N GLY F 151 -11.81 13.32 -38.22
CA GLY F 151 -11.31 12.82 -36.94
C GLY F 151 -9.91 12.26 -37.03
N GLU F 152 -9.57 11.67 -38.18
CA GLU F 152 -8.23 11.11 -38.36
C GLU F 152 -7.12 12.15 -38.26
N ASP F 153 -7.43 13.41 -38.56
CA ASP F 153 -6.41 14.46 -38.53
C ASP F 153 -5.98 14.91 -37.15
N ILE F 154 -6.77 14.63 -36.11
CA ILE F 154 -6.32 14.86 -34.73
C ILE F 154 -6.07 13.56 -33.95
N ARG F 155 -6.14 12.42 -34.62
CA ARG F 155 -6.03 11.12 -33.98
C ARG F 155 -4.71 10.98 -33.22
N ALA F 156 -3.60 11.32 -33.87
CA ALA F 156 -2.30 11.13 -33.25
C ALA F 156 -2.20 11.85 -31.90
N ASP F 157 -2.64 13.10 -31.88
CA ASP F 157 -2.66 13.87 -30.63
C ASP F 157 -3.57 13.21 -29.57
N VAL F 158 -4.79 12.85 -29.97
CA VAL F 158 -5.72 12.20 -29.06
C VAL F 158 -5.09 10.93 -28.45
N MET F 159 -4.53 10.08 -29.31
CA MET F 159 -3.93 8.82 -28.82
C MET F 159 -2.69 9.01 -27.94
N ALA F 160 -2.04 10.17 -28.06
CA ALA F 160 -0.86 10.50 -27.26
C ALA F 160 -1.17 11.46 -26.10
N ASP F 161 -2.45 11.64 -25.78
CA ASP F 161 -2.87 12.51 -24.69
C ASP F 161 -2.36 13.94 -24.85
N ARG F 162 -2.32 14.45 -26.07
CA ARG F 162 -2.01 15.85 -26.31
C ARG F 162 -3.30 16.52 -26.76
N VAL F 163 -3.61 17.67 -26.19
CA VAL F 163 -4.80 18.41 -26.59
C VAL F 163 -4.55 18.88 -28.02
N PRO F 164 -5.38 18.45 -28.99
CA PRO F 164 -5.10 18.80 -30.39
C PRO F 164 -5.37 20.26 -30.68
N ARG F 165 -4.42 20.89 -31.37
CA ARG F 165 -4.53 22.31 -31.68
C ARG F 165 -4.53 22.56 -33.16
N CYS F 166 -5.22 23.62 -33.56
CA CYS F 166 -5.51 23.90 -34.94
C CYS F 166 -4.25 24.43 -35.64
N PRO F 167 -3.92 23.88 -36.81
CA PRO F 167 -2.69 24.36 -37.46
C PRO F 167 -2.84 25.77 -38.00
N VAL F 168 -4.06 26.28 -38.09
CA VAL F 168 -4.27 27.63 -38.57
C VAL F 168 -4.15 28.66 -37.45
N CYS F 169 -4.93 28.48 -36.39
CA CYS F 169 -5.08 29.53 -35.39
C CYS F 169 -4.56 29.10 -34.01
N THR F 170 -4.18 27.83 -33.87
CA THR F 170 -3.73 27.21 -32.61
C THR F 170 -4.83 26.93 -31.56
N GLY F 171 -6.10 27.19 -31.88
CA GLY F 171 -7.19 26.85 -30.94
C GLY F 171 -7.39 25.35 -30.76
N VAL F 172 -8.09 24.95 -29.70
CA VAL F 172 -8.39 23.55 -29.49
C VAL F 172 -9.36 23.08 -30.56
N VAL F 173 -9.05 21.94 -31.16
CA VAL F 173 -9.93 21.30 -32.15
C VAL F 173 -10.80 20.29 -31.40
N LYS F 174 -12.10 20.52 -31.35
CA LYS F 174 -12.97 19.69 -30.53
C LYS F 174 -13.79 18.74 -31.41
N PRO F 175 -13.76 17.43 -31.13
CA PRO F 175 -14.68 16.49 -31.79
C PRO F 175 -16.14 16.97 -31.77
N ASP F 176 -16.87 16.63 -32.82
CA ASP F 176 -18.21 17.15 -33.01
C ASP F 176 -19.24 16.37 -32.17
N ILE F 177 -18.96 16.27 -30.88
CA ILE F 177 -19.87 15.69 -29.90
C ILE F 177 -20.73 16.81 -29.34
N VAL F 178 -22.03 16.55 -29.20
CA VAL F 178 -22.98 17.54 -28.70
C VAL F 178 -22.81 17.71 -27.20
N PHE F 179 -22.60 18.95 -26.77
CA PHE F 179 -22.44 19.23 -25.33
C PHE F 179 -23.77 19.71 -24.72
N PHE F 180 -23.84 19.68 -23.39
CA PHE F 180 -25.02 20.20 -22.69
C PHE F 180 -25.28 21.65 -23.06
N GLY F 181 -26.55 21.99 -23.22
CA GLY F 181 -26.93 23.35 -23.58
C GLY F 181 -26.85 23.67 -25.06
N GLU F 182 -26.26 22.79 -25.87
CA GLU F 182 -26.21 23.03 -27.32
C GLU F 182 -27.48 22.45 -27.92
N PRO F 183 -27.93 23.01 -29.04
CA PRO F 183 -29.15 22.44 -29.66
C PRO F 183 -28.90 21.08 -30.30
N LEU F 184 -29.96 20.35 -30.59
CA LEU F 184 -29.86 19.11 -31.33
C LEU F 184 -29.22 19.43 -32.68
N PRO F 185 -28.47 18.50 -33.23
CA PRO F 185 -27.86 18.75 -34.53
C PRO F 185 -28.93 19.08 -35.54
N GLN F 186 -28.56 19.86 -36.54
CA GLN F 186 -29.53 20.32 -37.54
C GLN F 186 -30.11 19.13 -38.30
N ARG F 187 -29.30 18.10 -38.48
CA ARG F 187 -29.74 16.89 -39.18
C ARG F 187 -30.92 16.17 -38.50
N PHE F 188 -31.15 16.45 -37.23
CA PHE F 188 -32.33 15.93 -36.58
C PHE F 188 -33.61 16.31 -37.37
N LEU F 189 -33.61 17.48 -38.02
CA LEU F 189 -34.78 17.93 -38.79
C LEU F 189 -35.06 17.16 -40.09
N LEU F 190 -34.18 16.22 -40.43
CA LEU F 190 -34.50 15.27 -41.49
C LEU F 190 -35.72 14.41 -41.13
N HIS F 191 -36.09 14.36 -39.85
CA HIS F 191 -37.21 13.53 -39.45
C HIS F 191 -38.51 13.91 -40.13
N VAL F 192 -38.69 15.18 -40.44
CA VAL F 192 -39.96 15.65 -41.02
CA VAL F 192 -39.95 15.66 -41.02
C VAL F 192 -40.19 15.08 -42.43
N VAL F 193 -39.11 14.70 -43.11
CA VAL F 193 -39.23 14.07 -44.44
C VAL F 193 -38.95 12.58 -44.42
N ASP F 194 -38.08 12.09 -43.55
CA ASP F 194 -37.85 10.65 -43.44
C ASP F 194 -39.04 9.86 -42.93
N PHE F 195 -39.66 10.32 -41.84
CA PHE F 195 -40.67 9.52 -41.17
C PHE F 195 -41.95 9.36 -41.99
N PRO F 196 -42.41 10.43 -42.64
CA PRO F 196 -43.53 10.23 -43.57
C PRO F 196 -43.21 9.34 -44.77
N MET F 197 -41.94 9.29 -45.18
CA MET F 197 -41.53 8.49 -46.33
C MET F 197 -41.37 6.99 -45.99
N ALA F 198 -41.16 6.67 -44.71
CA ALA F 198 -40.84 5.32 -44.30
C ALA F 198 -42.00 4.37 -44.56
N ASP F 199 -41.70 3.17 -45.02
CA ASP F 199 -42.72 2.11 -45.07
C ASP F 199 -42.46 1.02 -44.06
N LEU F 200 -41.41 1.17 -43.27
CA LEU F 200 -41.12 0.29 -42.14
C LEU F 200 -40.26 1.04 -41.13
N LEU F 201 -40.58 0.93 -39.85
CA LEU F 201 -39.76 1.49 -38.78
C LEU F 201 -39.16 0.36 -37.96
N LEU F 202 -37.84 0.37 -37.83
CA LEU F 202 -37.11 -0.57 -36.98
C LEU F 202 -36.57 0.15 -35.76
N ILE F 203 -36.85 -0.34 -34.57
CA ILE F 203 -36.35 0.27 -33.34
C ILE F 203 -35.53 -0.77 -32.62
N LEU F 204 -34.25 -0.49 -32.39
CA LEU F 204 -33.31 -1.48 -31.84
C LEU F 204 -32.55 -0.94 -30.65
N GLY F 205 -32.62 -1.66 -29.55
CA GLY F 205 -31.76 -1.38 -28.39
C GLY F 205 -31.87 0.01 -27.82
N THR F 206 -33.08 0.47 -27.55
CA THR F 206 -33.26 1.78 -26.92
C THR F 206 -34.40 1.68 -25.95
N SER F 207 -34.28 2.39 -24.83
CA SER F 207 -35.35 2.39 -23.84
C SER F 207 -36.44 3.43 -24.15
N LEU F 208 -36.24 4.24 -25.20
CA LEU F 208 -37.21 5.24 -25.64
C LEU F 208 -37.69 6.12 -24.49
N GLU F 209 -36.77 6.54 -23.63
CA GLU F 209 -37.09 7.37 -22.47
C GLU F 209 -36.79 8.86 -22.68
N VAL F 210 -36.02 9.20 -23.72
CA VAL F 210 -35.54 10.57 -23.92
C VAL F 210 -36.24 11.19 -25.13
N GLU F 211 -36.75 12.41 -24.92
CA GLU F 211 -37.36 13.19 -26.00
C GLU F 211 -36.37 14.22 -26.52
N PRO F 212 -36.53 14.66 -27.77
CA PRO F 212 -37.61 14.31 -28.71
C PRO F 212 -37.38 13.00 -29.50
N PHE F 213 -36.26 12.33 -29.28
CA PHE F 213 -35.95 11.08 -29.97
C PHE F 213 -37.09 10.05 -29.84
N ALA F 214 -37.54 9.78 -28.62
CA ALA F 214 -38.56 8.75 -28.39
C ALA F 214 -39.83 8.94 -29.21
N SER F 215 -40.30 10.18 -29.31
CA SER F 215 -41.57 10.47 -29.99
C SER F 215 -41.51 10.33 -31.52
N LEU F 216 -40.31 10.25 -32.07
CA LEU F 216 -40.16 9.95 -33.48
C LEU F 216 -40.89 8.65 -33.85
N THR F 217 -40.99 7.70 -32.93
CA THR F 217 -41.69 6.44 -33.21
C THR F 217 -43.15 6.63 -33.60
N GLU F 218 -43.75 7.75 -33.19
CA GLU F 218 -45.15 8.04 -33.54
C GLU F 218 -45.32 8.73 -34.89
N ALA F 219 -44.19 9.11 -35.50
CA ALA F 219 -44.20 9.94 -36.69
C ALA F 219 -44.41 9.18 -37.99
N VAL F 220 -44.36 7.85 -37.95
CA VAL F 220 -44.64 7.07 -39.16
C VAL F 220 -46.16 6.96 -39.37
N ARG F 221 -46.54 6.74 -40.62
CA ARG F 221 -47.96 6.69 -40.98
C ARG F 221 -48.64 5.49 -40.31
N SER F 222 -49.95 5.59 -40.14
CA SER F 222 -50.73 4.57 -39.39
C SER F 222 -50.60 3.14 -39.92
N SER F 223 -50.41 2.99 -41.23
CA SER F 223 -50.26 1.65 -41.83
C SER F 223 -48.87 1.00 -41.59
N VAL F 224 -47.90 1.79 -41.19
CA VAL F 224 -46.52 1.34 -41.21
C VAL F 224 -46.19 0.43 -40.03
N PRO F 225 -45.63 -0.76 -40.33
CA PRO F 225 -45.21 -1.64 -39.24
C PRO F 225 -44.07 -1.02 -38.44
N ARG F 226 -44.09 -1.21 -37.13
CA ARG F 226 -43.02 -0.80 -36.25
C ARG F 226 -42.50 -2.05 -35.58
N LEU F 227 -41.26 -2.41 -35.92
CA LEU F 227 -40.61 -3.58 -35.37
C LEU F 227 -39.60 -3.19 -34.31
N LEU F 228 -39.90 -3.57 -33.07
CA LEU F 228 -39.04 -3.31 -31.93
C LEU F 228 -38.22 -4.56 -31.59
N ILE F 229 -36.90 -4.44 -31.61
CA ILE F 229 -36.04 -5.52 -31.16
C ILE F 229 -35.29 -4.99 -29.97
N ASN F 230 -35.63 -5.51 -28.79
CA ASN F 230 -35.27 -4.87 -27.54
C ASN F 230 -35.56 -5.81 -26.38
N ARG F 231 -34.93 -5.58 -25.24
CA ARG F 231 -35.22 -6.40 -24.06
C ARG F 231 -36.69 -6.28 -23.64
N ASP F 232 -37.24 -5.08 -23.67
CA ASP F 232 -38.62 -4.87 -23.21
C ASP F 232 -39.41 -3.94 -24.12
N LEU F 233 -40.72 -3.97 -23.94
CA LEU F 233 -41.65 -3.09 -24.65
C LEU F 233 -41.68 -1.75 -23.90
N VAL F 234 -41.31 -0.68 -24.60
CA VAL F 234 -41.05 0.61 -23.95
C VAL F 234 -41.67 1.78 -24.70
N GLY F 235 -41.71 2.92 -24.03
CA GLY F 235 -42.00 4.19 -24.65
C GLY F 235 -43.35 4.21 -25.32
N PRO F 236 -43.48 5.00 -26.39
CA PRO F 236 -44.71 5.09 -27.13
C PRO F 236 -45.26 3.76 -27.63
N LEU F 237 -44.37 2.79 -27.89
CA LEU F 237 -44.80 1.48 -28.36
C LEU F 237 -45.59 0.76 -27.27
N ALA F 238 -45.20 0.95 -26.02
CA ALA F 238 -45.93 0.40 -24.87
C ALA F 238 -47.19 1.21 -24.57
N TRP F 239 -47.07 2.54 -24.65
CA TRP F 239 -48.16 3.44 -24.28
C TRP F 239 -49.34 3.42 -25.25
N HIS F 240 -49.04 3.51 -26.54
CA HIS F 240 -50.02 3.65 -27.63
C HIS F 240 -49.72 2.59 -28.68
N PRO F 241 -49.97 1.31 -28.39
CA PRO F 241 -49.56 0.32 -29.40
C PRO F 241 -50.42 0.45 -30.63
N ARG F 242 -49.89 0.07 -31.77
CA ARG F 242 -50.63 0.12 -33.02
C ARG F 242 -50.77 -1.28 -33.56
N SER F 243 -51.73 -1.45 -34.46
CA SER F 243 -52.10 -2.76 -34.98
C SER F 243 -50.96 -3.51 -35.66
N ARG F 244 -50.07 -2.78 -36.33
CA ARG F 244 -49.02 -3.44 -37.08
C ARG F 244 -47.64 -3.36 -36.39
N ASP F 245 -47.65 -3.19 -35.06
CA ASP F 245 -46.45 -3.28 -34.26
C ASP F 245 -46.01 -4.73 -34.06
N VAL F 246 -44.71 -4.96 -34.11
CA VAL F 246 -44.13 -6.25 -33.82
C VAL F 246 -43.07 -6.08 -32.76
N ALA F 247 -43.14 -6.90 -31.72
CA ALA F 247 -42.14 -6.85 -30.67
C ALA F 247 -41.37 -8.17 -30.61
N GLN F 248 -40.06 -8.10 -30.86
CA GLN F 248 -39.18 -9.24 -30.72
C GLN F 248 -38.34 -8.99 -29.47
N LEU F 249 -38.87 -9.44 -28.34
CA LEU F 249 -38.29 -9.09 -27.05
C LEU F 249 -37.28 -10.13 -26.62
N GLY F 250 -36.18 -9.65 -26.09
CA GLY F 250 -35.06 -10.50 -25.71
C GLY F 250 -33.75 -9.86 -26.14
N ASP F 251 -32.72 -10.69 -26.27
CA ASP F 251 -31.40 -10.24 -26.68
C ASP F 251 -31.50 -9.59 -28.07
N VAL F 252 -30.87 -8.43 -28.21
CA VAL F 252 -30.96 -7.68 -29.47
C VAL F 252 -30.25 -8.43 -30.59
N VAL F 253 -29.04 -8.87 -30.32
CA VAL F 253 -28.25 -9.67 -31.26
C VAL F 253 -29.04 -10.90 -31.76
N HIS F 254 -29.65 -11.63 -30.84
CA HIS F 254 -30.40 -12.83 -31.18
C HIS F 254 -31.60 -12.49 -32.05
N GLY F 255 -32.31 -11.42 -31.69
CA GLY F 255 -33.41 -10.91 -32.50
C GLY F 255 -32.98 -10.52 -33.90
N VAL F 256 -31.87 -9.80 -34.01
CA VAL F 256 -31.36 -9.44 -35.34
C VAL F 256 -30.92 -10.68 -36.16
N GLU F 257 -30.17 -11.58 -35.55
CA GLU F 257 -29.76 -12.83 -36.22
C GLU F 257 -30.97 -13.61 -36.76
N SER F 258 -32.03 -13.67 -35.96
CA SER F 258 -33.26 -14.35 -36.36
CA SER F 258 -33.24 -14.36 -36.37
C SER F 258 -33.88 -13.70 -37.59
N LEU F 259 -33.92 -12.37 -37.61
CA LEU F 259 -34.50 -11.66 -38.74
C LEU F 259 -33.64 -11.86 -39.99
N VAL F 260 -32.32 -11.83 -39.81
CA VAL F 260 -31.39 -12.03 -40.91
C VAL F 260 -31.58 -13.40 -41.57
N GLU F 261 -31.81 -14.40 -40.72
CA GLU F 261 -32.02 -15.76 -41.22
C GLU F 261 -33.35 -15.83 -41.96
N LEU F 262 -34.40 -15.23 -41.40
CA LEU F 262 -35.70 -15.18 -42.10
C LEU F 262 -35.59 -14.42 -43.43
N LEU F 263 -34.72 -13.43 -43.47
CA LEU F 263 -34.54 -12.67 -44.70
C LEU F 263 -33.80 -13.45 -45.78
N GLY F 264 -33.03 -14.46 -45.39
CA GLY F 264 -32.19 -15.22 -46.31
C GLY F 264 -30.87 -14.51 -46.55
N TRP F 265 -30.45 -13.69 -45.58
CA TRP F 265 -29.27 -12.84 -45.70
C TRP F 265 -28.09 -13.33 -44.87
N THR F 266 -28.20 -14.49 -44.24
CA THR F 266 -27.14 -14.93 -43.33
C THR F 266 -25.80 -15.15 -44.04
N GLU F 267 -25.85 -15.62 -45.27
CA GLU F 267 -24.63 -15.79 -46.06
C GLU F 267 -23.97 -14.44 -46.30
N GLU F 268 -24.74 -13.50 -46.84
CA GLU F 268 -24.26 -12.17 -47.14
C GLU F 268 -23.70 -11.45 -45.92
N MET F 269 -24.30 -11.71 -44.75
CA MET F 269 -23.82 -11.14 -43.48
C MET F 269 -22.42 -11.65 -43.15
N ARG F 270 -22.22 -12.96 -43.27
CA ARG F 270 -20.90 -13.56 -43.01
C ARG F 270 -19.79 -13.02 -43.91
N ASP F 271 -20.12 -12.80 -45.17
CA ASP F 271 -19.17 -12.28 -46.13
C ASP F 271 -18.89 -10.78 -45.88
N LEU F 272 -19.92 -10.07 -45.45
CA LEU F 272 -19.74 -8.67 -45.04
C LEU F 272 -18.79 -8.56 -43.85
N VAL F 273 -19.07 -9.30 -42.78
CA VAL F 273 -18.25 -9.26 -41.56
C VAL F 273 -16.81 -9.64 -41.86
N GLN F 274 -16.64 -10.68 -42.67
CA GLN F 274 -15.34 -11.09 -43.21
C GLN F 274 -14.57 -9.95 -43.89
N ARG F 275 -15.18 -9.32 -44.89
CA ARG F 275 -14.55 -8.21 -45.62
C ARG F 275 -14.14 -7.04 -44.74
N GLU F 276 -15.07 -6.60 -43.91
CA GLU F 276 -14.80 -5.56 -42.92
C GLU F 276 -13.86 -6.12 -41.85
N THR F 277 -13.82 -7.46 -41.77
CA THR F 277 -12.89 -8.25 -40.95
C THR F 277 -13.12 -7.99 -39.47
ZN ZN G . 54.39 18.78 -17.36
C1 PEG H . 47.26 -4.67 -13.87
O1 PEG H . 46.13 -3.79 -13.85
C2 PEG H . 48.55 -3.84 -13.94
O2 PEG H . 49.35 -4.11 -12.79
C3 PEG H . 50.16 -3.00 -12.38
C4 PEG H . 51.08 -3.40 -11.23
O4 PEG H . 51.39 -4.79 -11.27
C1 PEG I . 58.09 15.48 1.48
O1 PEG I . 58.59 16.17 0.32
C2 PEG I . 56.84 16.17 1.98
O2 PEG I . 55.88 16.23 0.93
C3 PEG I . 54.73 17.00 1.28
C4 PEG I . 53.48 16.33 0.72
O4 PEG I . 53.31 16.57 -0.69
C1 PEG J . 57.65 21.15 -10.11
O1 PEG J . 59.04 21.51 -10.18
C2 PEG J . 57.49 19.63 -10.26
O2 PEG J . 56.87 19.10 -9.08
C3 PEG J . 57.03 17.70 -8.89
C4 PEG J . 58.44 17.38 -8.40
O4 PEG J . 58.47 16.18 -7.60
MG MG K . 45.08 22.34 -21.09
ZN ZN L . 15.58 -11.57 16.97
C1 PEG M . -1.83 3.31 23.51
O1 PEG M . -3.09 3.95 23.75
C2 PEG M . -1.19 2.98 24.85
O2 PEG M . -0.31 4.05 25.17
C3 PEG M . 0.80 3.65 25.95
C4 PEG M . 1.14 4.82 26.86
O4 PEG M . 1.96 5.76 26.18
ZN ZN N . -6.12 17.33 65.29
C1 PEG O . -11.05 12.91 41.00
O1 PEG O . -12.32 12.83 41.66
C2 PEG O . -9.90 12.64 41.96
O2 PEG O . -9.81 11.25 42.31
C3 PEG O . -8.64 10.95 43.06
C4 PEG O . -8.65 9.49 43.47
O4 PEG O . -8.38 8.63 42.37
ZN ZN P . -62.10 27.67 -4.21
C1 PEG Q . -25.72 18.81 -16.51
O1 PEG Q . -26.67 19.58 -17.25
C2 PEG Q . -26.40 17.56 -15.95
O2 PEG Q . -25.78 17.18 -14.71
C3 PEG Q . -26.69 16.71 -13.72
C4 PEG Q . -27.14 15.28 -14.04
O4 PEG Q . -28.37 14.99 -13.36
OH2 1PE R . -40.36 20.17 -13.29
C12 1PE R . -39.88 19.86 -11.97
C22 1PE R . -39.81 18.35 -11.75
OH3 1PE R . -40.77 17.94 -10.78
C13 1PE R . -42.47 16.29 -10.83
C23 1PE R . -42.08 17.67 -11.27
OH4 1PE R . -43.49 15.75 -11.64
C14 1PE R . -43.70 13.49 -10.72
C24 1PE R . -43.33 14.35 -11.91
OH5 1PE R . -43.43 12.13 -10.99
C15 1PE R . -42.70 11.13 -8.86
C25 1PE R . -42.30 11.62 -10.26
OH6 1PE R . -41.56 10.94 -8.00
C16 1PE R . -39.47 10.69 -9.25
C26 1PE R . -40.56 10.00 -8.42
OH7 1PE R . -38.15 10.16 -9.04
C1 GOL S . -24.62 13.36 -11.10
O1 GOL S . -24.99 14.55 -11.80
C2 GOL S . -25.32 12.15 -11.72
O2 GOL S . -24.33 11.14 -12.01
C3 GOL S . -26.37 11.59 -10.77
O3 GOL S . -27.31 12.61 -10.35
ZN ZN T . 74.98 -38.38 -7.17
C1 PGE U . 59.43 -20.43 -15.06
O1 PGE U . 60.23 -19.71 -14.10
C2 PGE U . 59.88 -21.89 -15.16
O2 PGE U . 58.79 -22.82 -15.15
C3 PGE U . 58.02 -22.82 -13.95
C4 PGE U . 57.88 -24.21 -13.35
O4 PGE U . 53.83 -25.24 -13.24
C6 PGE U . 54.71 -25.68 -12.21
C5 PGE U . 55.90 -24.74 -12.07
O3 PGE U . 56.49 -24.54 -13.34
ZN ZN V . -8.50 27.17 -35.91
O1 PG4 W . -28.94 16.99 -23.83
C1 PG4 W . -28.17 16.68 -25.00
C2 PG4 W . -26.70 16.88 -24.70
O2 PG4 W . -26.17 15.66 -24.21
C3 PG4 W . -24.93 15.83 -23.56
C4 PG4 W . -24.63 14.57 -22.78
O3 PG4 W . -24.45 13.53 -23.72
C5 PG4 W . -23.84 12.37 -23.15
C6 PG4 W . -23.76 11.26 -24.17
O4 PG4 W . -25.06 10.70 -24.38
C7 PG4 W . -25.00 9.64 -25.34
C8 PG4 W . -26.31 8.87 -25.47
O5 PG4 W . -26.98 8.71 -24.23
#